data_7EEU
#
_entry.id   7EEU
#
_cell.length_a   73.815
_cell.length_b   95.575
_cell.length_c   99.646
_cell.angle_alpha   89.620
_cell.angle_beta   89.850
_cell.angle_gamma   75.790
#
_symmetry.space_group_name_H-M   'P 1'
#
loop_
_entity.id
_entity.type
_entity.pdbx_description
1 polymer 'Cellular tumor antigen p53'
2 polymer 'CDKN1A(p21) sense strand'
3 polymer 'CDKN1A(p21) anti-sense strand'
4 non-polymer ARSENIC
5 non-polymer 'ZINC ION'
6 non-polymer DI(HYDROXYETHYL)ETHER
7 water water
#
loop_
_entity_poly.entity_id
_entity_poly.type
_entity_poly.pdbx_seq_one_letter_code
_entity_poly.pdbx_strand_id
1 'polypeptide(L)'
;SSSVPSQKTYQGSYGFRLGFLHSGTAKSVTCTYSPALNKMFCQLAKTCPVQLWVDSTPPPGTRVRAMAIYKQSQHMTEVV
RRCPHHERCSDSDGLAPPQHLIRVEGNLRVEYLDDRNTFRHSVVVPYEPPEVGSDCTTIHYNYMCNSSCMGGMNRRPILT
IITLEDSSGNLLGRNSFEVRVCACPGRDWRTEEENLRKKG
;
A,B,C,D,E,F,G,H
2 'polydeoxyribonucleotide'
;(DC)(DG)(DA)(DG)(DG)(DA)(DA)(DC)(DA)(DT)(DG)(DT)(DC)(DC)(DC)(DA)(DA)(DC)(DA)(DT)
(DG)(DT)(DT)(DG)(DC)(DT)(DC)(DG)(DA)(DG)
;
I,K
3 'polydeoxyribonucleotide'
;(DC)(DT)(DC)(DG)(DA)(DG)(DC)(DA)(DA)(DC)(DA)(DT)(DG)(DT)(DT)(DG)(DG)(DG)(DA)(DC)
(DA)(DT)(DG)(DT)(DT)(DC)(DC)(DT)(DC)(DG)
;
J,L
#
loop_
_chem_comp.id
_chem_comp.type
_chem_comp.name
_chem_comp.formula
ARS non-polymer ARSENIC As
DA DNA linking 2'-DEOXYADENOSINE-5'-MONOPHOSPHATE 'C10 H14 N5 O6 P'
DC DNA linking 2'-DEOXYCYTIDINE-5'-MONOPHOSPHATE 'C9 H14 N3 O7 P'
DG DNA linking 2'-DEOXYGUANOSINE-5'-MONOPHOSPHATE 'C10 H14 N5 O7 P'
DT DNA linking THYMIDINE-5'-MONOPHOSPHATE 'C10 H15 N2 O8 P'
PEG non-polymer DI(HYDROXYETHYL)ETHER 'C4 H10 O3'
ZN non-polymer 'ZINC ION' 'Zn 2'
#
# COMPACT_ATOMS: atom_id res chain seq x y z
N SER A 2 -22.80 -31.74 -29.04
CA SER A 2 -24.23 -32.10 -29.31
C SER A 2 -24.59 -33.42 -28.56
N SER A 3 -24.28 -33.46 -27.25
CA SER A 3 -24.59 -34.61 -26.39
C SER A 3 -24.98 -34.08 -25.01
N VAL A 4 -26.26 -34.24 -24.64
CA VAL A 4 -26.76 -33.80 -23.33
C VAL A 4 -27.05 -35.03 -22.48
N PRO A 5 -26.55 -35.03 -21.22
CA PRO A 5 -26.82 -36.12 -20.31
C PRO A 5 -28.30 -36.43 -20.19
N SER A 6 -28.61 -37.70 -19.98
CA SER A 6 -29.98 -38.10 -19.79
C SER A 6 -30.52 -37.47 -18.53
N GLN A 7 -31.78 -37.10 -18.58
CA GLN A 7 -32.46 -36.53 -17.43
C GLN A 7 -33.49 -37.54 -16.87
N LYS A 8 -33.56 -38.74 -17.45
CA LYS A 8 -34.65 -39.69 -17.10
C LYS A 8 -34.53 -40.30 -15.74
N THR A 9 -35.61 -40.23 -14.98
CA THR A 9 -35.69 -40.89 -13.70
C THR A 9 -35.56 -42.39 -13.92
N TYR A 10 -34.75 -43.02 -13.07
CA TYR A 10 -34.48 -44.43 -13.17
C TYR A 10 -34.08 -44.92 -11.77
N GLN A 11 -35.05 -45.54 -11.08
CA GLN A 11 -34.89 -45.99 -9.69
C GLN A 11 -34.01 -47.20 -9.60
N GLY A 12 -33.83 -47.89 -10.72
CA GLY A 12 -32.85 -48.98 -10.84
C GLY A 12 -33.24 -50.16 -9.97
N SER A 13 -32.32 -51.11 -9.84
CA SER A 13 -32.59 -52.33 -9.13
C SER A 13 -32.26 -52.23 -7.63
N TYR A 14 -31.76 -51.07 -7.19
CA TYR A 14 -31.51 -50.81 -5.81
C TYR A 14 -32.55 -49.82 -5.23
N GLY A 15 -33.58 -49.51 -6.00
CA GLY A 15 -34.59 -48.58 -5.57
C GLY A 15 -34.05 -47.20 -5.16
N PHE A 16 -33.34 -46.55 -6.07
CA PHE A 16 -32.72 -45.27 -5.81
C PHE A 16 -33.77 -44.19 -5.91
N ARG A 17 -33.99 -43.49 -4.80
CA ARG A 17 -34.92 -42.39 -4.73
C ARG A 17 -34.25 -41.26 -4.00
N LEU A 18 -34.80 -40.06 -4.15
CA LEU A 18 -34.32 -38.86 -3.44
C LEU A 18 -35.34 -38.28 -2.43
N GLY A 19 -34.84 -37.74 -1.31
CA GLY A 19 -35.67 -37.13 -0.28
C GLY A 19 -35.14 -35.76 0.08
N PHE A 20 -35.96 -34.94 0.71
CA PHE A 20 -35.58 -33.58 1.13
C PHE A 20 -36.21 -33.22 2.47
N LEU A 21 -35.55 -32.37 3.26
CA LEU A 21 -36.08 -31.97 4.56
C LEU A 21 -37.23 -31.00 4.39
N HIS A 22 -38.42 -31.51 4.70
CA HIS A 22 -39.62 -30.69 4.63
C HIS A 22 -39.66 -29.71 5.77
N SER A 23 -39.37 -28.45 5.45
CA SER A 23 -39.46 -27.32 6.37
C SER A 23 -40.50 -26.33 5.77
N GLY A 24 -40.36 -25.03 6.05
CA GLY A 24 -41.17 -23.97 5.44
C GLY A 24 -42.06 -23.21 6.40
N THR A 25 -42.06 -23.58 7.69
CA THR A 25 -42.93 -22.95 8.70
C THR A 25 -42.53 -21.50 9.01
N ALA A 26 -41.47 -21.03 8.36
CA ALA A 26 -40.98 -19.65 8.51
C ALA A 26 -41.15 -18.92 7.18
N LYS A 27 -40.72 -17.66 7.15
CA LYS A 27 -40.60 -16.87 5.93
C LYS A 27 -39.15 -16.66 5.52
N SER A 28 -38.29 -16.36 6.50
CA SER A 28 -36.85 -16.21 6.30
C SER A 28 -36.20 -17.59 6.14
N VAL A 29 -36.55 -18.27 5.06
CA VAL A 29 -36.09 -19.61 4.83
C VAL A 29 -34.91 -19.57 3.88
N THR A 30 -33.98 -20.47 4.10
CA THR A 30 -32.74 -20.48 3.35
C THR A 30 -32.74 -21.55 2.26
N CYS A 31 -33.38 -22.68 2.54
CA CYS A 31 -33.43 -23.76 1.61
C CYS A 31 -34.73 -24.46 1.78
N THR A 32 -35.47 -24.67 0.69
CA THR A 32 -36.75 -25.35 0.75
C THR A 32 -37.03 -26.16 -0.51
N TYR A 33 -37.89 -27.17 -0.41
CA TYR A 33 -38.22 -28.03 -1.55
C TYR A 33 -39.74 -28.04 -1.84
N SER A 34 -40.11 -27.91 -3.12
CA SER A 34 -41.50 -27.85 -3.54
C SER A 34 -41.85 -29.11 -4.26
N PRO A 35 -42.47 -30.07 -3.56
CA PRO A 35 -42.86 -31.36 -4.19
C PRO A 35 -43.71 -31.19 -5.42
N ALA A 36 -44.48 -30.10 -5.49
CA ALA A 36 -45.38 -29.96 -6.61
C ALA A 36 -44.57 -29.67 -7.85
N LEU A 37 -43.57 -28.81 -7.69
CA LEU A 37 -42.75 -28.32 -8.77
C LEU A 37 -41.54 -29.21 -8.98
N ASN A 38 -41.33 -30.15 -8.04
CA ASN A 38 -40.08 -30.93 -7.92
C ASN A 38 -38.92 -30.00 -8.08
N LYS A 39 -38.94 -28.90 -7.31
CA LYS A 39 -37.92 -27.87 -7.41
C LYS A 39 -37.45 -27.45 -6.02
N MET A 40 -36.15 -27.16 -5.93
CA MET A 40 -35.53 -26.69 -4.73
C MET A 40 -35.24 -25.20 -4.84
N PHE A 41 -35.46 -24.48 -3.74
CA PHE A 41 -35.26 -23.06 -3.67
C PHE A 41 -34.19 -22.81 -2.63
N CYS A 42 -33.05 -22.34 -3.10
CA CYS A 42 -31.84 -22.40 -2.35
C CYS A 42 -31.17 -21.05 -2.45
N GLN A 43 -30.62 -20.60 -1.34
CA GLN A 43 -29.84 -19.38 -1.30
C GLN A 43 -28.41 -19.70 -1.76
N LEU A 44 -27.65 -18.68 -2.06
CA LEU A 44 -26.35 -18.87 -2.71
C LEU A 44 -25.36 -19.34 -1.67
N ALA A 45 -24.70 -20.44 -1.97
CA ALA A 45 -23.63 -20.96 -1.11
C ALA A 45 -24.20 -21.41 0.23
N LYS A 46 -25.51 -21.67 0.28
CA LYS A 46 -26.16 -22.20 1.47
C LYS A 46 -26.24 -23.73 1.38
N THR A 47 -25.73 -24.39 2.42
CA THR A 47 -25.78 -25.83 2.56
C THR A 47 -27.23 -26.28 2.53
N CYS A 48 -27.51 -27.29 1.69
CA CYS A 48 -28.84 -27.84 1.60
C CYS A 48 -28.81 -29.33 1.41
N PRO A 49 -29.47 -30.05 2.31
CA PRO A 49 -29.35 -31.47 2.36
C PRO A 49 -30.20 -32.10 1.32
N VAL A 50 -29.59 -33.00 0.56
CA VAL A 50 -30.32 -33.95 -0.26
C VAL A 50 -29.98 -35.29 0.33
N GLN A 51 -30.98 -36.15 0.40
CA GLN A 51 -30.83 -37.45 0.98
C GLN A 51 -31.17 -38.53 -0.05
N LEU A 52 -30.39 -39.61 0.01
CA LEU A 52 -30.47 -40.77 -0.86
C LEU A 52 -31.19 -41.94 -0.14
N TRP A 53 -32.17 -42.54 -0.81
CA TRP A 53 -32.89 -43.67 -0.30
C TRP A 53 -32.71 -44.83 -1.28
N VAL A 54 -32.53 -46.03 -0.73
CA VAL A 54 -32.29 -47.24 -1.50
C VAL A 54 -33.01 -48.40 -0.86
N ASP A 55 -33.66 -49.24 -1.66
CA ASP A 55 -34.32 -50.44 -1.13
C ASP A 55 -33.24 -51.40 -0.67
N SER A 56 -32.23 -51.62 -1.50
CA SER A 56 -31.11 -52.50 -1.17
C SER A 56 -29.83 -51.72 -1.13
N THR A 57 -28.84 -52.23 -0.40
CA THR A 57 -27.55 -51.54 -0.33
C THR A 57 -26.72 -51.89 -1.55
N PRO A 58 -26.14 -50.88 -2.22
CA PRO A 58 -25.28 -51.12 -3.36
C PRO A 58 -23.87 -51.51 -2.98
N PRO A 59 -23.16 -52.22 -3.89
CA PRO A 59 -21.85 -52.77 -3.58
C PRO A 59 -20.85 -51.65 -3.29
N PRO A 60 -19.85 -51.91 -2.41
CA PRO A 60 -18.79 -50.92 -2.18
C PRO A 60 -18.13 -50.52 -3.47
N GLY A 61 -17.69 -49.26 -3.54
CA GLY A 61 -17.09 -48.71 -4.75
C GLY A 61 -18.09 -47.99 -5.63
N THR A 62 -19.33 -47.85 -5.16
CA THR A 62 -20.34 -47.07 -5.85
C THR A 62 -20.24 -45.61 -5.42
N ARG A 63 -20.50 -44.72 -6.35
CA ARG A 63 -20.30 -43.30 -6.15
C ARG A 63 -21.54 -42.56 -6.60
N VAL A 64 -21.75 -41.36 -6.06
CA VAL A 64 -22.85 -40.51 -6.49
C VAL A 64 -22.33 -39.21 -7.06
N ARG A 65 -22.74 -38.92 -8.29
CA ARG A 65 -22.32 -37.70 -8.92
C ARG A 65 -23.52 -36.83 -9.14
N ALA A 66 -23.22 -35.54 -9.17
CA ALA A 66 -24.19 -34.51 -9.25
C ALA A 66 -23.70 -33.59 -10.34
N MET A 67 -24.64 -33.17 -11.19
CA MET A 67 -24.33 -32.39 -12.39
C MET A 67 -25.50 -31.53 -12.75
N ALA A 68 -25.23 -30.24 -13.00
CA ALA A 68 -26.25 -29.31 -13.47
C ALA A 68 -26.33 -29.31 -14.98
N ILE A 69 -27.55 -29.27 -15.50
CA ILE A 69 -27.75 -28.91 -16.91
C ILE A 69 -28.91 -27.91 -16.99
N TYR A 70 -28.90 -27.11 -18.05
CA TYR A 70 -29.93 -26.09 -18.23
C TYR A 70 -31.20 -26.82 -18.60
N LYS A 71 -32.34 -26.33 -18.12
CA LYS A 71 -33.59 -27.09 -18.26
C LYS A 71 -34.15 -26.94 -19.68
N GLN A 72 -34.31 -25.70 -20.12
CA GLN A 72 -34.89 -25.40 -21.42
C GLN A 72 -34.06 -26.04 -22.51
N SER A 73 -34.74 -26.42 -23.59
CA SER A 73 -34.11 -27.14 -24.71
C SER A 73 -33.14 -26.25 -25.48
N GLN A 74 -33.45 -24.95 -25.53
CA GLN A 74 -32.60 -23.98 -26.26
C GLN A 74 -31.19 -24.05 -25.70
N HIS A 75 -31.12 -24.14 -24.38
CA HIS A 75 -29.86 -23.97 -23.66
C HIS A 75 -29.20 -25.27 -23.24
N MET A 76 -29.93 -26.39 -23.26
CA MET A 76 -29.39 -27.68 -22.78
C MET A 76 -27.96 -27.92 -23.16
N THR A 77 -27.69 -27.67 -24.43
CA THR A 77 -26.38 -27.88 -25.03
C THR A 77 -25.22 -27.12 -24.33
N GLU A 78 -25.49 -25.92 -23.79
CA GLU A 78 -24.45 -25.12 -23.11
C GLU A 78 -24.08 -25.64 -21.73
N VAL A 79 -22.80 -25.56 -21.42
CA VAL A 79 -22.28 -26.07 -20.16
C VAL A 79 -22.63 -25.12 -19.04
N VAL A 80 -23.02 -25.67 -17.90
CA VAL A 80 -23.35 -24.83 -16.74
C VAL A 80 -22.12 -24.53 -15.88
N ARG A 81 -21.70 -23.26 -15.89
CA ARG A 81 -20.58 -22.80 -15.11
C ARG A 81 -20.94 -21.56 -14.31
N ARG A 82 -20.05 -21.13 -13.44
CA ARG A 82 -20.28 -19.94 -12.68
C ARG A 82 -19.98 -18.70 -13.48
N CYS A 83 -20.48 -17.57 -12.99
CA CYS A 83 -20.33 -16.32 -13.69
C CYS A 83 -18.91 -15.74 -13.51
N PRO A 84 -18.49 -14.84 -14.42
CA PRO A 84 -17.18 -14.25 -14.33
C PRO A 84 -16.93 -13.62 -12.99
N HIS A 85 -17.92 -12.99 -12.41
CA HIS A 85 -17.68 -12.33 -11.11
C HIS A 85 -17.31 -13.41 -10.10
N HIS A 86 -18.13 -14.43 -10.03
CA HIS A 86 -18.06 -15.36 -8.93
C HIS A 86 -16.89 -16.32 -9.02
N GLU A 87 -16.37 -16.55 -10.23
CA GLU A 87 -15.22 -17.48 -10.37
C GLU A 87 -13.96 -16.80 -9.93
N ARG A 88 -13.92 -15.48 -10.09
CA ARG A 88 -12.71 -14.73 -9.84
C ARG A 88 -12.65 -14.27 -8.38
N CYS A 89 -13.80 -14.03 -7.76
CA CYS A 89 -13.77 -13.71 -6.36
C CYS A 89 -13.35 -14.96 -5.62
N SER A 90 -12.47 -14.77 -4.64
CA SER A 90 -11.94 -15.90 -3.86
C SER A 90 -12.94 -16.25 -2.78
N ASP A 91 -13.55 -17.42 -2.93
CA ASP A 91 -14.42 -18.00 -1.92
C ASP A 91 -14.26 -19.51 -1.80
N SER A 92 -13.20 -20.06 -2.41
CA SER A 92 -13.01 -21.51 -2.49
C SER A 92 -12.85 -22.08 -1.10
N ASP A 93 -13.09 -23.38 -0.99
CA ASP A 93 -12.87 -24.11 0.24
C ASP A 93 -11.60 -24.93 0.10
N GLY A 94 -10.73 -24.52 -0.82
CA GLY A 94 -9.53 -25.27 -1.17
C GLY A 94 -9.83 -26.30 -2.25
N LEU A 95 -10.67 -27.27 -1.92
CA LEU A 95 -10.95 -28.42 -2.78
C LEU A 95 -11.67 -28.03 -4.08
N ALA A 96 -12.70 -27.19 -3.94
CA ALA A 96 -13.56 -26.88 -5.08
C ALA A 96 -12.89 -25.93 -6.06
N PRO A 97 -12.76 -26.33 -7.33
CA PRO A 97 -12.34 -25.40 -8.40
C PRO A 97 -13.30 -24.25 -8.51
N PRO A 98 -12.81 -23.06 -8.75
CA PRO A 98 -13.65 -21.88 -8.52
C PRO A 98 -14.75 -21.78 -9.55
N GLN A 99 -14.59 -22.44 -10.69
CA GLN A 99 -15.59 -22.35 -11.73
C GLN A 99 -16.77 -23.26 -11.56
N HIS A 100 -16.57 -24.34 -10.81
CA HIS A 100 -17.63 -25.28 -10.51
C HIS A 100 -18.78 -24.69 -9.73
N LEU A 101 -19.98 -24.88 -10.26
CA LEU A 101 -21.21 -24.38 -9.60
C LEU A 101 -21.61 -25.19 -8.39
N ILE A 102 -21.64 -26.52 -8.54
CA ILE A 102 -22.06 -27.39 -7.46
C ILE A 102 -20.87 -27.95 -6.71
N ARG A 103 -20.80 -27.64 -5.41
CA ARG A 103 -19.82 -28.29 -4.55
C ARG A 103 -20.50 -29.09 -3.44
N VAL A 104 -19.72 -29.91 -2.74
CA VAL A 104 -20.19 -30.75 -1.63
C VAL A 104 -19.52 -30.33 -0.33
N GLU A 105 -20.30 -30.00 0.67
CA GLU A 105 -19.78 -29.56 1.95
C GLU A 105 -19.39 -30.77 2.82
N GLY A 106 -18.21 -30.67 3.44
CA GLY A 106 -17.85 -31.58 4.54
C GLY A 106 -17.83 -33.05 4.14
N ASN A 107 -17.14 -33.34 3.03
CA ASN A 107 -16.83 -34.70 2.63
C ASN A 107 -15.44 -34.70 1.99
N LEU A 108 -14.52 -35.38 2.68
CA LEU A 108 -13.11 -35.25 2.40
C LEU A 108 -12.73 -36.04 1.15
N ARG A 109 -13.51 -37.07 0.82
CA ARG A 109 -13.23 -37.94 -0.34
C ARG A 109 -13.87 -37.43 -1.66
N VAL A 110 -14.34 -36.19 -1.65
CA VAL A 110 -14.96 -35.56 -2.80
C VAL A 110 -13.98 -35.44 -3.97
N GLU A 111 -14.49 -35.50 -5.20
CA GLU A 111 -13.69 -35.25 -6.42
C GLU A 111 -14.49 -34.37 -7.37
N TYR A 112 -13.83 -33.35 -7.93
CA TYR A 112 -14.49 -32.47 -8.92
C TYR A 112 -14.02 -32.85 -10.32
N LEU A 113 -14.96 -33.19 -11.18
CA LEU A 113 -14.63 -33.74 -12.48
C LEU A 113 -15.04 -32.83 -13.64
N ASP A 114 -14.29 -32.89 -14.71
CA ASP A 114 -14.47 -32.00 -15.86
C ASP A 114 -14.26 -32.86 -17.10
N ASP A 115 -15.36 -33.27 -17.73
CA ASP A 115 -15.31 -34.30 -18.77
C ASP A 115 -14.53 -33.82 -20.00
N ARG A 116 -13.49 -34.58 -20.36
CA ARG A 116 -12.59 -34.19 -21.44
C ARG A 116 -13.29 -34.04 -22.80
N ASN A 117 -14.46 -34.66 -22.97
CA ASN A 117 -15.18 -34.56 -24.21
C ASN A 117 -16.28 -33.50 -24.17
N THR A 118 -17.17 -33.56 -23.17
CA THR A 118 -18.31 -32.66 -23.10
C THR A 118 -17.97 -31.34 -22.43
N PHE A 119 -17.01 -31.38 -21.52
CA PHE A 119 -16.57 -30.21 -20.75
C PHE A 119 -17.53 -29.90 -19.60
N ARG A 120 -18.46 -30.79 -19.31
CA ARG A 120 -19.44 -30.58 -18.24
C ARG A 120 -18.71 -30.74 -16.92
N HIS A 121 -19.17 -30.05 -15.91
CA HIS A 121 -18.65 -30.29 -14.56
C HIS A 121 -19.57 -31.22 -13.83
N SER A 122 -18.99 -31.90 -12.84
CA SER A 122 -19.75 -32.66 -11.88
C SER A 122 -18.98 -32.76 -10.58
N VAL A 123 -19.65 -33.23 -9.53
CA VAL A 123 -18.98 -33.52 -8.30
C VAL A 123 -19.41 -34.88 -7.81
N VAL A 124 -18.42 -35.76 -7.64
CA VAL A 124 -18.65 -37.14 -7.20
C VAL A 124 -18.17 -37.35 -5.77
N VAL A 125 -18.92 -38.13 -4.99
CA VAL A 125 -18.47 -38.62 -3.70
C VAL A 125 -18.86 -40.09 -3.60
N PRO A 126 -18.01 -40.90 -2.94
CA PRO A 126 -18.34 -42.32 -2.81
C PRO A 126 -19.61 -42.48 -1.96
N TYR A 127 -20.41 -43.49 -2.28
CA TYR A 127 -21.64 -43.78 -1.53
C TYR A 127 -21.28 -44.37 -0.21
N GLU A 128 -21.95 -43.89 0.84
CA GLU A 128 -21.90 -44.50 2.16
C GLU A 128 -23.34 -44.93 2.46
N PRO A 129 -23.53 -46.10 3.08
CA PRO A 129 -24.89 -46.49 3.49
C PRO A 129 -25.36 -45.64 4.64
N PRO A 130 -26.66 -45.68 4.94
CA PRO A 130 -27.14 -44.95 6.11
C PRO A 130 -26.39 -45.32 7.38
N GLU A 131 -26.14 -44.34 8.25
CA GLU A 131 -25.62 -44.62 9.58
C GLU A 131 -26.65 -45.43 10.36
N VAL A 132 -26.17 -46.19 11.34
CA VAL A 132 -27.05 -47.11 12.09
C VAL A 132 -28.23 -46.31 12.70
N GLY A 133 -29.44 -46.84 12.53
CA GLY A 133 -30.66 -46.18 13.01
C GLY A 133 -31.09 -45.03 12.13
N SER A 134 -30.68 -45.07 10.86
CA SER A 134 -31.07 -44.07 9.88
C SER A 134 -31.55 -44.76 8.63
N ASP A 135 -32.43 -44.10 7.90
CA ASP A 135 -33.03 -44.66 6.71
C ASP A 135 -32.41 -44.12 5.42
N CYS A 136 -31.56 -43.10 5.51
CA CYS A 136 -30.99 -42.46 4.32
C CYS A 136 -29.66 -41.84 4.56
N THR A 137 -28.88 -41.75 3.50
CA THR A 137 -27.61 -41.02 3.51
C THR A 137 -27.91 -39.65 2.99
N THR A 138 -27.37 -38.62 3.64
CA THR A 138 -27.50 -37.24 3.18
C THR A 138 -26.18 -36.74 2.59
N ILE A 139 -26.29 -35.95 1.53
CA ILE A 139 -25.16 -35.17 1.01
C ILE A 139 -25.55 -33.71 1.19
N HIS A 140 -24.56 -32.89 1.50
CA HIS A 140 -24.79 -31.47 1.70
C HIS A 140 -24.17 -30.78 0.53
N TYR A 141 -25.01 -30.48 -0.46
CA TYR A 141 -24.57 -29.71 -1.60
C TYR A 141 -24.74 -28.23 -1.27
N ASN A 142 -24.07 -27.37 -2.03
CA ASN A 142 -24.45 -25.98 -2.10
C ASN A 142 -24.05 -25.40 -3.43
N TYR A 143 -24.82 -24.45 -3.92
CA TYR A 143 -24.68 -23.92 -5.28
C TYR A 143 -24.08 -22.51 -5.24
N MET A 144 -23.04 -22.30 -6.04
CA MET A 144 -22.16 -21.16 -5.87
C MET A 144 -22.43 -19.97 -6.80
N CYS A 145 -23.62 -19.93 -7.40
CA CYS A 145 -24.11 -18.74 -8.12
C CYS A 145 -25.61 -18.61 -8.03
N ASN A 146 -26.10 -17.37 -7.98
CA ASN A 146 -27.55 -17.16 -8.19
C ASN A 146 -27.95 -17.55 -9.62
N SER A 147 -29.21 -17.93 -9.76
CA SER A 147 -29.77 -18.26 -11.06
C SER A 147 -29.76 -17.05 -12.00
N SER A 148 -29.81 -15.84 -11.44
CA SER A 148 -29.87 -14.65 -12.23
C SER A 148 -28.54 -14.07 -12.61
N CYS A 149 -27.44 -14.80 -12.36
CA CYS A 149 -26.13 -14.18 -12.43
C CYS A 149 -25.89 -13.88 -13.87
N MET A 150 -25.73 -12.59 -14.17
CA MET A 150 -25.32 -12.16 -15.51
C MET A 150 -23.94 -12.72 -15.87
N GLY A 151 -23.89 -13.41 -16.99
CA GLY A 151 -22.67 -14.05 -17.43
C GLY A 151 -22.59 -15.53 -17.09
N GLY A 152 -23.50 -16.02 -16.26
CA GLY A 152 -23.55 -17.45 -15.94
C GLY A 152 -24.87 -17.97 -16.41
N MET A 153 -25.66 -18.47 -15.48
CA MET A 153 -26.96 -19.01 -15.82
C MET A 153 -27.94 -17.95 -16.34
N ASN A 154 -27.68 -16.70 -16.05
CA ASN A 154 -28.37 -15.58 -16.71
C ASN A 154 -29.89 -15.71 -16.78
N ARG A 155 -30.46 -16.00 -15.63
CA ARG A 155 -31.90 -16.19 -15.40
C ARG A 155 -32.52 -17.49 -15.92
N ARG A 156 -31.71 -18.39 -16.47
CA ARG A 156 -32.25 -19.61 -17.04
C ARG A 156 -32.31 -20.64 -15.96
N PRO A 157 -33.43 -21.34 -15.86
CA PRO A 157 -33.49 -22.42 -14.88
C PRO A 157 -32.67 -23.61 -15.29
N ILE A 158 -32.23 -24.34 -14.28
CA ILE A 158 -31.40 -25.55 -14.45
C ILE A 158 -32.02 -26.72 -13.74
N LEU A 159 -31.51 -27.90 -14.09
CA LEU A 159 -31.83 -29.14 -13.43
C LEU A 159 -30.57 -29.64 -12.79
N THR A 160 -30.74 -30.48 -11.77
CA THR A 160 -29.64 -31.10 -11.07
C THR A 160 -29.91 -32.55 -11.19
N ILE A 161 -28.98 -33.27 -11.79
CA ILE A 161 -29.13 -34.67 -12.00
C ILE A 161 -28.19 -35.38 -11.07
N ILE A 162 -28.72 -36.34 -10.32
CA ILE A 162 -27.92 -37.07 -9.40
C ILE A 162 -27.94 -38.49 -9.90
N THR A 163 -26.76 -39.04 -10.17
CA THR A 163 -26.66 -40.44 -10.55
C THR A 163 -25.89 -41.21 -9.51
N LEU A 164 -26.19 -42.51 -9.53
CA LEU A 164 -25.60 -43.51 -8.69
C LEU A 164 -24.90 -44.40 -9.68
N GLU A 165 -23.58 -44.53 -9.51
CA GLU A 165 -22.70 -45.19 -10.47
C GLU A 165 -21.75 -46.15 -9.77
N ASP A 166 -21.38 -47.24 -10.43
CA ASP A 166 -20.41 -48.19 -9.87
C ASP A 166 -19.00 -47.71 -10.15
N SER A 167 -18.01 -48.36 -9.53
CA SER A 167 -16.58 -48.03 -9.75
C SER A 167 -16.25 -47.90 -11.22
N SER A 168 -16.78 -48.83 -12.01
CA SER A 168 -16.49 -48.93 -13.43
C SER A 168 -17.16 -47.84 -14.29
N GLY A 169 -18.02 -47.04 -13.67
CA GLY A 169 -18.66 -45.92 -14.37
C GLY A 169 -20.09 -46.18 -14.84
N ASN A 170 -20.59 -47.39 -14.57
CA ASN A 170 -21.95 -47.77 -14.97
C ASN A 170 -23.03 -47.08 -14.18
N LEU A 171 -24.18 -46.91 -14.83
CA LEU A 171 -25.37 -46.32 -14.22
C LEU A 171 -26.14 -47.37 -13.42
N LEU A 172 -26.37 -47.08 -12.14
CA LEU A 172 -27.19 -47.91 -11.26
C LEU A 172 -28.53 -47.23 -10.93
N GLY A 173 -28.59 -45.92 -11.11
CA GLY A 173 -29.81 -45.19 -10.82
C GLY A 173 -29.63 -43.72 -11.02
N ARG A 174 -30.75 -43.01 -11.16
CA ARG A 174 -30.72 -41.59 -11.56
C ARG A 174 -31.96 -40.89 -11.08
N ASN A 175 -31.80 -39.69 -10.56
CA ASN A 175 -32.91 -38.80 -10.28
C ASN A 175 -32.54 -37.37 -10.55
N SER A 176 -33.51 -36.47 -10.52
CA SER A 176 -33.29 -35.08 -10.85
C SER A 176 -34.27 -34.15 -10.18
N PHE A 177 -33.89 -32.87 -10.08
CA PHE A 177 -34.82 -31.87 -9.56
C PHE A 177 -34.37 -30.51 -10.02
N GLU A 178 -35.34 -29.64 -10.29
CA GLU A 178 -35.05 -28.28 -10.76
C GLU A 178 -34.54 -27.45 -9.60
N VAL A 179 -33.66 -26.50 -9.88
CA VAL A 179 -33.11 -25.62 -8.85
C VAL A 179 -33.21 -24.16 -9.26
N ARG A 180 -33.54 -23.34 -8.26
CA ARG A 180 -33.53 -21.92 -8.36
C ARG A 180 -32.68 -21.42 -7.23
N VAL A 181 -31.58 -20.77 -7.57
CA VAL A 181 -30.75 -20.14 -6.58
C VAL A 181 -31.08 -18.66 -6.64
N CYS A 182 -31.43 -18.11 -5.49
CA CYS A 182 -31.91 -16.77 -5.39
C CYS A 182 -31.66 -16.21 -4.03
N ALA A 183 -31.88 -14.90 -3.87
CA ALA A 183 -31.74 -14.22 -2.58
C ALA A 183 -32.89 -14.53 -1.60
N CYS A 184 -34.12 -14.58 -2.10
CA CYS A 184 -35.31 -14.85 -1.27
C CYS A 184 -36.05 -16.17 -1.63
N PRO A 185 -35.50 -17.33 -1.20
CA PRO A 185 -36.20 -18.61 -1.41
C PRO A 185 -37.64 -18.64 -0.87
N GLY A 186 -37.82 -18.14 0.33
CA GLY A 186 -39.16 -17.99 0.89
C GLY A 186 -40.14 -17.34 -0.08
N ARG A 187 -39.83 -16.14 -0.51
CA ARG A 187 -40.73 -15.40 -1.40
C ARG A 187 -40.91 -16.17 -2.71
N ASP A 188 -39.79 -16.55 -3.32
CA ASP A 188 -39.78 -17.14 -4.65
C ASP A 188 -40.52 -18.50 -4.63
N TRP A 189 -40.46 -19.17 -3.48
CA TRP A 189 -41.22 -20.41 -3.24
C TRP A 189 -42.73 -20.19 -3.39
N ARG A 190 -43.27 -19.26 -2.61
CA ARG A 190 -44.70 -19.00 -2.55
C ARG A 190 -45.18 -18.54 -3.90
N THR A 191 -44.49 -17.55 -4.45
CA THR A 191 -44.91 -16.98 -5.72
C THR A 191 -45.14 -18.06 -6.77
N GLU A 192 -44.24 -19.03 -6.86
CA GLU A 192 -44.29 -20.01 -7.93
C GLU A 192 -45.39 -21.02 -7.71
N GLU A 193 -45.55 -21.45 -6.47
CA GLU A 193 -46.64 -22.37 -6.14
C GLU A 193 -48.00 -21.70 -6.30
N GLU A 194 -48.08 -20.45 -5.89
CA GLU A 194 -49.34 -19.72 -5.96
C GLU A 194 -49.66 -19.33 -7.41
N ASN A 195 -48.63 -19.14 -8.24
CA ASN A 195 -48.84 -18.88 -9.68
C ASN A 195 -49.31 -20.10 -10.43
N LEU A 196 -48.98 -21.25 -9.89
CA LEU A 196 -49.32 -22.51 -10.50
C LEU A 196 -50.83 -22.77 -10.45
N ARG A 197 -51.44 -22.40 -9.32
CA ARG A 197 -52.89 -22.58 -9.16
C ARG A 197 -53.70 -21.92 -10.25
N LYS A 198 -53.40 -20.65 -10.51
CA LYS A 198 -54.16 -19.83 -11.47
C LYS A 198 -54.13 -20.48 -12.86
N LYS A 199 -52.93 -20.70 -13.37
CA LYS A 199 -52.71 -21.29 -14.69
C LYS A 199 -53.55 -22.57 -14.85
N SER B 2 -13.75 -30.88 4.48
CA SER B 2 -13.51 -31.25 5.92
C SER B 2 -14.62 -32.02 6.61
N SER B 3 -14.44 -33.33 6.75
CA SER B 3 -15.49 -34.22 7.31
C SER B 3 -15.85 -33.95 8.79
N VAL B 4 -17.11 -34.22 9.12
CA VAL B 4 -17.71 -33.83 10.38
C VAL B 4 -18.06 -35.06 11.21
N PRO B 5 -17.69 -35.06 12.49
CA PRO B 5 -18.07 -36.14 13.37
C PRO B 5 -19.55 -36.43 13.39
N SER B 6 -19.90 -37.71 13.56
CA SER B 6 -21.27 -38.09 13.62
C SER B 6 -21.91 -37.46 14.82
N GLN B 7 -23.16 -37.08 14.66
CA GLN B 7 -23.95 -36.52 15.74
C GLN B 7 -25.01 -37.53 16.21
N LYS B 8 -25.04 -38.73 15.62
CA LYS B 8 -26.16 -39.65 15.86
C LYS B 8 -26.17 -40.29 17.23
N THR B 9 -27.32 -40.21 17.89
CA THR B 9 -27.51 -40.86 19.14
C THR B 9 -27.37 -42.35 18.92
N TYR B 10 -26.67 -43.00 19.83
CA TYR B 10 -26.40 -44.41 19.75
C TYR B 10 -26.12 -44.88 21.18
N GLN B 11 -27.17 -45.48 21.78
CA GLN B 11 -27.12 -45.97 23.15
C GLN B 11 -26.22 -47.21 23.29
N GLY B 12 -25.97 -47.89 22.17
CA GLY B 12 -25.01 -49.00 22.12
C GLY B 12 -25.46 -50.17 22.96
N SER B 13 -24.56 -51.12 23.17
CA SER B 13 -24.89 -52.36 23.84
C SER B 13 -24.71 -52.27 25.36
N TYR B 14 -24.25 -51.13 25.85
CA TYR B 14 -24.09 -50.88 27.26
C TYR B 14 -25.12 -49.86 27.74
N GLY B 15 -26.07 -49.53 26.87
CA GLY B 15 -27.15 -48.60 27.23
C GLY B 15 -26.67 -47.24 27.69
N PHE B 16 -25.85 -46.60 26.87
CA PHE B 16 -25.24 -45.32 27.21
C PHE B 16 -26.28 -44.26 27.03
N ARG B 17 -26.59 -43.56 28.13
CA ARG B 17 -27.53 -42.45 28.14
C ARG B 17 -26.92 -41.33 28.97
N LEU B 18 -27.45 -40.13 28.80
CA LEU B 18 -27.01 -38.96 29.54
C LEU B 18 -28.09 -38.40 30.46
N GLY B 19 -27.68 -37.84 31.60
CA GLY B 19 -28.61 -37.21 32.57
C GLY B 19 -28.09 -35.84 32.99
N PHE B 20 -28.95 -35.01 33.56
CA PHE B 20 -28.59 -33.65 34.01
C PHE B 20 -29.32 -33.31 35.29
N LEU B 21 -28.72 -32.47 36.13
CA LEU B 21 -29.36 -32.08 37.39
C LEU B 21 -30.50 -31.11 37.12
N HIS B 22 -31.71 -31.60 37.32
CA HIS B 22 -32.90 -30.80 37.14
C HIS B 22 -33.01 -29.82 38.30
N SER B 23 -32.70 -28.56 38.01
CA SER B 23 -32.84 -27.44 38.93
C SER B 23 -33.82 -26.46 38.27
N GLY B 24 -33.72 -25.16 38.58
CA GLY B 24 -34.48 -24.09 37.94
C GLY B 24 -35.44 -23.35 38.85
N THR B 25 -35.51 -23.74 40.14
CA THR B 25 -36.43 -23.11 41.11
C THR B 25 -36.05 -21.67 41.46
N ALA B 26 -34.96 -21.17 40.88
CA ALA B 26 -34.51 -19.81 41.05
C ALA B 26 -34.59 -19.08 39.70
N LYS B 27 -34.18 -17.82 39.71
CA LYS B 27 -33.98 -17.03 38.48
C LYS B 27 -32.51 -16.80 38.20
N SER B 28 -31.74 -16.48 39.25
CA SER B 28 -30.28 -16.35 39.16
C SER B 28 -29.62 -17.72 39.05
N VAL B 29 -29.88 -18.40 37.95
CA VAL B 29 -29.37 -19.74 37.75
C VAL B 29 -28.08 -19.62 36.94
N THR B 30 -27.19 -20.54 37.20
CA THR B 30 -25.90 -20.60 36.54
C THR B 30 -25.81 -21.67 35.45
N CYS B 31 -26.49 -22.79 35.66
CA CYS B 31 -26.49 -23.85 34.71
C CYS B 31 -27.80 -24.58 34.77
N THR B 32 -28.45 -24.78 33.63
CA THR B 32 -29.74 -25.46 33.59
C THR B 32 -29.91 -26.24 32.27
N TYR B 33 -30.80 -27.25 32.29
CA TYR B 33 -31.04 -28.08 31.13
C TYR B 33 -32.51 -28.06 30.73
N SER B 34 -32.76 -27.92 29.43
CA SER B 34 -34.10 -27.89 28.87
C SER B 34 -34.36 -29.16 28.11
N PRO B 35 -35.02 -30.13 28.73
CA PRO B 35 -35.38 -31.38 28.06
C PRO B 35 -36.10 -31.17 26.77
N ALA B 36 -36.88 -30.09 26.65
CA ALA B 36 -37.74 -29.95 25.49
C ALA B 36 -36.86 -29.66 24.31
N LEU B 37 -35.87 -28.80 24.56
CA LEU B 37 -34.95 -28.32 23.54
C LEU B 37 -33.72 -29.21 23.43
N ASN B 38 -33.59 -30.15 24.38
CA ASN B 38 -32.35 -30.92 24.60
C ASN B 38 -31.15 -30.01 24.56
N LYS B 39 -31.24 -28.93 25.33
CA LYS B 39 -30.21 -27.90 25.32
C LYS B 39 -29.87 -27.47 26.74
N MET B 40 -28.59 -27.22 26.92
CA MET B 40 -28.08 -26.76 28.19
C MET B 40 -27.79 -25.28 28.10
N PHE B 41 -28.08 -24.57 29.19
CA PHE B 41 -27.86 -23.14 29.29
C PHE B 41 -26.88 -22.91 30.43
N CYS B 42 -25.71 -22.45 30.06
CA CYS B 42 -24.55 -22.50 30.91
C CYS B 42 -23.89 -21.15 30.86
N GLN B 43 -23.43 -20.70 32.03
CA GLN B 43 -22.66 -19.46 32.14
C GLN B 43 -21.20 -19.78 31.80
N LEU B 44 -20.42 -18.77 31.53
CA LEU B 44 -19.06 -18.95 31.03
C LEU B 44 -18.15 -19.42 32.14
N ALA B 45 -17.47 -20.53 31.90
CA ALA B 45 -16.49 -21.07 32.84
C ALA B 45 -17.15 -21.53 34.13
N LYS B 46 -18.45 -21.81 34.06
CA LYS B 46 -19.19 -22.33 35.21
C LYS B 46 -19.35 -23.82 35.12
N THR B 47 -18.94 -24.48 36.19
CA THR B 47 -19.00 -25.92 36.30
C THR B 47 -20.43 -26.36 36.11
N CYS B 48 -20.62 -27.37 35.26
CA CYS B 48 -21.92 -27.93 35.09
C CYS B 48 -21.83 -29.44 34.93
N PRO B 49 -22.53 -30.16 35.80
CA PRO B 49 -22.47 -31.58 35.80
C PRO B 49 -23.27 -32.21 34.66
N VAL B 50 -22.60 -33.09 33.93
CA VAL B 50 -23.25 -34.05 33.05
C VAL B 50 -22.98 -35.39 33.67
N GLN B 51 -23.99 -36.26 33.62
CA GLN B 51 -23.89 -37.56 34.21
C GLN B 51 -24.16 -38.64 33.15
N LEU B 52 -23.38 -39.72 33.26
CA LEU B 52 -23.40 -40.86 32.39
C LEU B 52 -24.19 -42.03 33.03
N TRP B 53 -25.09 -42.64 32.26
CA TRP B 53 -25.86 -43.78 32.70
C TRP B 53 -25.63 -44.94 31.72
N VAL B 54 -25.51 -46.15 32.27
CA VAL B 54 -25.20 -47.33 31.51
C VAL B 54 -25.96 -48.51 32.08
N ASP B 55 -26.54 -49.34 31.20
CA ASP B 55 -27.23 -50.56 31.66
C ASP B 55 -26.20 -51.56 32.19
N SER B 56 -25.15 -51.78 31.41
CA SER B 56 -24.07 -52.69 31.73
C SER B 56 -22.80 -51.87 31.99
N THR B 57 -21.90 -52.36 32.83
CA THR B 57 -20.62 -51.68 33.03
C THR B 57 -19.69 -52.02 31.89
N PRO B 58 -19.04 -51.01 31.29
CA PRO B 58 -18.09 -51.26 30.22
C PRO B 58 -16.69 -51.67 30.69
N PRO B 59 -15.91 -52.36 29.82
CA PRO B 59 -14.63 -52.94 30.22
C PRO B 59 -13.64 -51.87 30.59
N PRO B 60 -12.72 -52.17 31.52
CA PRO B 60 -11.68 -51.19 31.87
C PRO B 60 -10.91 -50.74 30.62
N GLY B 61 -10.46 -49.49 30.65
CA GLY B 61 -9.77 -48.89 29.52
C GLY B 61 -10.69 -48.14 28.59
N THR B 62 -11.95 -47.98 28.99
CA THR B 62 -12.91 -47.19 28.22
C THR B 62 -12.83 -45.75 28.68
N ARG B 63 -13.01 -44.84 27.74
CA ARG B 63 -12.82 -43.43 27.97
C ARG B 63 -14.03 -42.68 27.45
N VAL B 64 -14.26 -41.48 27.97
CA VAL B 64 -15.31 -40.61 27.44
C VAL B 64 -14.72 -39.32 26.92
N ARG B 65 -15.01 -39.03 25.67
CA ARG B 65 -14.54 -37.80 25.09
C ARG B 65 -15.73 -36.91 24.79
N ALA B 66 -15.42 -35.62 24.82
CA ALA B 66 -16.37 -34.58 24.64
C ALA B 66 -15.79 -33.65 23.60
N MET B 67 -16.65 -33.23 22.67
CA MET B 67 -16.25 -32.46 21.51
C MET B 67 -17.39 -31.59 21.06
N ALA B 68 -17.11 -30.30 20.84
CA ALA B 68 -18.07 -29.38 20.30
C ALA B 68 -18.03 -29.38 18.78
N ILE B 69 -19.20 -29.33 18.16
CA ILE B 69 -19.28 -28.94 16.75
C ILE B 69 -20.39 -27.92 16.59
N TYR B 70 -20.31 -27.13 15.51
CA TYR B 70 -21.35 -26.11 15.22
C TYR B 70 -22.56 -26.84 14.75
N LYS B 71 -23.74 -26.38 15.14
CA LYS B 71 -24.96 -27.14 14.91
C LYS B 71 -25.41 -26.99 13.44
N GLN B 72 -25.55 -25.75 12.99
CA GLN B 72 -26.03 -25.47 11.65
C GLN B 72 -25.11 -26.13 10.64
N SER B 73 -25.69 -26.54 9.52
CA SER B 73 -24.95 -27.25 8.48
C SER B 73 -23.94 -26.35 7.77
N GLN B 74 -24.25 -25.06 7.68
CA GLN B 74 -23.37 -24.09 7.04
C GLN B 74 -22.00 -24.14 7.70
N HIS B 75 -22.02 -24.21 9.02
CA HIS B 75 -20.82 -24.02 9.83
C HIS B 75 -20.19 -25.32 10.30
N MET B 76 -20.93 -26.44 10.24
CA MET B 76 -20.44 -27.73 10.75
C MET B 76 -18.98 -27.98 10.48
N THR B 77 -18.61 -27.68 9.24
CA THR B 77 -17.25 -27.90 8.74
C THR B 77 -16.15 -27.15 9.53
N GLU B 78 -16.46 -25.97 10.06
CA GLU B 78 -15.48 -25.15 10.84
C GLU B 78 -15.23 -25.67 12.25
N VAL B 79 -13.99 -25.61 12.65
CA VAL B 79 -13.65 -26.16 13.94
C VAL B 79 -14.03 -25.18 15.02
N VAL B 80 -14.54 -25.71 16.12
CA VAL B 80 -14.90 -24.85 17.23
C VAL B 80 -13.71 -24.57 18.13
N ARG B 81 -13.31 -23.28 18.18
CA ARG B 81 -12.27 -22.83 19.08
C ARG B 81 -12.72 -21.60 19.87
N ARG B 82 -11.92 -21.16 20.82
CA ARG B 82 -12.22 -19.98 21.57
C ARG B 82 -11.89 -18.76 20.79
N CYS B 83 -12.43 -17.63 21.24
CA CYS B 83 -12.20 -16.36 20.59
C CYS B 83 -10.80 -15.79 20.89
N PRO B 84 -10.31 -14.90 20.01
CA PRO B 84 -9.01 -14.29 20.20
C PRO B 84 -8.86 -13.66 21.56
N HIS B 85 -9.91 -13.02 22.07
CA HIS B 85 -9.77 -12.37 23.36
C HIS B 85 -9.46 -13.44 24.41
N HIS B 86 -10.28 -14.47 24.42
CA HIS B 86 -10.31 -15.41 25.52
C HIS B 86 -9.13 -16.36 25.52
N GLU B 87 -8.53 -16.58 24.37
CA GLU B 87 -7.38 -17.52 24.31
C GLU B 87 -6.16 -16.83 24.84
N ARG B 88 -6.11 -15.52 24.71
CA ARG B 88 -4.92 -14.76 25.05
C ARG B 88 -4.99 -14.30 26.51
N CYS B 89 -6.19 -14.09 27.04
CA CYS B 89 -6.30 -13.75 28.44
C CYS B 89 -5.94 -15.01 29.21
N SER B 90 -5.14 -14.83 30.26
CA SER B 90 -4.65 -15.96 31.06
C SER B 90 -5.71 -16.33 32.06
N ASP B 91 -6.30 -17.51 31.86
CA ASP B 91 -7.24 -18.09 32.80
C ASP B 91 -7.08 -19.60 32.91
N SER B 92 -5.97 -20.14 32.40
CA SER B 92 -5.78 -21.59 32.35
C SER B 92 -5.73 -22.18 33.74
N ASP B 93 -5.99 -23.47 33.83
CA ASP B 93 -5.88 -24.20 35.09
C ASP B 93 -4.61 -25.05 35.04
N GLY B 94 -3.67 -24.64 34.19
CA GLY B 94 -2.46 -25.38 33.95
C GLY B 94 -2.66 -26.41 32.85
N LEU B 95 -3.53 -27.38 33.12
CA LEU B 95 -3.74 -28.53 32.22
C LEU B 95 -4.36 -28.12 30.86
N ALA B 96 -5.38 -27.28 30.92
CA ALA B 96 -6.16 -26.96 29.74
C ALA B 96 -5.41 -26.00 28.82
N PRO B 97 -5.18 -26.39 27.54
CA PRO B 97 -4.64 -25.46 26.55
C PRO B 97 -5.60 -24.30 26.41
N PRO B 98 -5.07 -23.09 26.27
CA PRO B 98 -5.96 -21.92 26.32
C PRO B 98 -6.97 -21.84 25.16
N GLN B 99 -6.71 -22.50 24.03
CA GLN B 99 -7.60 -22.41 22.84
C GLN B 99 -8.82 -23.30 22.99
N HIS B 100 -8.68 -24.36 23.75
CA HIS B 100 -9.77 -25.32 23.96
C HIS B 100 -10.96 -24.72 24.64
N LEU B 101 -12.11 -24.91 24.01
CA LEU B 101 -13.39 -24.44 24.57
C LEU B 101 -13.88 -25.25 25.75
N ILE B 102 -13.89 -26.57 25.59
CA ILE B 102 -14.41 -27.46 26.63
C ILE B 102 -13.27 -28.01 27.48
N ARG B 103 -13.31 -27.72 28.78
CA ARG B 103 -12.42 -28.37 29.74
C ARG B 103 -13.19 -29.16 30.79
N VAL B 104 -12.48 -29.98 31.54
CA VAL B 104 -13.06 -30.84 32.59
C VAL B 104 -12.50 -30.43 33.96
N GLU B 105 -13.37 -30.11 34.89
CA GLU B 105 -12.97 -29.68 36.22
C GLU B 105 -12.66 -30.90 37.12
N GLY B 106 -11.55 -30.80 37.84
CA GLY B 106 -11.27 -31.70 38.95
C GLY B 106 -11.18 -33.17 38.58
N ASN B 107 -10.38 -33.47 37.55
CA ASN B 107 -10.07 -34.83 37.16
C ASN B 107 -8.65 -34.83 36.61
N LEU B 108 -7.78 -35.51 37.34
CA LEU B 108 -6.35 -35.38 37.17
C LEU B 108 -5.89 -36.17 35.97
N ARG B 109 -6.66 -37.20 35.59
CA ARG B 109 -6.30 -38.07 34.45
C ARG B 109 -6.80 -37.56 33.08
N VAL B 110 -7.26 -36.32 33.05
CA VAL B 110 -7.78 -35.69 31.85
C VAL B 110 -6.69 -35.57 30.78
N GLU B 111 -7.10 -35.60 29.52
CA GLU B 111 -6.20 -35.35 28.37
C GLU B 111 -6.90 -34.45 27.36
N TYR B 112 -6.21 -33.42 26.86
CA TYR B 112 -6.76 -32.53 25.82
C TYR B 112 -6.15 -32.90 24.47
N LEU B 113 -7.01 -33.22 23.52
CA LEU B 113 -6.57 -33.77 22.26
C LEU B 113 -6.86 -32.84 21.10
N ASP B 114 -6.02 -32.90 20.08
CA ASP B 114 -6.12 -32.04 18.92
C ASP B 114 -5.82 -32.89 17.69
N ASP B 115 -6.87 -33.29 16.97
CA ASP B 115 -6.72 -34.33 15.94
C ASP B 115 -5.86 -33.85 14.78
N ARG B 116 -4.78 -34.61 14.51
CA ARG B 116 -3.78 -34.21 13.54
C ARG B 116 -4.37 -34.07 12.12
N ASN B 117 -5.51 -34.68 11.85
CA ASN B 117 -6.15 -34.59 10.53
C ASN B 117 -7.26 -33.56 10.46
N THR B 118 -8.21 -33.59 11.40
CA THR B 118 -9.36 -32.69 11.38
C THR B 118 -9.07 -31.37 12.06
N PHE B 119 -8.19 -31.41 13.05
CA PHE B 119 -7.82 -30.24 13.85
C PHE B 119 -8.86 -29.92 14.93
N ARG B 120 -9.82 -30.82 15.12
CA ARG B 120 -10.89 -30.59 16.10
C ARG B 120 -10.27 -30.79 17.48
N HIS B 121 -10.81 -30.09 18.47
CA HIS B 121 -10.39 -30.35 19.84
C HIS B 121 -11.37 -31.31 20.46
N SER B 122 -10.88 -31.99 21.50
CA SER B 122 -11.72 -32.76 22.40
C SER B 122 -11.07 -32.87 23.76
N VAL B 123 -11.83 -33.31 24.75
CA VAL B 123 -11.28 -33.59 26.06
C VAL B 123 -11.75 -34.94 26.54
N VAL B 124 -10.79 -35.83 26.79
CA VAL B 124 -11.05 -37.23 27.16
C VAL B 124 -10.70 -37.45 28.61
N VAL B 125 -11.53 -38.23 29.30
CA VAL B 125 -11.22 -38.75 30.64
C VAL B 125 -11.61 -40.22 30.69
N PRO B 126 -10.84 -41.05 31.43
CA PRO B 126 -11.17 -42.46 31.50
C PRO B 126 -12.50 -42.64 32.23
N TYR B 127 -13.26 -43.65 31.83
CA TYR B 127 -14.56 -43.93 32.44
C TYR B 127 -14.31 -44.53 33.79
N GLU B 128 -15.07 -44.07 34.77
CA GLU B 128 -15.14 -44.68 36.10
C GLU B 128 -16.61 -45.11 36.28
N PRO B 129 -16.84 -46.30 36.86
CA PRO B 129 -18.23 -46.68 37.12
C PRO B 129 -18.80 -45.84 38.25
N PRO B 130 -20.13 -45.84 38.43
CA PRO B 130 -20.71 -45.12 39.56
C PRO B 130 -20.09 -45.56 40.90
N GLU B 131 -19.92 -44.60 41.82
CA GLU B 131 -19.53 -44.90 43.20
C GLU B 131 -20.64 -45.76 43.82
N VAL B 132 -20.27 -46.58 44.80
CA VAL B 132 -21.25 -47.48 45.45
C VAL B 132 -22.42 -46.67 46.00
N GLY B 133 -23.64 -47.16 45.72
CA GLY B 133 -24.86 -46.47 46.10
C GLY B 133 -25.17 -45.27 45.21
N SER B 134 -24.66 -45.29 43.99
CA SER B 134 -24.95 -44.28 42.98
C SER B 134 -25.32 -44.96 41.67
N ASP B 135 -26.13 -44.27 40.88
CA ASP B 135 -26.64 -44.83 39.64
C ASP B 135 -25.91 -44.27 38.41
N CYS B 136 -25.06 -43.26 38.60
CA CYS B 136 -24.39 -42.60 37.48
C CYS B 136 -23.06 -42.00 37.84
N THR B 137 -22.18 -41.91 36.85
CA THR B 137 -20.92 -41.18 36.97
C THR B 137 -21.17 -39.79 36.45
N THR B 138 -20.68 -38.77 37.15
CA THR B 138 -20.76 -37.38 36.70
C THR B 138 -19.40 -36.89 36.23
N ILE B 139 -19.41 -36.09 35.16
CA ILE B 139 -18.26 -35.31 34.76
C ILE B 139 -18.67 -33.84 34.92
N HIS B 140 -17.70 -33.01 35.34
CA HIS B 140 -17.91 -31.60 35.51
C HIS B 140 -17.19 -30.89 34.40
N TYR B 141 -17.95 -30.57 33.36
CA TYR B 141 -17.40 -29.79 32.25
C TYR B 141 -17.62 -28.33 32.56
N ASN B 142 -16.88 -27.47 31.86
CA ASN B 142 -17.25 -26.08 31.78
C ASN B 142 -16.72 -25.48 30.50
N TYR B 143 -17.46 -24.51 29.95
CA TYR B 143 -17.21 -23.98 28.60
C TYR B 143 -16.61 -22.59 28.68
N MET B 144 -15.51 -22.39 27.98
CA MET B 144 -14.65 -21.23 28.22
C MET B 144 -14.84 -20.03 27.30
N CYS B 145 -15.98 -19.97 26.62
CA CYS B 145 -16.42 -18.79 25.84
C CYS B 145 -17.92 -18.68 25.81
N ASN B 146 -18.42 -17.45 25.80
CA ASN B 146 -19.82 -17.22 25.45
C ASN B 146 -20.10 -17.58 24.01
N SER B 147 -21.35 -17.97 23.75
CA SER B 147 -21.78 -18.30 22.43
C SER B 147 -21.66 -17.09 21.53
N SER B 148 -21.79 -15.89 22.07
CA SER B 148 -21.81 -14.69 21.27
C SER B 148 -20.45 -14.11 21.03
N CYS B 149 -19.40 -14.87 21.31
CA CYS B 149 -18.07 -14.26 21.32
C CYS B 149 -17.68 -13.95 19.94
N MET B 150 -17.55 -12.66 19.68
CA MET B 150 -16.99 -12.18 18.45
C MET B 150 -15.65 -12.83 18.22
N GLY B 151 -15.50 -13.49 17.09
CA GLY B 151 -14.21 -14.10 16.72
C GLY B 151 -14.16 -15.57 17.06
N GLY B 152 -15.15 -16.06 17.77
CA GLY B 152 -15.22 -17.48 18.07
C GLY B 152 -16.52 -17.97 17.49
N MET B 153 -17.37 -18.50 18.35
CA MET B 153 -18.61 -19.05 17.89
C MET B 153 -19.56 -18.01 17.28
N ASN B 154 -19.31 -16.75 17.57
CA ASN B 154 -19.96 -15.62 16.86
C ASN B 154 -21.47 -15.75 16.69
N ARG B 155 -22.14 -16.03 17.80
CA ARG B 155 -23.58 -16.21 17.90
C ARG B 155 -24.14 -17.49 17.29
N ARG B 156 -23.28 -18.42 16.86
CA ARG B 156 -23.77 -19.66 16.23
C ARG B 156 -23.91 -20.69 17.29
N PRO B 157 -25.04 -21.40 17.29
CA PRO B 157 -25.20 -22.46 18.28
C PRO B 157 -24.34 -23.65 17.95
N ILE B 158 -23.96 -24.37 18.99
CA ILE B 158 -23.13 -25.58 18.88
C ILE B 158 -23.79 -26.75 19.54
N LEU B 159 -23.25 -27.92 19.23
CA LEU B 159 -23.63 -29.18 19.86
C LEU B 159 -22.43 -29.67 20.60
N THR B 160 -22.69 -30.51 21.60
CA THR B 160 -21.64 -31.14 22.36
C THR B 160 -21.91 -32.59 22.21
N ILE B 161 -20.94 -33.31 21.71
CA ILE B 161 -21.09 -34.72 21.45
C ILE B 161 -20.23 -35.43 22.45
N ILE B 162 -20.82 -36.38 23.16
CA ILE B 162 -20.11 -37.14 24.15
C ILE B 162 -20.08 -38.56 23.64
N THR B 163 -18.88 -39.10 23.45
CA THR B 163 -18.76 -40.50 23.06
C THR B 163 -18.10 -41.29 24.15
N LEU B 164 -18.42 -42.59 24.11
CA LEU B 164 -17.91 -43.59 24.99
C LEU B 164 -17.12 -44.50 24.06
N GLU B 165 -15.83 -44.62 24.33
CA GLU B 165 -14.88 -45.28 23.43
C GLU B 165 -14.01 -46.25 24.19
N ASP B 166 -13.61 -47.36 23.55
CA ASP B 166 -12.68 -48.32 24.18
C ASP B 166 -11.25 -47.87 23.99
N SER B 167 -10.32 -48.53 24.68
CA SER B 167 -8.87 -48.23 24.58
C SER B 167 -8.41 -48.15 23.14
N SER B 168 -8.92 -49.08 22.32
CA SER B 168 -8.56 -49.22 20.93
C SER B 168 -9.14 -48.13 20.00
N GLY B 169 -10.02 -47.28 20.55
CA GLY B 169 -10.56 -46.14 19.80
C GLY B 169 -11.95 -46.39 19.21
N ASN B 170 -12.50 -47.59 19.45
CA ASN B 170 -13.84 -47.95 18.99
C ASN B 170 -14.96 -47.22 19.70
N LEU B 171 -16.04 -47.00 18.95
CA LEU B 171 -17.24 -46.37 19.47
C LEU B 171 -18.11 -47.40 20.18
N LEU B 172 -18.44 -47.11 21.43
CA LEU B 172 -19.33 -47.95 22.22
C LEU B 172 -20.67 -47.29 22.44
N GLY B 173 -20.72 -45.97 22.28
CA GLY B 173 -21.94 -45.23 22.46
C GLY B 173 -21.71 -43.75 22.23
N ARG B 174 -22.80 -43.02 22.01
CA ARG B 174 -22.73 -41.60 21.66
C ARG B 174 -24.01 -40.91 22.03
N ASN B 175 -23.87 -39.71 22.59
CA ASN B 175 -25.01 -38.83 22.80
C ASN B 175 -24.60 -37.41 22.57
N SER B 176 -25.59 -36.51 22.54
CA SER B 176 -25.33 -35.10 22.23
C SER B 176 -26.35 -34.18 22.83
N PHE B 177 -25.97 -32.93 22.99
CA PHE B 177 -26.96 -31.92 23.43
C PHE B 177 -26.47 -30.56 23.01
N GLU B 178 -27.40 -29.70 22.63
CA GLU B 178 -27.07 -28.32 22.22
C GLU B 178 -26.66 -27.51 23.43
N VAL B 179 -25.76 -26.55 23.23
CA VAL B 179 -25.30 -25.68 24.30
C VAL B 179 -25.36 -24.22 23.90
N ARG B 180 -25.78 -23.41 24.88
CA ARG B 180 -25.76 -21.98 24.79
C ARG B 180 -25.01 -21.47 25.98
N VAL B 181 -23.88 -20.83 25.72
CA VAL B 181 -23.13 -20.20 26.78
C VAL B 181 -23.43 -18.71 26.72
N CYS B 182 -23.89 -18.18 27.85
CA CYS B 182 -24.38 -16.83 27.91
C CYS B 182 -24.23 -16.27 29.31
N ALA B 183 -24.44 -14.96 29.45
CA ALA B 183 -24.40 -14.30 30.74
C ALA B 183 -25.63 -14.61 31.61
N CYS B 184 -26.83 -14.63 31.00
CA CYS B 184 -28.07 -14.93 31.72
C CYS B 184 -28.78 -16.25 31.29
N PRO B 185 -28.30 -17.39 31.77
CA PRO B 185 -29.00 -18.66 31.50
C PRO B 185 -30.46 -18.65 31.89
N GLY B 186 -30.76 -18.13 33.08
CA GLY B 186 -32.13 -18.04 33.55
C GLY B 186 -33.03 -17.41 32.53
N ARG B 187 -32.68 -16.20 32.12
CA ARG B 187 -33.48 -15.44 31.16
C ARG B 187 -33.57 -16.20 29.83
N ASP B 188 -32.40 -16.60 29.32
CA ASP B 188 -32.29 -17.19 27.98
C ASP B 188 -33.04 -18.53 27.94
N TRP B 189 -33.06 -19.22 29.07
CA TRP B 189 -33.84 -20.45 29.25
C TRP B 189 -35.33 -20.22 28.98
N ARG B 190 -35.92 -19.30 29.74
CA ARG B 190 -37.34 -19.04 29.69
C ARG B 190 -37.70 -18.57 28.29
N THR B 191 -36.97 -17.58 27.79
CA THR B 191 -37.29 -17.00 26.50
C THR B 191 -37.46 -18.05 25.42
N GLU B 192 -36.55 -19.02 25.39
CA GLU B 192 -36.53 -20.00 24.30
C GLU B 192 -37.65 -21.02 24.44
N GLU B 193 -37.89 -21.46 25.66
CA GLU B 193 -39.00 -22.38 25.91
C GLU B 193 -40.33 -21.70 25.64
N GLU B 194 -40.44 -20.45 26.07
CA GLU B 194 -41.70 -19.73 25.91
C GLU B 194 -41.92 -19.32 24.45
N ASN B 195 -40.83 -19.13 23.70
CA ASN B 195 -40.93 -18.85 22.27
C ASN B 195 -41.34 -20.07 21.46
N LEU B 196 -41.06 -21.23 22.01
CA LEU B 196 -41.37 -22.51 21.37
C LEU B 196 -42.86 -22.76 21.35
N ARG B 197 -43.53 -22.40 22.43
CA ARG B 197 -44.96 -22.57 22.52
C ARG B 197 -45.71 -21.91 21.38
N LYS B 198 -45.42 -20.63 21.15
CA LYS B 198 -46.13 -19.82 20.14
C LYS B 198 -46.01 -20.46 18.76
N LYS B 199 -44.78 -20.66 18.30
CA LYS B 199 -44.44 -21.19 16.98
C LYS B 199 -45.19 -22.47 16.71
N SER C 2 -4.93 13.51 -2.26
CA SER C 2 -3.55 13.07 -2.59
C SER C 2 -3.59 11.80 -3.38
N SER C 3 -4.53 10.89 -3.12
CA SER C 3 -4.68 9.64 -3.87
C SER C 3 -5.94 9.64 -4.75
N VAL C 4 -6.69 10.73 -4.70
CA VAL C 4 -8.01 10.76 -5.30
C VAL C 4 -8.08 12.08 -6.05
N PRO C 5 -8.33 12.01 -7.37
CA PRO C 5 -8.31 13.20 -8.19
C PRO C 5 -9.27 14.26 -7.70
N SER C 6 -8.88 15.51 -7.89
CA SER C 6 -9.73 16.62 -7.49
C SER C 6 -10.99 16.57 -8.30
N GLN C 7 -12.06 16.94 -7.64
CA GLN C 7 -13.37 16.99 -8.28
C GLN C 7 -13.80 18.46 -8.46
N LYS C 8 -12.95 19.40 -8.07
CA LYS C 8 -13.35 20.82 -8.03
C LYS C 8 -13.51 21.46 -9.40
N THR C 9 -14.64 22.13 -9.57
CA THR C 9 -14.87 22.91 -10.76
C THR C 9 -13.85 24.04 -10.83
N TYR C 10 -13.31 24.25 -12.02
CA TYR C 10 -12.28 25.25 -12.26
C TYR C 10 -12.33 25.62 -13.75
N GLN C 11 -12.96 26.76 -14.02
CA GLN C 11 -13.19 27.23 -15.38
C GLN C 11 -11.92 27.74 -16.02
N GLY C 12 -10.93 28.04 -15.18
CA GLY C 12 -9.60 28.40 -15.66
C GLY C 12 -9.57 29.70 -16.43
N SER C 13 -8.45 29.97 -17.08
CA SER C 13 -8.25 31.24 -17.77
C SER C 13 -8.69 31.19 -19.22
N TYR C 14 -9.20 30.06 -19.65
CA TYR C 14 -9.80 29.90 -20.97
C TYR C 14 -11.33 29.73 -20.90
N GLY C 15 -11.89 29.93 -19.71
CA GLY C 15 -13.33 29.80 -19.52
C GLY C 15 -13.90 28.45 -19.93
N PHE C 16 -13.35 27.39 -19.35
CA PHE C 16 -13.75 26.02 -19.68
C PHE C 16 -15.04 25.72 -18.97
N ARG C 17 -16.08 25.44 -19.76
CA ARG C 17 -17.40 25.07 -19.26
C ARG C 17 -17.90 23.88 -20.08
N LEU C 18 -18.91 23.18 -19.56
CA LEU C 18 -19.50 22.01 -20.22
C LEU C 18 -20.96 22.24 -20.58
N GLY C 19 -21.40 21.66 -21.70
CA GLY C 19 -22.80 21.74 -22.14
C GLY C 19 -23.33 20.36 -22.49
N PHE C 20 -24.66 20.21 -22.52
CA PHE C 20 -25.31 18.93 -22.86
C PHE C 20 -26.54 19.20 -23.72
N LEU C 21 -26.86 18.28 -24.62
CA LEU C 21 -28.03 18.43 -25.48
C LEU C 21 -29.32 18.23 -24.69
N HIS C 22 -30.02 19.33 -24.47
CA HIS C 22 -31.28 19.30 -23.74
C HIS C 22 -32.36 18.66 -24.56
N SER C 23 -32.68 17.41 -24.22
CA SER C 23 -33.77 16.65 -24.82
C SER C 23 -34.73 16.31 -23.67
N GLY C 24 -35.50 15.22 -23.80
CA GLY C 24 -36.40 14.70 -22.76
C GLY C 24 -37.88 14.70 -23.11
N THR C 25 -38.25 15.21 -24.29
CA THR C 25 -39.66 15.31 -24.74
C THR C 25 -40.29 13.94 -25.03
N ALA C 26 -39.50 12.86 -24.88
CA ALA C 26 -39.99 11.49 -25.04
C ALA C 26 -39.92 10.78 -23.70
N LYS C 27 -40.31 9.50 -23.70
CA LYS C 27 -40.12 8.60 -22.56
C LYS C 27 -39.04 7.55 -22.82
N SER C 28 -39.04 7.00 -24.03
CA SER C 28 -38.01 6.07 -24.50
C SER C 28 -36.73 6.82 -24.83
N VAL C 29 -36.13 7.41 -23.81
CA VAL C 29 -34.95 8.24 -24.01
C VAL C 29 -33.72 7.41 -23.70
N THR C 30 -32.65 7.69 -24.42
CA THR C 30 -31.42 6.93 -24.33
C THR C 30 -30.34 7.64 -23.52
N CYS C 31 -30.30 8.97 -23.63
CA CYS C 31 -29.35 9.75 -22.90
C CYS C 31 -29.97 11.08 -22.57
N THR C 32 -29.90 11.48 -21.31
CA THR C 32 -30.47 12.73 -20.87
C THR C 32 -29.64 13.35 -19.72
N TYR C 33 -29.76 14.66 -19.54
CA TYR C 33 -29.06 15.37 -18.50
C TYR C 33 -30.04 16.13 -17.58
N SER C 34 -29.82 16.05 -16.28
CA SER C 34 -30.64 16.71 -15.27
C SER C 34 -29.86 17.82 -14.65
N PRO C 35 -30.06 19.06 -15.16
CA PRO C 35 -29.38 20.24 -14.59
C PRO C 35 -29.58 20.40 -13.09
N ALA C 36 -30.70 19.93 -12.57
CA ALA C 36 -30.96 20.12 -11.14
C ALA C 36 -29.99 19.27 -10.33
N LEU C 37 -29.81 18.03 -10.80
CA LEU C 37 -29.01 17.04 -10.13
C LEU C 37 -27.55 17.08 -10.62
N ASN C 38 -27.31 17.87 -11.67
CA ASN C 38 -26.03 17.82 -12.42
C ASN C 38 -25.63 16.40 -12.67
N LYS C 39 -26.58 15.63 -13.20
CA LYS C 39 -26.37 14.21 -13.43
C LYS C 39 -26.89 13.79 -14.82
N MET C 40 -26.13 12.89 -15.44
CA MET C 40 -26.45 12.36 -16.75
C MET C 40 -27.00 10.96 -16.59
N PHE C 41 -28.04 10.65 -17.37
CA PHE C 41 -28.71 9.36 -17.32
C PHE C 41 -28.56 8.73 -18.69
N CYS C 42 -27.78 7.68 -18.73
CA CYS C 42 -27.22 7.18 -19.94
C CYS C 42 -27.43 5.67 -19.97
N GLN C 43 -27.79 5.18 -21.14
CA GLN C 43 -27.94 3.76 -21.36
C GLN C 43 -26.54 3.17 -21.65
N LEU C 44 -26.43 1.86 -21.57
CA LEU C 44 -25.13 1.22 -21.65
C LEU C 44 -24.62 1.22 -23.09
N ALA C 45 -23.42 1.73 -23.28
CA ALA C 45 -22.76 1.72 -24.58
C ALA C 45 -23.48 2.62 -25.56
N LYS C 46 -24.26 3.56 -25.04
CA LYS C 46 -24.97 4.52 -25.89
C LYS C 46 -24.20 5.81 -25.95
N THR C 47 -23.94 6.23 -27.18
CA THR C 47 -23.27 7.48 -27.48
C THR C 47 -24.02 8.64 -26.85
N CYS C 48 -23.30 9.48 -26.14
CA CYS C 48 -23.88 10.64 -25.55
C CYS C 48 -22.95 11.82 -25.63
N PRO C 49 -23.41 12.90 -26.26
CA PRO C 49 -22.57 14.03 -26.52
C PRO C 49 -22.39 14.85 -25.26
N VAL C 50 -21.12 15.12 -24.96
CA VAL C 50 -20.75 16.19 -24.09
C VAL C 50 -20.04 17.22 -24.96
N GLN C 51 -20.30 18.49 -24.68
CA GLN C 51 -19.72 19.57 -25.45
C GLN C 51 -18.94 20.50 -24.54
N LEU C 52 -17.82 20.97 -25.10
CA LEU C 52 -16.86 21.82 -24.44
C LEU C 52 -17.05 23.28 -24.92
N TRP C 53 -17.08 24.21 -23.97
CA TRP C 53 -17.15 25.63 -24.26
C TRP C 53 -15.96 26.33 -23.64
N VAL C 54 -15.40 27.29 -24.37
CA VAL C 54 -14.21 28.03 -23.95
C VAL C 54 -14.35 29.48 -24.39
N ASP C 55 -14.00 30.40 -23.51
CA ASP C 55 -14.00 31.82 -23.86
C ASP C 55 -12.92 32.07 -24.89
N SER C 56 -11.71 31.59 -24.61
CA SER C 56 -10.57 31.77 -25.51
C SER C 56 -10.11 30.41 -25.99
N THR C 57 -9.44 30.39 -27.13
CA THR C 57 -8.95 29.13 -27.67
C THR C 57 -7.63 28.79 -27.00
N PRO C 58 -7.45 27.52 -26.58
CA PRO C 58 -6.24 27.10 -25.91
C PRO C 58 -5.17 26.70 -26.90
N PRO C 59 -3.91 26.77 -26.49
CA PRO C 59 -2.80 26.54 -27.39
C PRO C 59 -2.81 25.13 -27.94
N PRO C 60 -2.35 24.95 -29.19
CA PRO C 60 -2.24 23.59 -29.73
C PRO C 60 -1.42 22.69 -28.81
N GLY C 61 -1.78 21.41 -28.79
CA GLY C 61 -1.14 20.43 -27.89
C GLY C 61 -1.91 20.26 -26.59
N THR C 62 -3.08 20.88 -26.47
CA THR C 62 -3.93 20.69 -25.32
C THR C 62 -4.86 19.53 -25.57
N ARG C 63 -5.14 18.79 -24.50
CA ARG C 63 -5.86 17.56 -24.59
C ARG C 63 -6.97 17.56 -23.53
N VAL C 64 -8.01 16.76 -23.76
CA VAL C 64 -9.08 16.61 -22.78
C VAL C 64 -9.16 15.17 -22.35
N ARG C 65 -9.09 14.98 -21.03
CA ARG C 65 -9.19 13.65 -20.50
C ARG C 65 -10.45 13.56 -19.67
N ALA C 66 -10.97 12.35 -19.65
CA ALA C 66 -12.17 12.00 -18.97
C ALA C 66 -11.85 10.79 -18.10
N MET C 67 -12.37 10.82 -16.87
CA MET C 67 -12.04 9.87 -15.86
C MET C 67 -13.20 9.75 -14.89
N ALA C 68 -13.59 8.50 -14.59
CA ALA C 68 -14.58 8.22 -13.60
C ALA C 68 -13.98 8.02 -12.23
N ILE C 69 -14.64 8.55 -11.21
CA ILE C 69 -14.36 8.18 -9.83
C ILE C 69 -15.69 7.92 -9.12
N TYR C 70 -15.65 7.09 -8.06
CA TYR C 70 -16.87 6.77 -7.27
C TYR C 70 -17.18 7.98 -6.44
N LYS C 71 -18.44 8.28 -6.29
CA LYS C 71 -18.84 9.58 -5.74
C LYS C 71 -18.69 9.55 -4.22
N GLN C 72 -19.29 8.56 -3.59
CA GLN C 72 -19.31 8.44 -2.14
C GLN C 72 -17.88 8.36 -1.63
N SER C 73 -17.68 8.91 -0.44
CA SER C 73 -16.34 8.99 0.16
C SER C 73 -15.81 7.61 0.53
N GLN C 74 -16.71 6.68 0.89
CA GLN C 74 -16.30 5.32 1.28
C GLN C 74 -15.49 4.68 0.16
N HIS C 75 -15.98 4.88 -1.07
CA HIS C 75 -15.50 4.18 -2.26
C HIS C 75 -14.52 4.96 -3.12
N MET C 76 -14.43 6.29 -2.92
CA MET C 76 -13.56 7.13 -3.76
C MET C 76 -12.24 6.47 -4.10
N THR C 77 -11.62 5.94 -3.07
CA THR C 77 -10.28 5.35 -3.16
C THR C 77 -10.17 4.21 -4.18
N GLU C 78 -11.23 3.44 -4.38
CA GLU C 78 -11.25 2.31 -5.36
C GLU C 78 -11.34 2.76 -6.84
N VAL C 79 -10.61 2.06 -7.68
CA VAL C 79 -10.51 2.40 -9.08
C VAL C 79 -11.76 1.96 -9.80
N VAL C 80 -12.26 2.80 -10.71
CA VAL C 80 -13.46 2.47 -11.45
C VAL C 80 -13.15 1.70 -12.74
N ARG C 81 -13.53 0.43 -12.77
CA ARG C 81 -13.27 -0.48 -13.85
C ARG C 81 -14.60 -1.17 -14.25
N ARG C 82 -14.62 -1.88 -15.36
CA ARG C 82 -15.76 -2.64 -15.75
C ARG C 82 -15.86 -3.94 -15.02
N CYS C 83 -17.03 -4.56 -15.09
CA CYS C 83 -17.29 -5.77 -14.38
C CYS C 83 -16.68 -6.98 -15.10
N PRO C 84 -16.42 -8.08 -14.35
CA PRO C 84 -15.90 -9.27 -14.95
C PRO C 84 -16.67 -9.72 -16.16
N HIS C 85 -17.99 -9.62 -16.12
CA HIS C 85 -18.76 -10.12 -17.26
C HIS C 85 -18.37 -9.30 -18.48
N HIS C 86 -18.43 -7.99 -18.32
CA HIS C 86 -18.38 -7.10 -19.46
C HIS C 86 -17.00 -6.98 -20.06
N GLU C 87 -15.96 -7.22 -19.26
CA GLU C 87 -14.58 -7.09 -19.79
C GLU C 87 -14.29 -8.29 -20.67
N ARG C 88 -14.93 -9.42 -20.38
CA ARG C 88 -14.59 -10.68 -21.03
C ARG C 88 -15.47 -10.89 -22.26
N CYS C 89 -16.68 -10.36 -22.25
CA CYS C 89 -17.51 -10.41 -23.45
C CYS C 89 -16.86 -9.49 -24.47
N SER C 90 -16.79 -9.96 -25.71
CA SER C 90 -16.15 -9.20 -26.79
C SER C 90 -17.13 -8.20 -27.33
N ASP C 91 -16.83 -6.93 -27.08
CA ASP C 91 -17.58 -5.82 -27.66
C ASP C 91 -16.67 -4.65 -28.04
N SER C 92 -15.36 -4.87 -28.08
CA SER C 92 -14.40 -3.78 -28.28
C SER C 92 -14.59 -3.17 -29.66
N ASP C 93 -14.09 -1.94 -29.82
CA ASP C 93 -14.10 -1.28 -31.12
C ASP C 93 -12.70 -1.33 -31.71
N GLY C 94 -11.90 -2.29 -31.23
CA GLY C 94 -10.48 -2.37 -31.56
C GLY C 94 -9.64 -1.55 -30.60
N LEU C 95 -9.85 -0.23 -30.63
CA LEU C 95 -9.01 0.70 -29.87
C LEU C 95 -9.13 0.56 -28.36
N ALA C 96 -10.37 0.46 -27.89
CA ALA C 96 -10.65 0.53 -26.47
C ALA C 96 -10.25 -0.77 -25.80
N PRO C 97 -9.32 -0.71 -24.80
CA PRO C 97 -9.08 -1.86 -23.95
C PRO C 97 -10.37 -2.30 -23.27
N PRO C 98 -10.58 -3.60 -23.20
CA PRO C 98 -11.90 -4.06 -22.75
C PRO C 98 -12.25 -3.70 -21.29
N GLN C 99 -11.26 -3.42 -20.46
CA GLN C 99 -11.50 -3.13 -19.04
C GLN C 99 -11.94 -1.69 -18.81
N HIS C 100 -11.57 -0.81 -19.73
CA HIS C 100 -11.96 0.60 -19.62
C HIS C 100 -13.46 0.85 -19.70
N LEU C 101 -13.98 1.58 -18.72
CA LEU C 101 -15.40 1.95 -18.66
C LEU C 101 -15.76 3.02 -19.67
N ILE C 102 -14.98 4.09 -19.71
CA ILE C 102 -15.29 5.22 -20.56
C ILE C 102 -14.48 5.13 -21.82
N ARG C 103 -15.17 5.03 -22.97
CA ARG C 103 -14.52 5.18 -24.28
C ARG C 103 -15.07 6.37 -25.06
N VAL C 104 -14.37 6.73 -26.12
CA VAL C 104 -14.73 7.84 -26.99
C VAL C 104 -15.05 7.32 -28.38
N GLU C 105 -16.24 7.64 -28.87
CA GLU C 105 -16.69 7.20 -30.19
C GLU C 105 -16.14 8.10 -31.29
N GLY C 106 -15.63 7.49 -32.35
CA GLY C 106 -15.33 8.18 -33.60
C GLY C 106 -14.32 9.30 -33.52
N ASN C 107 -13.16 8.99 -32.92
CA ASN C 107 -12.02 9.91 -32.85
C ASN C 107 -10.76 9.07 -32.89
N LEU C 108 -10.04 9.22 -33.98
CA LEU C 108 -8.98 8.31 -34.33
C LEU C 108 -7.73 8.57 -33.49
N ARG C 109 -7.58 9.78 -32.99
CA ARG C 109 -6.39 10.15 -32.20
C ARG C 109 -6.53 9.89 -30.69
N VAL C 110 -7.54 9.11 -30.32
CA VAL C 110 -7.82 8.78 -28.93
C VAL C 110 -6.68 7.98 -28.34
N GLU C 111 -6.47 8.12 -27.03
CA GLU C 111 -5.51 7.31 -26.26
C GLU C 111 -6.17 6.87 -24.96
N TYR C 112 -6.04 5.58 -24.62
CA TYR C 112 -6.53 5.06 -23.34
C TYR C 112 -5.39 4.87 -22.36
N LEU C 113 -5.49 5.54 -21.22
CA LEU C 113 -4.36 5.70 -20.31
C LEU C 113 -4.58 5.13 -18.91
N ASP C 114 -3.48 4.89 -18.23
CA ASP C 114 -3.45 4.19 -16.96
C ASP C 114 -2.36 4.80 -16.10
N ASP C 115 -2.74 5.64 -15.14
CA ASP C 115 -1.76 6.41 -14.32
C ASP C 115 -0.87 5.54 -13.43
N ARG C 116 0.43 5.70 -13.58
CA ARG C 116 1.39 4.82 -12.90
C ARG C 116 1.34 4.87 -11.41
N ASN C 117 0.81 5.97 -10.86
CA ASN C 117 0.73 6.14 -9.41
C ASN C 117 -0.63 5.76 -8.86
N THR C 118 -1.70 6.27 -9.45
CA THR C 118 -3.07 6.02 -8.94
C THR C 118 -3.69 4.75 -9.53
N PHE C 119 -3.31 4.40 -10.75
CA PHE C 119 -3.81 3.21 -11.45
C PHE C 119 -5.20 3.44 -12.06
N ARG C 120 -5.61 4.70 -12.06
CA ARG C 120 -6.92 5.02 -12.59
C ARG C 120 -6.84 4.93 -14.10
N HIS C 121 -7.96 4.61 -14.74
CA HIS C 121 -8.07 4.70 -16.19
C HIS C 121 -8.57 6.09 -16.54
N SER C 122 -8.22 6.49 -17.75
CA SER C 122 -8.80 7.66 -18.38
C SER C 122 -8.76 7.54 -19.89
N VAL C 123 -9.45 8.41 -20.57
CA VAL C 123 -9.39 8.47 -22.02
C VAL C 123 -9.19 9.91 -22.46
N VAL C 124 -8.08 10.13 -23.18
CA VAL C 124 -7.67 11.44 -23.61
C VAL C 124 -7.85 11.55 -25.12
N VAL C 125 -8.31 12.71 -25.57
CA VAL C 125 -8.27 13.08 -27.00
C VAL C 125 -7.75 14.52 -27.10
N PRO C 126 -6.97 14.81 -28.15
CA PRO C 126 -6.48 16.17 -28.32
C PRO C 126 -7.66 17.14 -28.54
N TYR C 127 -7.54 18.36 -28.01
CA TYR C 127 -8.58 19.37 -28.14
C TYR C 127 -8.57 19.84 -29.57
N GLU C 128 -9.76 19.96 -30.13
CA GLU C 128 -9.99 20.63 -31.39
C GLU C 128 -10.90 21.82 -31.09
N PRO C 129 -10.66 22.98 -31.73
CA PRO C 129 -11.56 24.10 -31.54
C PRO C 129 -12.88 23.83 -32.24
N PRO C 130 -13.91 24.62 -31.92
CA PRO C 130 -15.17 24.44 -32.63
C PRO C 130 -14.98 24.51 -34.14
N GLU C 131 -15.74 23.69 -34.87
CA GLU C 131 -15.80 23.82 -36.31
C GLU C 131 -16.44 25.16 -36.68
N VAL C 132 -16.12 25.65 -37.87
CA VAL C 132 -16.59 26.97 -38.31
C VAL C 132 -18.12 27.03 -38.22
N GLY C 133 -18.62 28.11 -37.64
CA GLY C 133 -20.06 28.30 -37.44
C GLY C 133 -20.59 27.48 -36.29
N SER C 134 -19.72 27.13 -35.35
CA SER C 134 -20.11 26.41 -34.14
C SER C 134 -19.51 27.07 -32.91
N ASP C 135 -20.18 26.91 -31.79
CA ASP C 135 -19.78 27.55 -30.54
C ASP C 135 -19.09 26.58 -29.58
N CYS C 136 -19.09 25.28 -29.90
CA CYS C 136 -18.53 24.27 -29.00
C CYS C 136 -18.04 23.06 -29.72
N THR C 137 -17.05 22.40 -29.12
CA THR C 137 -16.55 21.11 -29.59
C THR C 137 -17.28 20.05 -28.81
N THR C 138 -17.76 19.00 -29.49
CA THR C 138 -18.44 17.90 -28.85
C THR C 138 -17.54 16.66 -28.87
N ILE C 139 -17.59 15.90 -27.76
CA ILE C 139 -17.01 14.59 -27.68
C ILE C 139 -18.17 13.65 -27.47
N HIS C 140 -18.07 12.48 -28.10
CA HIS C 140 -19.05 11.47 -27.97
C HIS C 140 -18.46 10.38 -27.12
N TYR C 141 -18.81 10.42 -25.83
CA TYR C 141 -18.42 9.38 -24.93
C TYR C 141 -19.50 8.31 -24.93
N ASN C 142 -19.17 7.12 -24.45
CA ASN C 142 -20.18 6.16 -24.02
C ASN C 142 -19.62 5.24 -22.98
N TYR C 143 -20.48 4.78 -22.04
CA TYR C 143 -20.05 4.10 -20.85
C TYR C 143 -20.38 2.64 -20.98
N MET C 144 -19.40 1.79 -20.72
CA MET C 144 -19.49 0.38 -21.10
C MET C 144 -19.93 -0.60 -19.99
N CYS C 145 -20.55 -0.09 -18.93
CA CYS C 145 -21.22 -0.92 -17.91
C CYS C 145 -22.40 -0.17 -17.30
N ASN C 146 -23.42 -0.92 -16.91
CA ASN C 146 -24.45 -0.36 -16.03
C ASN C 146 -23.91 -0.08 -14.64
N SER C 147 -24.53 0.89 -13.99
CA SER C 147 -24.16 1.30 -12.66
C SER C 147 -24.38 0.17 -11.69
N SER C 148 -25.34 -0.70 -11.99
CA SER C 148 -25.69 -1.77 -11.10
C SER C 148 -24.89 -3.03 -11.33
N CYS C 149 -23.81 -2.98 -12.11
CA CYS C 149 -23.15 -4.21 -12.53
C CYS C 149 -22.48 -4.84 -11.32
N MET C 150 -22.98 -6.01 -10.95
CA MET C 150 -22.34 -6.84 -9.97
C MET C 150 -20.90 -7.07 -10.35
N GLY C 151 -19.98 -6.69 -9.46
CA GLY C 151 -18.55 -6.92 -9.71
C GLY C 151 -17.86 -5.69 -10.25
N GLY C 152 -18.62 -4.68 -10.60
CA GLY C 152 -18.04 -3.42 -11.07
C GLY C 152 -18.51 -2.37 -10.11
N MET C 153 -19.21 -1.38 -10.63
CA MET C 153 -19.64 -0.26 -9.84
C MET C 153 -20.63 -0.69 -8.79
N ASN C 154 -21.23 -1.85 -8.99
CA ASN C 154 -22.04 -2.50 -7.95
C ASN C 154 -23.00 -1.56 -7.22
N ARG C 155 -23.79 -0.86 -8.02
CA ARG C 155 -24.83 0.10 -7.58
C ARG C 155 -24.33 1.42 -6.99
N ARG C 156 -23.02 1.66 -7.05
CA ARG C 156 -22.48 2.86 -6.46
C ARG C 156 -22.45 3.91 -7.51
N PRO C 157 -22.92 5.11 -7.16
CA PRO C 157 -22.85 6.20 -8.15
C PRO C 157 -21.43 6.69 -8.31
N ILE C 158 -21.16 7.20 -9.51
CA ILE C 158 -19.86 7.72 -9.88
C ILE C 158 -19.99 9.12 -10.40
N LEU C 159 -18.84 9.78 -10.49
CA LEU C 159 -18.66 11.08 -11.11
C LEU C 159 -17.79 10.90 -12.30
N THR C 160 -17.90 11.84 -13.23
CA THR C 160 -17.08 11.86 -14.42
C THR C 160 -16.45 13.19 -14.40
N ILE C 161 -15.13 13.19 -14.44
CA ILE C 161 -14.40 14.41 -14.34
C ILE C 161 -13.79 14.61 -15.70
N ILE C 162 -13.98 15.79 -16.25
CA ILE C 162 -13.37 16.13 -17.51
C ILE C 162 -12.38 17.24 -17.26
N THR C 163 -11.12 17.01 -17.63
CA THR C 163 -10.12 18.04 -17.50
C THR C 163 -9.60 18.43 -18.85
N LEU C 164 -9.09 19.65 -18.88
CA LEU C 164 -8.46 20.25 -20.00
C LEU C 164 -7.02 20.44 -19.54
N GLU C 165 -6.09 19.85 -20.31
CA GLU C 165 -4.68 19.77 -19.93
C GLU C 165 -3.78 20.12 -21.08
N ASP C 166 -2.61 20.67 -20.77
CA ASP C 166 -1.66 20.97 -21.83
C ASP C 166 -0.88 19.70 -22.15
N SER C 167 -0.05 19.76 -23.18
CA SER C 167 0.79 18.60 -23.56
C SER C 167 1.51 18.00 -22.37
N SER C 168 2.06 18.87 -21.53
CA SER C 168 2.91 18.49 -20.42
C SER C 168 2.13 17.89 -19.24
N GLY C 169 0.81 17.90 -19.32
CA GLY C 169 -0.03 17.30 -18.29
C GLY C 169 -0.58 18.28 -17.26
N ASN C 170 -0.29 19.58 -17.43
CA ASN C 170 -0.81 20.62 -16.54
C ASN C 170 -2.30 20.84 -16.70
N LEU C 171 -2.91 21.27 -15.60
CA LEU C 171 -4.33 21.58 -15.57
C LEU C 171 -4.65 22.99 -16.08
N LEU C 172 -5.51 23.07 -17.08
CA LEU C 172 -6.01 24.33 -17.62
C LEU C 172 -7.48 24.59 -17.27
N GLY C 173 -8.19 23.52 -16.91
CA GLY C 173 -9.58 23.64 -16.51
C GLY C 173 -10.16 22.29 -16.17
N ARG C 174 -11.28 22.29 -15.44
CA ARG C 174 -11.90 21.05 -14.92
C ARG C 174 -13.37 21.24 -14.73
N ASN C 175 -14.16 20.23 -15.11
CA ASN C 175 -15.56 20.16 -14.75
C ASN C 175 -15.96 18.72 -14.47
N SER C 176 -17.16 18.52 -13.91
CA SER C 176 -17.61 17.19 -13.50
C SER C 176 -19.12 17.06 -13.50
N PHE C 177 -19.60 15.82 -13.60
CA PHE C 177 -21.02 15.55 -13.50
C PHE C 177 -21.25 14.10 -13.12
N GLU C 178 -22.27 13.86 -12.32
CA GLU C 178 -22.59 12.51 -11.87
C GLU C 178 -23.18 11.72 -13.01
N VAL C 179 -22.95 10.41 -13.04
CA VAL C 179 -23.48 9.55 -14.09
C VAL C 179 -24.14 8.31 -13.51
N ARG C 180 -25.26 7.96 -14.13
CA ARG C 180 -26.00 6.77 -13.82
C ARG C 180 -26.19 6.08 -15.12
N VAL C 181 -25.61 4.89 -15.22
CA VAL C 181 -25.81 4.07 -16.39
C VAL C 181 -26.84 3.02 -15.97
N CYS C 182 -27.90 2.94 -16.76
CA CYS C 182 -29.02 2.11 -16.45
C CYS C 182 -29.77 1.73 -17.71
N ALA C 183 -30.70 0.78 -17.58
CA ALA C 183 -31.50 0.31 -18.70
C ALA C 183 -32.57 1.32 -19.08
N CYS C 184 -33.21 1.92 -18.08
CA CYS C 184 -34.26 2.92 -18.30
C CYS C 184 -33.91 4.36 -17.82
N PRO C 185 -33.11 5.11 -18.61
CA PRO C 185 -32.82 6.50 -18.27
C PRO C 185 -34.07 7.32 -18.06
N GLY C 186 -35.02 7.18 -18.98
CA GLY C 186 -36.31 7.90 -18.87
C GLY C 186 -36.93 7.76 -17.49
N ARG C 187 -37.16 6.52 -17.08
CA ARG C 187 -37.80 6.23 -15.79
C ARG C 187 -36.95 6.76 -14.64
N ASP C 188 -35.67 6.40 -14.65
CA ASP C 188 -34.77 6.72 -13.55
C ASP C 188 -34.60 8.25 -13.43
N TRP C 189 -34.66 8.94 -14.58
CA TRP C 189 -34.64 10.41 -14.62
C TRP C 189 -35.78 11.01 -13.79
N ARG C 190 -37.00 10.63 -14.13
CA ARG C 190 -38.19 11.18 -13.51
C ARG C 190 -38.19 10.89 -12.03
N THR C 191 -37.99 9.63 -11.69
CA THR C 191 -38.04 9.21 -10.30
C THR C 191 -37.17 10.08 -9.41
N GLU C 192 -35.94 10.37 -9.86
CA GLU C 192 -34.99 11.08 -9.03
C GLU C 192 -35.35 12.56 -8.90
N GLU C 193 -35.77 13.17 -10.01
CA GLU C 193 -36.19 14.56 -9.97
C GLU C 193 -37.46 14.73 -9.18
N GLU C 194 -38.39 13.79 -9.33
CA GLU C 194 -39.67 13.85 -8.62
C GLU C 194 -39.50 13.51 -7.15
N ASN C 195 -38.50 12.72 -6.81
CA ASN C 195 -38.16 12.45 -5.40
C ASN C 195 -37.54 13.65 -4.71
N LEU C 196 -36.90 14.49 -5.51
CA LEU C 196 -36.22 15.68 -5.02
C LEU C 196 -37.21 16.77 -4.56
N ARG C 197 -38.31 16.93 -5.31
CA ARG C 197 -39.35 17.91 -5.01
C ARG C 197 -39.91 17.73 -3.59
N LYS C 198 -40.29 16.50 -3.25
CA LYS C 198 -40.88 16.20 -1.93
C LYS C 198 -39.92 16.60 -0.79
N LYS C 199 -38.74 16.00 -0.78
CA LYS C 199 -37.77 16.16 0.31
C LYS C 199 -37.62 17.63 0.72
N SER D 2 4.48 7.33 32.57
CA SER D 2 3.74 8.36 33.34
C SER D 2 3.48 9.63 32.50
N SER D 3 3.02 9.44 31.26
CA SER D 3 2.78 10.55 30.33
C SER D 3 1.58 10.28 29.44
N VAL D 4 0.53 11.10 29.61
CA VAL D 4 -0.62 11.12 28.71
C VAL D 4 -0.55 12.39 27.91
N PRO D 5 -0.72 12.28 26.57
CA PRO D 5 -0.69 13.45 25.73
C PRO D 5 -1.66 14.53 26.21
N SER D 6 -1.28 15.77 26.00
CA SER D 6 -2.17 16.87 26.31
C SER D 6 -3.41 16.77 25.47
N GLN D 7 -4.52 17.15 26.08
CA GLN D 7 -5.81 17.19 25.40
C GLN D 7 -6.25 18.65 25.19
N LYS D 8 -5.43 19.61 25.57
CA LYS D 8 -5.86 21.02 25.57
C LYS D 8 -5.98 21.65 24.19
N THR D 9 -7.11 22.29 23.98
CA THR D 9 -7.33 23.04 22.77
C THR D 9 -6.32 24.19 22.69
N TYR D 10 -5.77 24.40 21.50
CA TYR D 10 -4.75 25.40 21.28
C TYR D 10 -4.75 25.73 19.79
N GLN D 11 -5.38 26.85 19.48
CA GLN D 11 -5.58 27.30 18.10
C GLN D 11 -4.31 27.81 17.48
N GLY D 12 -3.33 28.14 18.33
CA GLY D 12 -2.00 28.50 17.88
C GLY D 12 -1.98 29.78 17.08
N SER D 13 -0.84 30.07 16.48
CA SER D 13 -0.63 31.32 15.77
C SER D 13 -1.03 31.26 14.30
N TYR D 14 -1.53 30.10 13.87
CA TYR D 14 -2.08 29.92 12.55
C TYR D 14 -3.61 29.70 12.60
N GLY D 15 -4.20 29.91 13.77
CA GLY D 15 -5.64 29.77 13.92
C GLY D 15 -6.16 28.41 13.49
N PHE D 16 -5.61 27.37 14.09
CA PHE D 16 -5.99 25.99 13.80
C PHE D 16 -7.31 25.69 14.49
N ARG D 17 -8.33 25.40 13.67
CA ARG D 17 -9.65 25.00 14.13
C ARG D 17 -10.12 23.79 13.32
N LEU D 18 -11.11 23.07 13.84
CA LEU D 18 -11.68 21.90 13.17
C LEU D 18 -13.12 22.12 12.74
N GLY D 19 -13.51 21.53 11.61
CA GLY D 19 -14.90 21.56 11.15
C GLY D 19 -15.40 20.17 10.81
N PHE D 20 -16.73 20.00 10.75
CA PHE D 20 -17.37 18.71 10.41
C PHE D 20 -18.62 18.93 9.55
N LEU D 21 -18.93 17.99 8.69
CA LEU D 21 -20.16 18.09 7.89
C LEU D 21 -21.48 17.96 8.69
N HIS D 22 -21.60 16.95 9.55
CA HIS D 22 -22.74 16.78 10.51
C HIS D 22 -24.17 16.71 9.82
N SER D 23 -24.12 16.59 8.49
CA SER D 23 -25.30 16.93 7.63
C SER D 23 -26.56 16.20 8.14
N GLY D 24 -26.38 14.94 8.49
CA GLY D 24 -27.55 14.06 8.80
C GLY D 24 -28.83 14.21 7.97
N THR D 25 -29.91 14.61 8.67
CA THR D 25 -31.29 14.78 8.15
C THR D 25 -31.96 13.44 7.79
N ALA D 26 -31.25 12.33 8.01
CA ALA D 26 -31.79 10.98 7.86
C ALA D 26 -31.80 10.27 9.22
N LYS D 27 -32.18 8.99 9.24
CA LYS D 27 -32.02 8.12 10.41
C LYS D 27 -30.90 7.11 10.20
N SER D 28 -30.83 6.53 9.00
CA SER D 28 -29.76 5.61 8.59
C SER D 28 -28.50 6.40 8.29
N VAL D 29 -27.95 7.00 9.32
CA VAL D 29 -26.78 7.85 9.17
C VAL D 29 -25.54 7.04 9.55
N THR D 30 -24.46 7.30 8.84
CA THR D 30 -23.24 6.56 9.01
C THR D 30 -22.22 7.30 9.85
N CYS D 31 -22.19 8.63 9.70
CA CYS D 31 -21.28 9.46 10.44
C CYS D 31 -21.96 10.78 10.74
N THR D 32 -21.93 11.20 12.00
CA THR D 32 -22.49 12.46 12.39
C THR D 32 -21.71 13.10 13.53
N TYR D 33 -21.86 14.42 13.68
CA TYR D 33 -21.17 15.17 14.74
C TYR D 33 -22.18 15.94 15.61
N SER D 34 -21.98 15.87 16.92
CA SER D 34 -22.85 16.54 17.89
C SER D 34 -22.10 17.67 18.51
N PRO D 35 -22.27 18.90 17.98
CA PRO D 35 -21.64 20.10 18.55
C PRO D 35 -21.89 20.28 20.05
N ALA D 36 -23.04 19.81 20.54
CA ALA D 36 -23.36 20.00 21.94
C ALA D 36 -22.42 19.17 22.80
N LEU D 37 -22.21 17.93 22.36
CA LEU D 37 -21.39 16.96 23.06
C LEU D 37 -19.92 17.01 22.62
N ASN D 38 -19.65 17.79 21.58
CA ASN D 38 -18.35 17.76 20.86
C ASN D 38 -17.92 16.34 20.63
N LYS D 39 -18.83 15.55 20.10
CA LYS D 39 -18.61 14.13 19.90
C LYS D 39 -19.07 13.69 18.50
N MET D 40 -18.29 12.80 17.92
CA MET D 40 -18.58 12.22 16.63
C MET D 40 -19.12 10.81 16.80
N PHE D 41 -20.11 10.46 15.99
CA PHE D 41 -20.76 9.18 16.04
C PHE D 41 -20.55 8.54 14.69
N CYS D 42 -19.77 7.48 14.70
CA CYS D 42 -19.17 6.96 13.51
C CYS D 42 -19.35 5.46 13.51
N GLN D 43 -19.66 4.93 12.34
CA GLN D 43 -19.78 3.50 12.14
C GLN D 43 -18.38 2.93 11.93
N LEU D 44 -18.24 1.63 12.04
CA LEU D 44 -16.92 1.00 12.02
C LEU D 44 -16.38 0.96 10.60
N ALA D 45 -15.17 1.47 10.44
CA ALA D 45 -14.48 1.46 9.14
C ALA D 45 -15.21 2.33 8.11
N LYS D 46 -16.03 3.28 8.57
CA LYS D 46 -16.71 4.20 7.69
C LYS D 46 -15.97 5.50 7.64
N THR D 47 -15.69 5.91 6.41
CA THR D 47 -15.03 7.15 6.12
C THR D 47 -15.82 8.30 6.71
N CYS D 48 -15.12 9.17 7.42
CA CYS D 48 -15.74 10.36 7.96
C CYS D 48 -14.83 11.56 7.89
N PRO D 49 -15.30 12.62 7.23
CA PRO D 49 -14.46 13.78 6.95
C PRO D 49 -14.33 14.66 8.17
N VAL D 50 -13.09 14.93 8.50
CA VAL D 50 -12.74 16.02 9.40
C VAL D 50 -12.02 17.02 8.51
N GLN D 51 -12.29 18.29 8.74
CA GLN D 51 -11.72 19.35 7.97
C GLN D 51 -10.97 20.31 8.89
N LEU D 52 -9.84 20.79 8.37
CA LEU D 52 -8.90 21.68 9.05
C LEU D 52 -9.09 23.11 8.54
N TRP D 53 -9.18 24.05 9.48
CA TRP D 53 -9.30 25.47 9.15
C TRP D 53 -8.14 26.23 9.80
N VAL D 54 -7.57 27.17 9.06
CA VAL D 54 -6.41 27.92 9.49
C VAL D 54 -6.57 29.36 9.03
N ASP D 55 -6.24 30.30 9.90
CA ASP D 55 -6.26 31.70 9.53
C ASP D 55 -5.13 31.96 8.52
N SER D 56 -3.94 31.51 8.84
CA SER D 56 -2.78 31.69 7.97
C SER D 56 -2.29 30.33 7.51
N THR D 57 -1.57 30.31 6.40
CA THR D 57 -1.04 29.05 5.90
C THR D 57 0.25 28.74 6.64
N PRO D 58 0.41 27.49 7.10
CA PRO D 58 1.64 27.10 7.78
C PRO D 58 2.76 26.72 6.82
N PRO D 59 4.02 26.83 7.27
CA PRO D 59 5.15 26.58 6.41
C PRO D 59 5.18 25.16 5.90
N PRO D 60 5.71 24.96 4.67
CA PRO D 60 5.81 23.61 4.14
C PRO D 60 6.61 22.72 5.09
N GLY D 61 6.26 21.43 5.12
CA GLY D 61 6.86 20.48 6.04
C GLY D 61 6.06 20.28 7.31
N THR D 62 4.89 20.90 7.39
CA THR D 62 4.01 20.72 8.53
C THR D 62 3.10 19.55 8.28
N ARG D 63 2.80 18.82 9.36
CA ARG D 63 2.11 17.57 9.28
C ARG D 63 0.98 17.56 10.31
N VAL D 64 -0.03 16.73 10.08
CA VAL D 64 -1.11 16.59 11.02
C VAL D 64 -1.16 15.16 11.48
N ARG D 65 -1.13 14.99 12.80
CA ARG D 65 -1.26 13.67 13.35
C ARG D 65 -2.53 13.58 14.15
N ALA D 66 -3.02 12.35 14.22
CA ALA D 66 -4.23 12.01 14.86
C ALA D 66 -3.91 10.85 15.76
N MET D 67 -4.44 10.90 16.98
CA MET D 67 -4.14 9.94 18.00
C MET D 67 -5.33 9.80 18.95
N ALA D 68 -5.72 8.57 19.26
CA ALA D 68 -6.75 8.29 20.22
C ALA D 68 -6.19 8.13 21.62
N ILE D 69 -6.89 8.67 22.61
CA ILE D 69 -6.62 8.33 24.01
C ILE D 69 -7.97 8.11 24.70
N TYR D 70 -7.94 7.31 25.76
CA TYR D 70 -9.16 6.98 26.50
C TYR D 70 -9.54 8.22 27.26
N LYS D 71 -10.83 8.49 27.38
CA LYS D 71 -11.28 9.76 27.92
C LYS D 71 -11.17 9.76 29.46
N GLN D 72 -11.78 8.77 30.08
CA GLN D 72 -11.82 8.67 31.52
C GLN D 72 -10.41 8.62 32.08
N SER D 73 -10.24 9.17 33.28
CA SER D 73 -8.93 9.27 33.92
C SER D 73 -8.37 7.89 34.33
N GLN D 74 -9.25 6.97 34.69
CA GLN D 74 -8.83 5.63 35.10
C GLN D 74 -7.98 4.99 34.01
N HIS D 75 -8.45 5.18 32.77
CA HIS D 75 -7.93 4.44 31.62
C HIS D 75 -6.91 5.23 30.78
N MET D 76 -6.85 6.56 30.95
CA MET D 76 -6.00 7.41 30.11
C MET D 76 -4.66 6.81 29.82
N THR D 77 -4.05 6.29 30.88
CA THR D 77 -2.71 5.72 30.83
C THR D 77 -2.55 4.55 29.81
N GLU D 78 -3.60 3.76 29.61
CA GLU D 78 -3.55 2.62 28.66
C GLU D 78 -3.59 3.03 27.19
N VAL D 79 -2.83 2.30 26.40
CA VAL D 79 -2.70 2.61 24.96
C VAL D 79 -3.90 2.13 24.19
N VAL D 80 -4.39 2.95 23.26
CA VAL D 80 -5.60 2.60 22.51
C VAL D 80 -5.22 1.82 21.25
N ARG D 81 -5.59 0.53 21.25
CA ARG D 81 -5.32 -0.32 20.14
C ARG D 81 -6.59 -1.13 19.77
N ARG D 82 -6.54 -1.87 18.67
CA ARG D 82 -7.69 -2.64 18.25
C ARG D 82 -7.78 -3.93 19.01
N CYS D 83 -8.95 -4.55 18.95
CA CYS D 83 -9.22 -5.74 19.68
C CYS D 83 -8.57 -6.96 19.01
N PRO D 84 -8.35 -8.05 19.79
CA PRO D 84 -7.79 -9.26 19.24
C PRO D 84 -8.52 -9.77 18.02
N HIS D 85 -9.83 -9.67 17.99
CA HIS D 85 -10.57 -10.17 16.84
C HIS D 85 -10.13 -9.36 15.62
N HIS D 86 -10.20 -8.05 15.76
CA HIS D 86 -10.13 -7.18 14.62
C HIS D 86 -8.74 -7.04 14.06
N GLU D 87 -7.73 -7.28 14.88
CA GLU D 87 -6.35 -7.15 14.40
C GLU D 87 -5.99 -8.37 13.57
N ARG D 88 -6.62 -9.49 13.85
CA ARG D 88 -6.26 -10.75 13.23
C ARG D 88 -7.09 -11.00 11.97
N CYS D 89 -8.30 -10.48 11.92
CA CYS D 89 -9.06 -10.56 10.70
C CYS D 89 -8.38 -9.68 9.69
N SER D 90 -8.28 -10.16 8.47
CA SER D 90 -7.65 -9.41 7.36
C SER D 90 -8.67 -8.44 6.78
N ASP D 91 -8.40 -7.15 7.00
CA ASP D 91 -9.16 -6.07 6.40
C ASP D 91 -8.27 -4.89 6.01
N SER D 92 -6.95 -5.08 6.00
CA SER D 92 -6.01 -3.98 5.80
C SER D 92 -6.18 -3.39 4.40
N ASP D 93 -5.70 -2.16 4.22
CA ASP D 93 -5.67 -1.52 2.92
C ASP D 93 -4.25 -1.55 2.37
N GLY D 94 -3.46 -2.49 2.89
CA GLY D 94 -2.04 -2.55 2.60
C GLY D 94 -1.24 -1.69 3.57
N LEU D 95 -1.47 -0.38 3.50
CA LEU D 95 -0.67 0.58 4.25
C LEU D 95 -0.83 0.48 5.77
N ALA D 96 -2.07 0.37 6.20
CA ALA D 96 -2.39 0.45 7.61
C ALA D 96 -1.98 -0.85 8.32
N PRO D 97 -1.05 -0.77 9.32
CA PRO D 97 -0.84 -1.90 10.21
C PRO D 97 -2.17 -2.35 10.86
N PRO D 98 -2.36 -3.66 10.99
CA PRO D 98 -3.67 -4.14 11.41
C PRO D 98 -4.05 -3.75 12.86
N GLN D 99 -3.09 -3.43 13.70
CA GLN D 99 -3.35 -3.11 15.11
C GLN D 99 -3.84 -1.67 15.31
N HIS D 100 -3.47 -0.80 14.38
CA HIS D 100 -3.86 0.61 14.44
C HIS D 100 -5.37 0.84 14.32
N LEU D 101 -5.92 1.59 15.27
CA LEU D 101 -7.32 1.95 15.28
C LEU D 101 -7.67 2.99 14.24
N ILE D 102 -6.92 4.09 14.19
CA ILE D 102 -7.23 5.20 13.30
C ILE D 102 -6.38 5.12 12.07
N ARG D 103 -7.05 5.00 10.91
CA ARG D 103 -6.36 5.10 9.62
C ARG D 103 -6.90 6.26 8.81
N VAL D 104 -6.19 6.60 7.73
CA VAL D 104 -6.55 7.69 6.83
C VAL D 104 -6.80 7.15 5.46
N GLU D 105 -7.98 7.44 4.93
CA GLU D 105 -8.38 6.96 3.60
C GLU D 105 -7.81 7.86 2.49
N GLY D 106 -7.25 7.22 1.47
CA GLY D 106 -6.95 7.89 0.21
C GLY D 106 -5.95 9.03 0.29
N ASN D 107 -4.83 8.76 0.94
CA ASN D 107 -3.71 9.68 1.02
C ASN D 107 -2.44 8.88 1.03
N LEU D 108 -1.69 9.03 -0.05
CA LEU D 108 -0.60 8.13 -0.36
C LEU D 108 0.65 8.40 0.50
N ARG D 109 0.77 9.63 0.99
CA ARG D 109 1.92 10.03 1.81
C ARG D 109 1.73 9.79 3.31
N VAL D 110 0.70 9.01 3.66
CA VAL D 110 0.39 8.71 5.06
C VAL D 110 1.54 7.93 5.71
N GLU D 111 1.70 8.09 7.02
CA GLU D 111 2.66 7.29 7.81
C GLU D 111 1.96 6.86 9.09
N TYR D 112 2.09 5.59 9.45
CA TYR D 112 1.58 5.09 10.74
C TYR D 112 2.73 4.96 11.74
N LEU D 113 2.59 5.63 12.88
CA LEU D 113 3.69 5.79 13.82
C LEU D 113 3.41 5.18 15.18
N ASP D 114 4.49 4.91 15.87
CA ASP D 114 4.48 4.26 17.16
C ASP D 114 5.55 4.91 18.02
N ASP D 115 5.14 5.78 18.94
CA ASP D 115 6.09 6.57 19.74
C ASP D 115 6.98 5.72 20.66
N ARG D 116 8.28 5.87 20.49
CA ARG D 116 9.25 5.00 21.19
C ARG D 116 9.19 5.12 22.71
N ASN D 117 8.65 6.23 23.21
CA ASN D 117 8.55 6.43 24.64
C ASN D 117 7.20 6.05 25.19
N THR D 118 6.12 6.56 24.58
CA THR D 118 4.75 6.33 25.10
C THR D 118 4.13 5.05 24.56
N PHE D 119 4.53 4.66 23.36
CA PHE D 119 4.04 3.45 22.70
C PHE D 119 2.67 3.66 22.05
N ARG D 120 2.24 4.92 22.00
CA ARG D 120 0.92 5.22 21.47
C ARG D 120 1.03 5.11 19.96
N HIS D 121 -0.10 4.77 19.32
CA HIS D 121 -0.15 4.83 17.87
C HIS D 121 -0.67 6.19 17.46
N SER D 122 -0.30 6.57 16.25
CA SER D 122 -0.85 7.74 15.62
C SER D 122 -0.77 7.57 14.10
N VAL D 123 -1.48 8.43 13.38
CA VAL D 123 -1.37 8.47 11.94
C VAL D 123 -1.15 9.90 11.48
N VAL D 124 -0.04 10.12 10.79
CA VAL D 124 0.37 11.44 10.33
C VAL D 124 0.26 11.54 8.83
N VAL D 125 -0.20 12.68 8.35
CA VAL D 125 -0.15 13.02 6.91
C VAL D 125 0.33 14.46 6.77
N PRO D 126 1.10 14.74 5.73
CA PRO D 126 1.58 16.11 5.57
C PRO D 126 0.41 17.06 5.32
N TYR D 127 0.51 18.28 5.80
CA TYR D 127 -0.53 19.29 5.62
C TYR D 127 -0.49 19.74 4.17
N GLU D 128 -1.67 19.83 3.57
CA GLU D 128 -1.87 20.46 2.27
C GLU D 128 -2.82 21.63 2.52
N PRO D 129 -2.57 22.78 1.87
CA PRO D 129 -3.48 23.90 2.06
C PRO D 129 -4.77 23.63 1.32
N PRO D 130 -5.82 24.42 1.58
CA PRO D 130 -7.05 24.25 0.85
C PRO D 130 -6.81 24.36 -0.66
N GLU D 131 -7.54 23.60 -1.46
CA GLU D 131 -7.54 23.80 -2.91
C GLU D 131 -8.15 25.15 -3.21
N VAL D 132 -7.78 25.72 -4.36
CA VAL D 132 -8.20 27.09 -4.71
C VAL D 132 -9.73 27.18 -4.70
N GLY D 133 -10.24 28.22 -4.04
CA GLY D 133 -11.69 28.42 -3.88
C GLY D 133 -12.29 27.51 -2.84
N SER D 134 -11.46 27.05 -1.91
CA SER D 134 -11.92 26.25 -0.77
C SER D 134 -11.37 26.87 0.49
N ASP D 135 -12.09 26.67 1.57
CA ASP D 135 -11.74 27.30 2.83
C ASP D 135 -11.07 26.32 3.79
N CYS D 136 -11.06 25.02 3.47
CA CYS D 136 -10.52 24.03 4.38
C CYS D 136 -9.99 22.80 3.68
N THR D 137 -9.03 22.15 4.33
CA THR D 137 -8.49 20.87 3.90
C THR D 137 -9.24 19.83 4.67
N THR D 138 -9.68 18.77 4.01
CA THR D 138 -10.34 17.65 4.67
C THR D 138 -9.41 16.43 4.71
N ILE D 139 -9.49 15.70 5.82
CA ILE D 139 -8.89 14.39 5.93
C ILE D 139 -10.04 13.43 6.11
N HIS D 140 -9.92 12.25 5.52
CA HIS D 140 -10.90 11.21 5.65
C HIS D 140 -10.33 10.15 6.54
N TYR D 141 -10.69 10.22 7.81
CA TYR D 141 -10.29 9.17 8.76
C TYR D 141 -11.35 8.08 8.71
N ASN D 142 -11.01 6.90 9.23
CA ASN D 142 -12.02 5.95 9.68
C ASN D 142 -11.47 5.06 10.77
N TYR D 143 -12.33 4.66 11.70
CA TYR D 143 -11.93 3.98 12.94
C TYR D 143 -12.27 2.49 12.86
N MET D 144 -11.30 1.65 13.18
CA MET D 144 -11.34 0.24 12.80
C MET D 144 -11.76 -0.71 13.90
N CYS D 145 -12.45 -0.19 14.93
CA CYS D 145 -13.12 -1.01 15.94
C CYS D 145 -14.30 -0.27 16.52
N ASN D 146 -15.32 -1.03 16.91
CA ASN D 146 -16.39 -0.45 17.71
C ASN D 146 -15.92 -0.12 19.08
N SER D 147 -16.57 0.85 19.69
CA SER D 147 -16.25 1.28 21.03
C SER D 147 -16.46 0.14 22.02
N SER D 148 -17.38 -0.76 21.70
CA SER D 148 -17.75 -1.82 22.62
C SER D 148 -16.94 -3.08 22.41
N CYS D 149 -15.86 -3.00 21.64
CA CYS D 149 -15.15 -4.21 21.26
C CYS D 149 -14.53 -4.81 22.51
N MET D 150 -15.00 -6.00 22.88
CA MET D 150 -14.39 -6.81 23.92
C MET D 150 -12.93 -7.04 23.61
N GLY D 151 -12.04 -6.63 24.52
CA GLY D 151 -10.61 -6.82 24.33
C GLY D 151 -9.91 -5.59 23.79
N GLY D 152 -10.67 -4.60 23.36
CA GLY D 152 -10.08 -3.35 22.90
C GLY D 152 -10.60 -2.27 23.82
N MET D 153 -11.29 -1.32 23.27
CA MET D 153 -11.77 -0.20 24.05
C MET D 153 -12.80 -0.63 25.08
N ASN D 154 -13.36 -1.80 24.89
CA ASN D 154 -14.20 -2.44 25.90
C ASN D 154 -15.22 -1.52 26.57
N ARG D 155 -16.00 -0.84 25.74
CA ARG D 155 -17.05 0.11 26.16
C ARG D 155 -16.58 1.39 26.80
N ARG D 156 -15.28 1.69 26.72
CA ARG D 156 -14.77 2.95 27.26
C ARG D 156 -14.71 4.00 26.18
N PRO D 157 -15.21 5.21 26.45
CA PRO D 157 -15.15 6.25 25.45
C PRO D 157 -13.74 6.75 25.33
N ILE D 158 -13.44 7.24 24.14
CA ILE D 158 -12.13 7.78 23.80
C ILE D 158 -12.26 9.18 23.25
N LEU D 159 -11.12 9.84 23.17
CA LEU D 159 -10.94 11.13 22.54
C LEU D 159 -10.05 10.93 21.36
N THR D 160 -10.14 11.85 20.42
CA THR D 160 -9.28 11.88 19.26
C THR D 160 -8.66 13.24 19.26
N ILE D 161 -7.34 13.26 19.28
CA ILE D 161 -6.61 14.48 19.37
C ILE D 161 -5.95 14.67 18.05
N ILE D 162 -6.14 15.83 17.47
CA ILE D 162 -5.53 16.14 16.21
C ILE D 162 -4.58 17.27 16.48
N THR D 163 -3.31 17.06 16.13
CA THR D 163 -2.33 18.12 16.26
C THR D 163 -1.79 18.48 14.91
N LEU D 164 -1.28 19.70 14.87
CA LEU D 164 -0.63 20.28 13.75
C LEU D 164 0.78 20.49 14.25
N GLU D 165 1.74 19.90 13.53
CA GLU D 165 3.15 19.85 13.94
C GLU D 165 4.08 20.20 12.80
N ASP D 166 5.23 20.78 13.13
CA ASP D 166 6.22 21.07 12.09
C ASP D 166 7.03 19.81 11.83
N SER D 167 7.87 19.85 10.80
CA SER D 167 8.73 18.70 10.43
C SER D 167 9.43 18.13 11.63
N SER D 168 9.92 19.02 12.47
CA SER D 168 10.76 18.66 13.61
C SER D 168 9.98 18.06 14.77
N GLY D 169 8.66 18.06 14.67
CA GLY D 169 7.80 17.46 15.70
C GLY D 169 7.19 18.46 16.68
N ASN D 170 7.45 19.75 16.49
CA ASN D 170 6.92 20.78 17.38
C ASN D 170 5.44 21.01 17.19
N LEU D 171 4.80 21.45 18.27
CA LEU D 171 3.37 21.75 18.26
C LEU D 171 3.06 23.14 17.73
N LEU D 172 2.21 23.20 16.70
CA LEU D 172 1.70 24.46 16.13
C LEU D 172 0.23 24.70 16.45
N GLY D 173 -0.48 23.63 16.79
CA GLY D 173 -1.89 23.73 17.16
C GLY D 173 -2.46 22.38 17.49
N ARG D 174 -3.60 22.39 18.17
CA ARG D 174 -4.20 21.15 18.70
C ARG D 174 -5.69 21.32 18.85
N ASN D 175 -6.45 20.29 18.47
CA ASN D 175 -7.86 20.20 18.82
C ASN D 175 -8.23 18.76 19.14
N SER D 176 -9.43 18.55 19.65
CA SER D 176 -9.89 17.23 20.07
C SER D 176 -11.40 17.07 20.00
N PHE D 177 -11.85 15.82 19.89
CA PHE D 177 -13.28 15.53 19.96
C PHE D 177 -13.50 14.07 20.38
N GLU D 178 -14.55 13.84 21.17
CA GLU D 178 -14.88 12.49 21.65
C GLU D 178 -15.44 11.69 20.50
N VAL D 179 -15.18 10.39 20.51
CA VAL D 179 -15.67 9.50 19.45
C VAL D 179 -16.35 8.28 20.05
N ARG D 180 -17.44 7.91 19.38
CA ARG D 180 -18.15 6.71 19.68
C ARG D 180 -18.27 5.98 18.37
N VAL D 181 -17.66 4.81 18.30
CA VAL D 181 -17.81 3.96 17.16
C VAL D 181 -18.84 2.88 17.57
N CYS D 182 -19.89 2.77 16.74
CA CYS D 182 -21.01 1.94 17.04
C CYS D 182 -21.73 1.53 15.78
N ALA D 183 -22.63 0.55 15.88
CA ALA D 183 -23.38 0.07 14.73
C ALA D 183 -24.42 1.08 14.29
N CYS D 184 -25.10 1.71 15.26
CA CYS D 184 -26.16 2.65 14.97
C CYS D 184 -25.86 4.10 15.45
N PRO D 185 -25.06 4.84 14.68
CA PRO D 185 -24.82 6.26 14.99
C PRO D 185 -26.09 7.08 15.12
N GLY D 186 -27.00 6.91 14.17
CA GLY D 186 -28.30 7.59 14.23
C GLY D 186 -28.98 7.46 15.58
N ARG D 187 -29.20 6.22 16.02
CA ARG D 187 -29.87 5.93 17.29
C ARG D 187 -29.06 6.52 18.46
N ASP D 188 -27.77 6.17 18.49
CA ASP D 188 -26.91 6.52 19.61
C ASP D 188 -26.77 8.05 19.71
N TRP D 189 -26.81 8.73 18.56
CA TRP D 189 -26.80 10.19 18.50
C TRP D 189 -27.97 10.79 19.27
N ARG D 190 -29.18 10.39 18.89
CA ARG D 190 -30.41 10.93 19.46
C ARG D 190 -30.43 10.67 20.94
N THR D 191 -30.23 9.43 21.31
CA THR D 191 -30.32 9.04 22.70
C THR D 191 -29.51 9.94 23.60
N GLU D 192 -28.27 10.24 23.19
CA GLU D 192 -27.35 10.97 24.04
C GLU D 192 -27.72 12.43 24.14
N GLU D 193 -28.11 13.01 23.00
CA GLU D 193 -28.57 14.41 22.99
C GLU D 193 -29.86 14.57 23.73
N GLU D 194 -30.76 13.62 23.55
CA GLU D 194 -32.07 13.67 24.20
C GLU D 194 -31.96 13.39 25.70
N ASN D 195 -30.96 12.61 26.10
CA ASN D 195 -30.68 12.36 27.54
C ASN D 195 -30.08 13.57 28.22
N LEU D 196 -29.41 14.40 27.43
CA LEU D 196 -28.79 15.60 27.93
C LEU D 196 -29.79 16.69 28.32
N ARG D 197 -30.85 16.83 27.54
CA ARG D 197 -31.91 17.84 27.76
C ARG D 197 -32.55 17.70 29.13
N LYS D 198 -32.93 16.48 29.49
CA LYS D 198 -33.59 16.21 30.78
C LYS D 198 -32.70 16.62 31.96
N LYS D 199 -31.51 16.04 32.04
CA LYS D 199 -30.57 16.24 33.14
C LYS D 199 -30.39 17.74 33.46
N SER E 2 7.60 32.58 -35.64
CA SER E 2 8.81 32.92 -36.42
C SER E 2 9.68 33.99 -35.72
N SER E 3 9.92 33.80 -34.42
CA SER E 3 10.69 34.76 -33.62
C SER E 3 11.57 34.05 -32.60
N VAL E 4 12.88 34.16 -32.81
CA VAL E 4 13.87 33.67 -31.87
C VAL E 4 14.49 34.90 -31.23
N PRO E 5 14.60 34.90 -29.89
CA PRO E 5 15.20 36.02 -29.19
C PRO E 5 16.58 36.33 -29.72
N SER E 6 16.94 37.60 -29.69
CA SER E 6 18.27 38.01 -30.11
C SER E 6 19.29 37.38 -29.19
N GLN E 7 20.41 37.02 -29.77
CA GLN E 7 21.52 36.45 -29.04
C GLN E 7 22.68 37.47 -28.97
N LYS E 8 22.48 38.66 -29.54
CA LYS E 8 23.61 39.60 -29.73
C LYS E 8 24.09 40.23 -28.44
N THR E 9 25.39 40.16 -28.24
CA THR E 9 26.02 40.83 -27.14
C THR E 9 25.78 42.33 -27.29
N TYR E 10 25.45 42.97 -26.16
CA TYR E 10 25.17 44.38 -26.13
C TYR E 10 25.42 44.87 -24.70
N GLN E 11 26.58 45.49 -24.51
CA GLN E 11 27.03 45.95 -23.20
C GLN E 11 26.26 47.15 -22.75
N GLY E 12 25.61 47.84 -23.69
CA GLY E 12 24.71 48.94 -23.38
C GLY E 12 25.43 50.12 -22.77
N SER E 13 24.66 51.07 -22.26
CA SER E 13 25.20 52.33 -21.73
C SER E 13 25.54 52.25 -20.26
N TYR E 14 25.30 51.10 -19.65
CA TYR E 14 25.71 50.84 -18.28
C TYR E 14 26.89 49.83 -18.20
N GLY E 15 27.47 49.49 -19.36
CA GLY E 15 28.57 48.56 -19.41
C GLY E 15 28.28 47.20 -18.78
N PHE E 16 27.23 46.56 -19.24
CA PHE E 16 26.79 45.27 -18.74
C PHE E 16 27.69 44.21 -19.30
N ARG E 17 28.37 43.50 -18.40
CA ARG E 17 29.26 42.40 -18.73
C ARG E 17 28.98 41.27 -17.75
N LEU E 18 29.40 40.07 -18.10
CA LEU E 18 29.29 38.89 -17.25
C LEU E 18 30.63 38.33 -16.79
N GLY E 19 30.67 37.80 -15.55
CA GLY E 19 31.87 37.17 -14.98
C GLY E 19 31.55 35.81 -14.40
N PHE E 20 32.56 34.97 -14.21
CA PHE E 20 32.39 33.61 -13.67
C PHE E 20 33.54 33.27 -12.73
N LEU E 21 33.29 32.44 -11.74
CA LEU E 21 34.33 32.03 -10.78
C LEU E 21 35.31 31.07 -11.42
N HIS E 22 36.51 31.56 -11.69
CA HIS E 22 37.55 30.75 -12.29
C HIS E 22 38.10 29.77 -11.29
N SER E 23 37.70 28.50 -11.45
CA SER E 23 38.17 27.38 -10.64
C SER E 23 38.83 26.39 -11.63
N GLY E 24 38.82 25.09 -11.32
CA GLY E 24 39.30 24.03 -12.20
C GLY E 24 40.51 23.27 -11.73
N THR E 25 41.06 23.64 -10.56
CA THR E 25 42.28 23.01 -9.99
C THR E 25 42.04 21.57 -9.53
N ALA E 26 40.80 21.09 -9.66
CA ALA E 26 40.44 19.72 -9.32
C ALA E 26 40.03 18.97 -10.60
N LYS E 27 39.64 17.72 -10.43
CA LYS E 27 39.00 16.93 -11.48
C LYS E 27 37.51 16.70 -11.21
N SER E 28 37.18 16.40 -9.95
CA SER E 28 35.79 16.28 -9.50
C SER E 28 35.16 17.65 -9.36
N VAL E 29 34.99 18.32 -10.48
CA VAL E 29 34.46 19.69 -10.47
C VAL E 29 32.98 19.63 -10.81
N THR E 30 32.24 20.54 -10.21
CA THR E 30 30.79 20.58 -10.35
C THR E 30 30.32 21.64 -11.34
N CYS E 31 31.02 22.76 -11.38
CA CYS E 31 30.67 23.83 -12.27
C CYS E 31 31.94 24.54 -12.68
N THR E 32 32.12 24.73 -13.98
CA THR E 32 33.29 25.40 -14.50
C THR E 32 32.98 26.18 -15.77
N TYR E 33 33.81 27.17 -16.08
CA TYR E 33 33.63 28.02 -17.24
C TYR E 33 34.87 27.99 -18.15
N SER E 34 34.64 27.87 -19.46
CA SER E 34 35.72 27.83 -20.45
C SER E 34 35.69 29.10 -21.26
N PRO E 35 36.53 30.08 -20.88
CA PRO E 35 36.61 31.34 -21.62
C PRO E 35 36.86 31.14 -23.12
N ALA E 36 37.55 30.07 -23.50
CA ALA E 36 37.88 29.89 -24.89
C ALA E 36 36.61 29.61 -25.67
N LEU E 37 35.80 28.74 -25.08
CA LEU E 37 34.58 28.26 -25.70
C LEU E 37 33.39 29.16 -25.36
N ASN E 38 33.61 30.10 -24.43
CA ASN E 38 32.53 30.88 -23.79
C ASN E 38 31.40 29.97 -23.39
N LYS E 39 31.75 28.88 -22.71
CA LYS E 39 30.80 27.84 -22.37
C LYS E 39 30.99 27.42 -20.91
N MET E 40 29.86 27.15 -20.28
CA MET E 40 29.81 26.70 -18.90
C MET E 40 29.48 25.22 -18.86
N PHE E 41 30.15 24.51 -17.95
CA PHE E 41 30.00 23.09 -17.80
C PHE E 41 29.52 22.83 -16.39
N CYS E 42 28.30 22.34 -16.32
CA CYS E 42 27.54 22.41 -15.13
C CYS E 42 26.91 21.06 -14.94
N GLN E 43 26.89 20.63 -13.70
CA GLN E 43 26.20 19.42 -13.32
C GLN E 43 24.70 19.74 -13.12
N LEU E 44 23.87 18.71 -13.05
CA LEU E 44 22.41 18.90 -13.03
C LEU E 44 21.96 19.38 -11.66
N ALA E 45 21.22 20.49 -11.65
CA ALA E 45 20.65 21.04 -10.42
C ALA E 45 21.73 21.53 -9.47
N LYS E 46 22.92 21.81 -10.01
CA LYS E 46 24.02 22.32 -9.20
C LYS E 46 24.11 23.80 -9.34
N THR E 47 24.10 24.46 -8.19
CA THR E 47 24.21 25.90 -8.10
C THR E 47 25.49 26.35 -8.77
N CYS E 48 25.36 27.36 -9.63
CA CYS E 48 26.52 27.92 -10.28
C CYS E 48 26.40 29.40 -10.42
N PRO E 49 27.38 30.12 -9.88
CA PRO E 49 27.31 31.54 -9.82
C PRO E 49 27.64 32.16 -11.15
N VAL E 50 26.75 33.05 -11.60
CA VAL E 50 27.04 34.01 -12.65
C VAL E 50 26.99 35.37 -12.00
N GLN E 51 27.91 36.23 -12.39
CA GLN E 51 28.04 37.52 -11.78
C GLN E 51 27.93 38.60 -12.84
N LEU E 52 27.25 39.68 -12.46
CA LEU E 52 26.94 40.83 -13.29
C LEU E 52 27.89 42.00 -12.95
N TRP E 53 28.47 42.59 -13.99
CA TRP E 53 29.35 43.73 -13.87
C TRP E 53 28.80 44.89 -14.69
N VAL E 54 28.89 46.09 -14.13
CA VAL E 54 28.32 47.28 -14.72
C VAL E 54 29.25 48.45 -14.47
N ASP E 55 29.51 49.27 -15.49
CA ASP E 55 30.31 50.48 -15.32
C ASP E 55 29.55 51.45 -14.44
N SER E 56 28.27 51.66 -14.74
CA SER E 56 27.42 52.53 -13.94
C SER E 56 26.26 51.75 -13.34
N THR E 57 25.68 52.27 -12.27
CA THR E 57 24.55 51.60 -11.64
C THR E 57 23.29 51.95 -12.40
N PRO E 58 22.46 50.94 -12.73
CA PRO E 58 21.19 51.17 -13.39
C PRO E 58 20.07 51.60 -12.44
N PRO E 59 19.04 52.30 -12.96
CA PRO E 59 17.98 52.87 -12.13
C PRO E 59 17.19 51.78 -11.43
N PRO E 60 16.68 52.09 -10.23
CA PRO E 60 15.86 51.09 -9.53
C PRO E 60 14.70 50.65 -10.41
N GLY E 61 14.29 49.41 -10.25
CA GLY E 61 13.22 48.82 -11.04
C GLY E 61 13.73 48.06 -12.24
N THR E 62 15.05 47.93 -12.33
CA THR E 62 15.66 47.12 -13.40
C THR E 62 15.77 45.67 -12.96
N ARG E 63 15.60 44.77 -13.91
CA ARG E 63 15.49 43.36 -13.62
C ARG E 63 16.39 42.60 -14.58
N VAL E 64 16.79 41.39 -14.18
CA VAL E 64 17.61 40.55 -15.04
C VAL E 64 16.88 39.25 -15.31
N ARG E 65 16.73 38.94 -16.60
CA ARG E 65 16.08 37.71 -16.97
C ARG E 65 17.06 36.84 -17.68
N ALA E 66 16.79 35.54 -17.57
CA ALA E 66 17.62 34.50 -18.06
C ALA E 66 16.73 33.55 -18.81
N MET E 67 17.22 33.12 -19.97
CA MET E 67 16.40 32.36 -20.91
C MET E 67 17.33 31.48 -21.74
N ALA E 68 16.98 30.20 -21.87
CA ALA E 68 17.68 29.30 -22.73
C ALA E 68 17.09 29.30 -24.13
N ILE E 69 17.95 29.24 -25.13
CA ILE E 69 17.52 28.84 -26.48
C ILE E 69 18.54 27.84 -27.06
N TYR E 70 18.09 27.03 -28.01
CA TYR E 70 18.94 26.02 -28.60
C TYR E 70 19.90 26.74 -29.46
N LYS E 71 21.13 26.25 -29.53
CA LYS E 71 22.20 26.99 -30.22
C LYS E 71 22.10 26.83 -31.75
N GLN E 72 22.05 25.59 -32.20
CA GLN E 72 22.01 25.29 -33.62
C GLN E 72 20.78 25.90 -34.27
N SER E 73 20.92 26.28 -35.54
CA SER E 73 19.87 26.99 -36.27
C SER E 73 18.66 26.10 -36.52
N GLN E 74 18.92 24.80 -36.72
CA GLN E 74 17.86 23.83 -36.98
C GLN E 74 16.82 23.90 -35.88
N HIS E 75 17.33 23.99 -34.65
CA HIS E 75 16.52 23.84 -33.46
C HIS E 75 16.09 25.14 -32.79
N MET E 76 16.74 26.26 -33.13
CA MET E 76 16.45 27.52 -32.45
C MET E 76 15.00 27.75 -32.18
N THR E 77 14.21 27.50 -33.21
CA THR E 77 12.77 27.73 -33.19
C THR E 77 12.03 26.98 -32.06
N GLU E 78 12.51 25.80 -31.68
CA GLU E 78 11.87 24.99 -30.61
C GLU E 78 12.13 25.52 -29.19
N VAL E 79 11.11 25.44 -28.37
CA VAL E 79 11.20 25.95 -27.01
C VAL E 79 12.01 25.01 -26.14
N VAL E 80 12.86 25.57 -25.29
CA VAL E 80 13.66 24.76 -24.38
C VAL E 80 12.94 24.47 -23.04
N ARG E 81 12.55 23.21 -22.86
CA ARG E 81 11.81 22.76 -21.68
C ARG E 81 12.49 21.53 -21.12
N ARG E 82 12.07 21.10 -19.94
CA ARG E 82 12.62 19.93 -19.36
C ARG E 82 11.99 18.69 -19.95
N CYS E 83 12.66 17.57 -19.74
CA CYS E 83 12.23 16.32 -20.31
C CYS E 83 11.02 15.75 -19.53
N PRO E 84 10.25 14.85 -20.16
CA PRO E 84 9.12 14.22 -19.49
C PRO E 84 9.46 13.59 -18.17
N HIS E 85 10.62 12.97 -18.06
CA HIS E 85 10.95 12.32 -16.80
C HIS E 85 11.04 13.40 -15.74
N HIS E 86 11.82 14.41 -16.04
CA HIS E 86 12.23 15.36 -15.01
C HIS E 86 11.14 16.30 -14.59
N GLU E 87 10.15 16.54 -15.45
CA GLU E 87 9.06 17.48 -15.10
C GLU E 87 8.12 16.81 -14.16
N ARG E 88 8.02 15.50 -14.27
CA ARG E 88 7.04 14.75 -13.51
C ARG E 88 7.62 14.28 -12.16
N CYS E 89 8.91 14.05 -12.10
CA CYS E 89 9.54 13.75 -10.82
C CYS E 89 9.47 15.01 -10.00
N SER E 90 9.11 14.86 -8.73
CA SER E 90 8.94 16.00 -7.82
C SER E 90 10.29 16.37 -7.23
N ASP E 91 10.78 17.52 -7.65
CA ASP E 91 12.03 18.09 -7.12
C ASP E 91 11.92 19.60 -6.97
N SER E 92 10.70 20.14 -7.05
CA SER E 92 10.51 21.59 -7.04
C SER E 92 10.96 22.18 -5.72
N ASP E 93 11.20 23.48 -5.74
CA ASP E 93 11.55 24.22 -4.52
C ASP E 93 10.35 25.04 -4.10
N GLY E 94 9.17 24.62 -4.56
CA GLY E 94 7.95 25.37 -4.35
C GLY E 94 7.74 26.37 -5.45
N LEU E 95 8.65 27.35 -5.52
CA LEU E 95 8.53 28.50 -6.45
C LEU E 95 8.62 28.09 -7.93
N ALA E 96 9.60 27.26 -8.26
CA ALA E 96 9.89 26.93 -9.65
C ALA E 96 8.88 25.96 -10.24
N PRO E 97 8.17 26.36 -11.34
CA PRO E 97 7.32 25.42 -12.09
C PRO E 97 8.15 24.28 -12.60
N PRO E 98 7.59 23.08 -12.58
CA PRO E 98 8.47 21.90 -12.75
C PRO E 98 9.02 21.80 -14.17
N GLN E 99 8.38 22.46 -15.12
CA GLN E 99 8.82 22.35 -16.50
C GLN E 99 9.98 23.24 -16.84
N HIS E 100 10.12 24.32 -16.08
CA HIS E 100 11.19 25.26 -16.29
C HIS E 100 12.57 24.66 -16.09
N LEU E 101 13.42 24.84 -17.10
CA LEU E 101 14.80 24.37 -17.03
C LEU E 101 15.69 25.20 -16.09
N ILE E 102 15.65 26.52 -16.23
CA ILE E 102 16.51 27.39 -15.47
C ILE E 102 15.74 27.95 -14.28
N ARG E 103 16.26 27.67 -13.08
CA ARG E 103 15.75 28.35 -11.86
C ARG E 103 16.84 29.12 -11.17
N VAL E 104 16.42 29.95 -10.21
CA VAL E 104 17.34 30.82 -9.43
C VAL E 104 17.31 30.47 -7.96
N GLU E 105 18.47 30.13 -7.40
CA GLU E 105 18.56 29.66 -6.03
C GLU E 105 18.57 30.87 -5.09
N GLY E 106 17.76 30.79 -4.03
CA GLY E 106 17.91 31.69 -2.88
C GLY E 106 17.71 33.15 -3.17
N ASN E 107 16.62 33.45 -3.87
CA ASN E 107 16.20 34.81 -4.12
C ASN E 107 14.69 34.82 -4.12
N LEU E 108 14.15 35.51 -3.13
CA LEU E 108 12.74 35.45 -2.81
C LEU E 108 11.92 36.23 -3.79
N ARG E 109 12.53 37.22 -4.41
CA ARG E 109 11.84 38.13 -5.31
C ARG E 109 11.77 37.61 -6.75
N VAL E 110 12.10 36.33 -6.94
CA VAL E 110 12.14 35.67 -8.26
C VAL E 110 10.73 35.52 -8.87
N GLU E 111 10.66 35.57 -10.21
CA GLU E 111 9.43 35.31 -10.94
C GLU E 111 9.74 34.41 -12.13
N TYR E 112 8.92 33.37 -12.34
CA TYR E 112 9.05 32.49 -13.51
C TYR E 112 8.01 32.84 -14.57
N LEU E 113 8.47 33.14 -15.77
CA LEU E 113 7.62 33.70 -16.80
C LEU E 113 7.48 32.80 -18.00
N ASP E 114 6.34 32.86 -18.66
CA ASP E 114 6.03 31.99 -19.78
C ASP E 114 5.32 32.86 -20.82
N ASP E 115 6.05 33.27 -21.86
CA ASP E 115 5.57 34.29 -22.79
C ASP E 115 4.34 33.79 -23.58
N ARG E 116 3.24 34.55 -23.49
CA ARG E 116 1.97 34.15 -24.07
C ARG E 116 2.04 34.01 -25.59
N ASN E 117 3.02 34.62 -26.23
CA ASN E 117 3.15 34.53 -27.67
C ASN E 117 4.16 33.48 -28.12
N THR E 118 5.37 33.53 -27.56
CA THR E 118 6.45 32.62 -27.98
C THR E 118 6.40 31.30 -27.22
N PHE E 119 5.91 31.34 -25.99
CA PHE E 119 5.82 30.17 -25.10
C PHE E 119 7.17 29.84 -24.46
N ARG E 120 8.14 30.74 -24.61
CA ARG E 120 9.47 30.50 -24.07
C ARG E 120 9.38 30.68 -22.56
N HIS E 121 10.23 29.99 -21.82
CA HIS E 121 10.34 30.26 -20.39
C HIS E 121 11.47 31.22 -20.14
N SER E 122 11.36 31.91 -19.03
CA SER E 122 12.46 32.67 -18.48
C SER E 122 12.34 32.81 -16.97
N VAL E 123 13.40 33.25 -16.33
CA VAL E 123 13.35 33.53 -14.92
C VAL E 123 13.97 34.89 -14.65
N VAL E 124 13.16 35.78 -14.08
CA VAL E 124 13.55 37.17 -13.81
C VAL E 124 13.74 37.39 -12.30
N VAL E 125 14.74 38.17 -11.95
CA VAL E 125 14.90 38.69 -10.59
C VAL E 125 15.28 40.16 -10.68
N PRO E 126 14.81 40.96 -9.70
CA PRO E 126 15.18 42.37 -9.75
C PRO E 126 16.69 42.55 -9.56
N TYR E 127 17.28 43.55 -10.21
CA TYR E 127 18.70 43.84 -10.08
C TYR E 127 18.96 44.44 -8.71
N GLU E 128 20.01 43.97 -8.07
CA GLU E 128 20.55 44.58 -6.86
C GLU E 128 21.97 45.01 -7.22
N PRO E 129 22.40 46.20 -6.74
CA PRO E 129 23.78 46.60 -7.00
C PRO E 129 24.71 45.77 -6.15
N PRO E 130 26.01 45.80 -6.46
CA PRO E 130 26.96 45.10 -5.61
C PRO E 130 26.84 45.51 -4.15
N GLU E 131 27.01 44.56 -3.24
CA GLU E 131 27.13 44.89 -1.82
C GLU E 131 28.40 45.69 -1.61
N VAL E 132 28.40 46.50 -0.55
CA VAL E 132 29.52 47.43 -0.32
C VAL E 132 30.84 46.64 -0.23
N GLY E 133 31.86 47.13 -0.93
CA GLY E 133 33.16 46.47 -1.00
C GLY E 133 33.15 45.27 -1.94
N SER E 134 32.21 45.27 -2.89
CA SER E 134 32.14 44.26 -3.93
C SER E 134 32.00 44.93 -5.30
N ASP E 135 32.48 44.25 -6.32
CA ASP E 135 32.51 44.81 -7.66
C ASP E 135 31.40 44.25 -8.54
N CYS E 136 30.67 43.22 -8.06
CA CYS E 136 29.65 42.57 -8.87
C CYS E 136 28.55 41.98 -8.05
N THR E 137 27.38 41.89 -8.67
CA THR E 137 26.24 41.14 -8.12
C THR E 137 26.25 39.75 -8.71
N THR E 138 26.04 38.75 -7.87
CA THR E 138 25.99 37.35 -8.33
C THR E 138 24.56 36.84 -8.27
N ILE E 139 24.21 36.03 -9.27
CA ILE E 139 22.99 35.24 -9.26
C ILE E 139 23.44 33.78 -9.23
N HIS E 140 22.68 32.95 -8.51
CA HIS E 140 22.95 31.56 -8.45
C HIS E 140 21.89 30.86 -9.24
N TYR E 141 22.21 30.54 -10.47
CA TYR E 141 21.30 29.75 -11.29
C TYR E 141 21.60 28.28 -11.08
N ASN E 142 20.66 27.42 -11.45
CA ASN E 142 20.98 26.03 -11.68
C ASN E 142 20.02 25.43 -12.69
N TYR E 143 20.51 24.46 -13.49
CA TYR E 143 19.80 23.94 -14.65
C TYR E 143 19.30 22.54 -14.34
N MET E 144 18.02 22.31 -14.59
CA MET E 144 17.29 21.17 -14.04
C MET E 144 17.13 19.97 -14.98
N CYS E 145 17.95 19.92 -16.05
CA CYS E 145 18.07 18.74 -16.90
C CYS E 145 19.49 18.61 -17.47
N ASN E 146 19.94 17.38 -17.66
CA ASN E 146 21.13 17.16 -18.48
C ASN E 146 20.87 17.53 -19.93
N SER E 147 21.95 17.90 -20.63
CA SER E 147 21.88 18.22 -22.04
C SER E 147 21.46 17.02 -22.84
N SER E 148 21.78 15.82 -22.35
CA SER E 148 21.52 14.61 -23.08
C SER E 148 20.16 14.01 -22.81
N CYS E 149 19.26 14.74 -22.15
CA CYS E 149 18.00 14.14 -21.74
C CYS E 149 17.23 13.75 -23.04
N MET E 150 16.53 12.64 -22.94
CA MET E 150 15.86 12.03 -24.06
C MET E 150 14.41 12.43 -24.15
N GLY E 151 14.07 13.38 -23.32
CA GLY E 151 12.77 13.99 -23.41
C GLY E 151 12.80 15.48 -23.63
N GLY E 152 14.01 16.00 -23.77
CA GLY E 152 14.20 17.42 -23.70
C GLY E 152 15.19 17.89 -24.71
N MET E 153 16.31 18.41 -24.22
CA MET E 153 17.32 18.97 -25.10
C MET E 153 17.95 17.92 -26.02
N ASN E 154 17.80 16.65 -25.64
CA ASN E 154 18.15 15.52 -26.51
C ASN E 154 19.49 15.65 -27.22
N ARG E 155 20.50 15.92 -26.43
CA ARG E 155 21.91 16.11 -26.86
C ARG E 155 22.21 17.37 -27.65
N ARG E 156 21.26 18.30 -27.74
CA ARG E 156 21.52 19.52 -28.49
C ARG E 156 22.05 20.56 -27.54
N PRO E 157 23.12 21.25 -27.93
CA PRO E 157 23.59 22.34 -27.11
C PRO E 157 22.67 23.54 -27.14
N ILE E 158 22.71 24.30 -26.04
CA ILE E 158 21.91 25.49 -25.85
C ILE E 158 22.76 26.66 -25.48
N LEU E 159 22.15 27.83 -25.56
CA LEU E 159 22.72 29.07 -25.11
C LEU E 159 21.88 29.55 -23.98
N THR E 160 22.48 30.38 -23.13
CA THR E 160 21.77 31.05 -22.07
C THR E 160 21.96 32.50 -22.28
N ILE E 161 20.85 33.22 -22.38
CA ILE E 161 20.88 34.63 -22.68
C ILE E 161 20.45 35.34 -21.42
N ILE E 162 21.24 36.31 -21.00
CA ILE E 162 20.93 37.06 -19.85
C ILE E 162 20.72 38.49 -20.32
N THR E 163 19.55 39.05 -20.03
CA THR E 163 19.29 40.44 -20.33
C THR E 163 19.03 41.23 -19.09
N LEU E 164 19.29 42.51 -19.23
CA LEU E 164 19.13 43.50 -18.22
C LEU E 164 18.09 44.42 -18.81
N GLU E 165 16.98 44.55 -18.08
CA GLU E 165 15.74 45.20 -18.58
C GLU E 165 15.18 46.16 -17.55
N ASP E 166 14.57 47.26 -18.01
CA ASP E 166 13.96 48.22 -17.08
C ASP E 166 12.57 47.75 -16.71
N SER E 167 11.96 48.42 -15.73
CA SER E 167 10.59 48.13 -15.30
C SER E 167 9.63 48.00 -16.47
N SER E 168 9.79 48.92 -17.43
CA SER E 168 8.91 49.02 -18.59
C SER E 168 9.12 47.91 -19.64
N GLY E 169 10.15 47.08 -19.46
CA GLY E 169 10.41 45.94 -20.34
C GLY E 169 11.49 46.19 -21.38
N ASN E 170 12.07 47.40 -21.38
CA ASN E 170 13.13 47.76 -22.34
C ASN E 170 14.44 47.06 -22.09
N LEU E 171 15.18 46.86 -23.16
CA LEU E 171 16.53 46.27 -23.12
C LEU E 171 17.57 47.31 -22.75
N LEU E 172 18.34 47.05 -21.70
CA LEU E 172 19.46 47.89 -21.27
C LEU E 172 20.79 47.22 -21.53
N GLY E 173 20.77 45.89 -21.69
CA GLY E 173 21.99 45.16 -21.99
C GLY E 173 21.74 43.69 -22.09
N ARG E 174 22.69 42.96 -22.71
CA ARG E 174 22.46 41.54 -23.03
C ARG E 174 23.79 40.85 -23.13
N ASN E 175 23.87 39.63 -22.59
CA ASN E 175 25.02 38.78 -22.82
C ASN E 175 24.55 37.35 -22.91
N SER E 176 25.47 36.46 -23.29
CA SER E 176 25.13 35.05 -23.50
C SER E 176 26.31 34.12 -23.33
N PHE E 177 26.01 32.87 -23.04
CA PHE E 177 27.07 31.86 -22.97
C PHE E 177 26.47 30.47 -23.18
N GLU E 178 27.20 29.61 -23.86
CA GLU E 178 26.75 28.24 -24.13
C GLU E 178 26.80 27.43 -22.86
N VAL E 179 25.89 26.48 -22.72
CA VAL E 179 25.85 25.62 -21.55
C VAL E 179 25.75 24.15 -21.95
N ARG E 180 26.48 23.33 -21.18
CA ARG E 180 26.42 21.90 -21.27
C ARG E 180 26.16 21.41 -19.88
N VAL E 181 25.02 20.75 -19.71
CA VAL E 181 24.70 20.14 -18.46
C VAL E 181 24.96 18.65 -18.63
N CYS E 182 25.78 18.12 -17.75
CA CYS E 182 26.27 16.76 -17.87
C CYS E 182 26.65 16.21 -16.51
N ALA E 183 26.91 14.90 -16.46
CA ALA E 183 27.31 14.26 -15.22
C ALA E 183 28.77 14.57 -14.84
N CYS E 184 29.67 14.58 -15.83
CA CYS E 184 31.08 14.87 -15.62
C CYS E 184 31.58 16.18 -16.29
N PRO E 185 31.27 17.36 -15.69
CA PRO E 185 31.84 18.63 -16.17
C PRO E 185 33.36 18.61 -16.33
N GLY E 186 34.06 18.10 -15.31
CA GLY E 186 35.52 17.97 -15.38
C GLY E 186 35.99 17.32 -16.67
N ARG E 187 35.50 16.13 -16.93
CA ARG E 187 35.90 15.37 -18.12
C ARG E 187 35.51 16.12 -19.38
N ASP E 188 34.23 16.50 -19.45
CA ASP E 188 33.67 17.11 -20.65
C ASP E 188 34.35 18.46 -20.95
N TRP E 189 34.78 19.16 -19.90
CA TRP E 189 35.57 20.39 -20.02
C TRP E 189 36.86 20.16 -20.81
N ARG E 190 37.66 19.21 -20.34
CA ARG E 190 38.97 18.96 -20.90
C ARG E 190 38.81 18.51 -22.33
N THR E 191 37.95 17.52 -22.53
CA THR E 191 37.78 16.93 -23.86
C THR E 191 37.53 17.97 -24.93
N GLU E 192 36.69 18.95 -24.62
CA GLU E 192 36.30 19.94 -25.61
C GLU E 192 37.39 20.96 -25.89
N GLU E 193 38.07 21.39 -24.84
CA GLU E 193 39.20 22.30 -25.01
C GLU E 193 40.33 21.61 -25.73
N GLU E 194 40.60 20.36 -25.39
CA GLU E 194 41.70 19.61 -26.00
C GLU E 194 41.36 19.18 -27.44
N ASN E 195 40.08 19.01 -27.74
CA ASN E 195 39.64 18.76 -29.13
C ASN E 195 39.72 19.99 -30.02
N LEU E 196 39.66 21.15 -29.40
CA LEU E 196 39.72 22.42 -30.09
C LEU E 196 41.11 22.67 -30.70
N ARG E 197 42.14 22.29 -29.96
CA ARG E 197 43.53 22.47 -30.44
C ARG E 197 43.77 21.80 -31.78
N LYS E 198 43.39 20.54 -31.88
CA LYS E 198 43.65 19.72 -33.06
C LYS E 198 43.00 20.36 -34.30
N LYS E 199 41.69 20.58 -34.23
CA LYS E 199 40.91 21.17 -35.34
C LYS E 199 41.56 22.46 -35.85
N SER F 3 16.80 37.01 -0.52
CA SER F 3 17.94 36.07 -0.60
C SER F 3 18.31 35.37 0.81
N VAL F 4 19.58 35.35 1.24
CA VAL F 4 19.99 34.69 2.50
C VAL F 4 21.15 35.54 3.05
N PRO F 5 21.52 35.35 4.33
CA PRO F 5 22.29 36.40 4.97
C PRO F 5 23.63 36.70 4.34
N SER F 6 24.00 37.97 4.38
CA SER F 6 25.29 38.37 3.85
C SER F 6 26.38 37.75 4.67
N GLN F 7 27.44 37.38 3.99
CA GLN F 7 28.59 36.85 4.67
C GLN F 7 29.77 37.80 4.59
N LYS F 8 29.55 38.98 4.02
CA LYS F 8 30.66 39.91 3.77
C LYS F 8 31.29 40.57 5.01
N THR F 9 32.61 40.49 5.09
CA THR F 9 33.33 41.14 6.15
C THR F 9 33.11 42.64 6.03
N TYR F 10 32.88 43.27 7.18
CA TYR F 10 32.60 44.69 7.24
C TYR F 10 32.97 45.16 8.65
N GLN F 11 34.17 45.77 8.76
CA GLN F 11 34.71 46.21 10.03
C GLN F 11 34.01 47.43 10.57
N GLY F 12 33.29 48.14 9.67
CA GLY F 12 32.42 49.25 10.06
C GLY F 12 33.20 50.41 10.64
N SER F 13 32.50 51.36 11.21
CA SER F 13 33.11 52.59 11.69
C SER F 13 33.61 52.49 13.12
N TYR F 14 33.40 51.34 13.75
CA TYR F 14 33.88 51.08 15.10
C TYR F 14 35.04 50.07 15.07
N GLY F 15 35.51 49.74 13.86
CA GLY F 15 36.59 48.79 13.70
C GLY F 15 36.35 47.43 14.33
N PHE F 16 35.25 46.80 13.94
CA PHE F 16 34.85 45.51 14.48
C PHE F 16 35.70 44.45 13.84
N ARG F 17 36.46 43.75 14.68
CA ARG F 17 37.31 42.64 14.25
C ARG F 17 37.12 41.51 15.26
N LEU F 18 37.53 40.30 14.86
CA LEU F 18 37.43 39.12 15.72
C LEU F 18 38.80 38.55 16.07
N GLY F 19 38.93 38.00 17.28
CA GLY F 19 40.17 37.36 17.73
C GLY F 19 39.89 35.99 18.33
N PHE F 20 40.92 35.16 18.45
CA PHE F 20 40.78 33.80 18.99
C PHE F 20 41.98 33.45 19.83
N LEU F 21 41.79 32.67 20.88
CA LEU F 21 42.92 32.26 21.71
C LEU F 21 43.81 31.34 20.93
N HIS F 22 45.09 31.68 20.85
CA HIS F 22 46.04 30.80 20.17
C HIS F 22 46.85 29.91 21.08
N SER F 23 46.38 28.68 21.21
CA SER F 23 47.14 27.65 21.86
C SER F 23 46.91 26.30 21.17
N GLY F 24 47.99 25.74 20.68
CA GLY F 24 47.93 24.41 20.00
C GLY F 24 49.06 23.50 20.39
N THR F 25 49.64 23.81 21.54
CA THR F 25 50.87 23.19 22.02
C THR F 25 50.66 21.74 22.48
N ALA F 26 49.42 21.25 22.41
CA ALA F 26 49.11 19.87 22.71
C ALA F 26 48.59 19.17 21.45
N LYS F 27 48.22 17.89 21.60
CA LYS F 27 47.49 17.14 20.58
C LYS F 27 46.03 16.91 20.97
N SER F 28 45.81 16.60 22.25
CA SER F 28 44.48 16.59 22.85
C SER F 28 43.97 18.01 22.98
N VAL F 29 43.60 18.57 21.84
CA VAL F 29 43.07 19.92 21.75
C VAL F 29 41.55 19.89 21.63
N THR F 30 40.85 20.77 22.33
CA THR F 30 39.40 20.80 22.33
C THR F 30 38.84 21.86 21.39
N CYS F 31 39.53 22.99 21.30
CA CYS F 31 39.11 24.06 20.46
C CYS F 31 40.34 24.80 19.96
N THR F 32 40.42 25.00 18.65
CA THR F 32 41.55 25.67 18.05
C THR F 32 41.14 26.47 16.80
N TYR F 33 41.95 27.45 16.42
CA TYR F 33 41.67 28.29 15.28
C TYR F 33 42.83 28.29 14.27
N SER F 34 42.50 28.17 12.98
CA SER F 34 43.49 28.12 11.92
C SER F 34 43.42 29.37 11.11
N PRO F 35 44.27 30.34 11.42
CA PRO F 35 44.30 31.60 10.66
C PRO F 35 44.41 31.41 9.15
N ALA F 36 45.05 30.33 8.72
CA ALA F 36 45.30 30.18 7.30
C ALA F 36 43.98 29.89 6.60
N LEU F 37 43.20 29.04 7.25
CA LEU F 37 41.94 28.57 6.73
C LEU F 37 40.78 29.46 7.17
N ASN F 38 41.08 30.40 8.08
CA ASN F 38 40.05 31.17 8.81
C ASN F 38 38.96 30.25 9.27
N LYS F 39 39.37 29.16 9.93
CA LYS F 39 38.44 28.12 10.38
C LYS F 39 38.74 27.70 11.82
N MET F 40 37.66 27.43 12.54
CA MET F 40 37.73 26.98 13.90
C MET F 40 37.44 25.49 13.95
N PHE F 41 38.17 24.77 14.80
CA PHE F 41 38.03 23.34 14.97
C PHE F 41 37.63 23.09 16.41
N CYS F 42 36.41 22.62 16.59
CA CYS F 42 35.74 22.69 17.86
C CYS F 42 35.09 21.35 18.11
N GLN F 43 35.18 20.90 19.35
CA GLN F 43 34.55 19.66 19.79
C GLN F 43 33.10 19.97 20.13
N LEU F 44 32.28 18.95 20.24
CA LEU F 44 30.82 19.13 20.34
C LEU F 44 30.47 19.61 21.74
N ALA F 45 29.75 20.71 21.82
CA ALA F 45 29.27 21.25 23.10
C ALA F 45 30.42 21.72 23.97
N LYS F 46 31.57 21.99 23.35
CA LYS F 46 32.73 22.49 24.08
C LYS F 46 32.82 23.98 23.94
N THR F 47 32.92 24.63 25.09
CA THR F 47 33.05 26.07 25.19
C THR F 47 34.26 26.52 24.40
N CYS F 48 34.07 27.53 23.55
CA CYS F 48 35.17 28.10 22.82
C CYS F 48 35.04 29.59 22.69
N PRO F 49 36.08 30.31 23.17
CA PRO F 49 36.02 31.73 23.25
C PRO F 49 36.25 32.36 21.90
N VAL F 50 35.33 33.24 21.55
CA VAL F 50 35.53 34.21 20.47
C VAL F 50 35.56 35.53 21.16
N GLN F 51 36.46 36.40 20.69
CA GLN F 51 36.65 37.71 21.29
C GLN F 51 36.45 38.80 20.23
N LEU F 52 35.82 39.88 20.68
CA LEU F 52 35.43 41.03 19.89
C LEU F 52 36.42 42.18 20.14
N TRP F 53 36.91 42.79 19.06
CA TRP F 53 37.80 43.93 19.11
C TRP F 53 37.17 45.08 18.35
N VAL F 54 37.30 46.29 18.92
CA VAL F 54 36.71 47.48 18.39
C VAL F 54 37.64 48.65 18.59
N ASP F 55 37.79 49.49 17.56
CA ASP F 55 38.63 50.68 17.67
C ASP F 55 37.98 51.66 18.62
N SER F 56 36.69 51.90 18.41
CA SER F 56 35.92 52.77 19.28
C SER F 56 34.82 51.96 19.99
N THR F 57 34.35 52.45 21.11
CA THR F 57 33.28 51.79 21.82
C THR F 57 31.95 52.15 21.15
N PRO F 58 31.09 51.15 20.88
CA PRO F 58 29.77 51.41 20.36
C PRO F 58 28.75 51.83 21.41
N PRO F 59 27.68 52.55 20.98
CA PRO F 59 26.70 53.06 21.92
C PRO F 59 25.99 51.96 22.69
N PRO F 60 25.61 52.23 23.95
CA PRO F 60 24.80 51.25 24.69
C PRO F 60 23.54 50.86 23.92
N GLY F 61 23.11 49.60 24.09
CA GLY F 61 21.98 49.05 23.36
C GLY F 61 22.38 48.32 22.09
N THR F 62 23.69 48.16 21.87
CA THR F 62 24.21 47.37 20.77
C THR F 62 24.34 45.92 21.20
N ARG F 63 24.08 45.02 20.26
CA ARG F 63 23.99 43.61 20.55
C ARG F 63 24.82 42.87 19.53
N VAL F 64 25.25 41.66 19.88
CA VAL F 64 25.97 40.80 18.95
C VAL F 64 25.20 39.53 18.72
N ARG F 65 24.93 39.24 17.44
CA ARG F 65 24.25 38.00 17.12
C ARG F 65 25.19 37.12 16.32
N ALA F 66 24.93 35.83 16.47
CA ALA F 66 25.70 34.80 15.89
C ALA F 66 24.71 33.88 15.20
N MET F 67 25.07 33.46 13.97
CA MET F 67 24.20 32.69 13.11
C MET F 67 25.05 31.83 12.21
N ALA F 68 24.69 30.54 12.11
CA ALA F 68 25.32 29.64 11.17
C ALA F 68 24.62 29.67 9.83
N ILE F 69 25.39 29.62 8.76
CA ILE F 69 24.84 29.22 7.44
C ILE F 69 25.79 28.22 6.78
N TYR F 70 25.25 27.43 5.85
CA TYR F 70 26.05 26.39 5.16
C TYR F 70 26.93 27.12 4.21
N LYS F 71 28.15 26.65 4.04
CA LYS F 71 29.15 27.44 3.30
C LYS F 71 28.90 27.30 1.80
N GLN F 72 28.83 26.06 1.32
CA GLN F 72 28.68 25.78 -0.10
C GLN F 72 27.39 26.43 -0.60
N SER F 73 27.41 26.87 -1.85
CA SER F 73 26.28 27.60 -2.45
C SER F 73 25.07 26.68 -2.65
N GLN F 74 25.32 25.39 -2.88
CA GLN F 74 24.26 24.42 -3.07
C GLN F 74 23.32 24.46 -1.88
N HIS F 75 23.92 24.51 -0.70
CA HIS F 75 23.21 24.31 0.56
C HIS F 75 22.85 25.59 1.28
N MET F 76 23.45 26.72 0.90
CA MET F 76 23.23 27.99 1.60
C MET F 76 21.80 28.20 1.99
N THR F 77 20.92 27.94 1.03
CA THR F 77 19.47 28.14 1.18
C THR F 77 18.83 27.38 2.37
N GLU F 78 19.37 26.20 2.72
CA GLU F 78 18.85 25.39 3.85
C GLU F 78 19.25 25.91 5.23
N VAL F 79 18.30 25.84 6.14
CA VAL F 79 18.49 26.36 7.48
C VAL F 79 19.37 25.41 8.26
N VAL F 80 20.30 25.96 9.03
CA VAL F 80 21.21 25.12 9.83
C VAL F 80 20.67 24.81 11.22
N ARG F 81 20.34 23.53 11.40
CA ARG F 81 19.64 23.05 12.55
C ARG F 81 20.35 21.88 13.08
N ARG F 82 19.99 21.44 14.27
CA ARG F 82 20.57 20.24 14.78
C ARG F 82 19.92 19.03 14.21
N CYS F 83 20.59 17.89 14.35
CA CYS F 83 20.12 16.63 13.84
C CYS F 83 18.98 16.04 14.70
N PRO F 84 18.17 15.12 14.12
CA PRO F 84 17.05 14.54 14.84
C PRO F 84 17.47 13.90 16.13
N HIS F 85 18.64 13.27 16.15
CA HIS F 85 19.07 12.62 17.38
C HIS F 85 19.25 13.68 18.44
N HIS F 86 20.00 14.71 18.11
CA HIS F 86 20.49 15.64 19.10
C HIS F 86 19.44 16.60 19.61
N GLU F 87 18.40 16.85 18.83
CA GLU F 87 17.32 17.78 19.29
C GLU F 87 16.43 17.06 20.30
N ARG F 88 16.32 15.73 20.17
CA ARG F 88 15.39 14.95 20.98
C ARG F 88 16.06 14.45 22.24
N CYS F 89 17.36 14.25 22.21
CA CYS F 89 18.07 13.95 23.44
C CYS F 89 18.03 15.21 24.30
N SER F 90 17.76 15.04 25.60
CA SER F 90 17.72 16.15 26.54
C SER F 90 19.14 16.50 27.00
N ASP F 91 19.59 17.68 26.58
CA ASP F 91 20.88 18.23 27.02
C ASP F 91 20.79 19.74 27.21
N SER F 92 19.57 20.30 27.22
CA SER F 92 19.39 21.74 27.26
C SER F 92 19.93 22.31 28.56
N ASP F 93 20.21 23.61 28.54
CA ASP F 93 20.67 24.32 29.74
C ASP F 93 19.53 25.15 30.28
N GLY F 94 18.32 24.75 29.90
CA GLY F 94 17.12 25.51 30.20
C GLY F 94 16.85 26.54 29.13
N LEU F 95 17.77 27.51 29.01
CA LEU F 95 17.58 28.67 28.12
C LEU F 95 17.55 28.30 26.64
N ALA F 96 18.49 27.46 26.22
CA ALA F 96 18.66 27.15 24.82
C ALA F 96 17.58 26.19 24.29
N PRO F 97 16.83 26.59 23.23
CA PRO F 97 15.89 25.67 22.57
C PRO F 97 16.66 24.52 21.98
N PRO F 98 16.10 23.31 22.06
CA PRO F 98 16.94 22.13 21.77
C PRO F 98 17.36 22.04 20.32
N GLN F 99 16.66 22.74 19.44
CA GLN F 99 16.99 22.65 18.03
C GLN F 99 18.11 23.56 17.60
N HIS F 100 18.31 24.63 18.34
CA HIS F 100 19.39 25.57 18.05
C HIS F 100 20.78 24.96 18.13
N LEU F 101 21.54 25.14 17.07
CA LEU F 101 22.92 24.66 17.01
C LEU F 101 23.88 25.47 17.90
N ILE F 102 23.82 26.80 17.78
CA ILE F 102 24.77 27.66 18.48
C ILE F 102 24.09 28.21 19.73
N ARG F 103 24.70 27.91 20.88
CA ARG F 103 24.31 28.56 22.15
C ARG F 103 25.47 29.32 22.77
N VAL F 104 25.14 30.15 23.76
CA VAL F 104 26.12 31.01 24.46
C VAL F 104 26.20 30.60 25.92
N GLU F 105 27.39 30.24 26.38
CA GLU F 105 27.63 29.81 27.75
C GLU F 105 27.73 31.00 28.71
N GLY F 106 27.03 30.89 29.83
CA GLY F 106 27.28 31.78 30.96
C GLY F 106 27.05 33.25 30.68
N ASN F 107 25.89 33.55 30.10
CA ASN F 107 25.44 34.92 29.90
C ASN F 107 23.93 34.93 30.04
N LEU F 108 23.47 35.58 31.08
CA LEU F 108 22.11 35.47 31.54
C LEU F 108 21.16 36.28 30.66
N ARG F 109 21.69 37.30 29.99
CA ARG F 109 20.87 38.18 29.15
C ARG F 109 20.71 37.71 27.69
N VAL F 110 21.11 36.46 27.46
CA VAL F 110 21.07 35.86 26.14
C VAL F 110 19.62 35.76 25.64
N GLU F 111 19.43 35.80 24.32
CA GLU F 111 18.12 35.55 23.66
C GLU F 111 18.32 34.66 22.45
N TYR F 112 17.48 33.63 22.28
CA TYR F 112 17.52 32.75 21.10
C TYR F 112 16.39 33.10 20.14
N LEU F 113 16.75 33.43 18.92
CA LEU F 113 15.81 34.01 17.98
C LEU F 113 15.56 33.11 16.81
N ASP F 114 14.37 33.19 16.27
CA ASP F 114 13.93 32.33 15.19
C ASP F 114 13.14 33.19 14.23
N ASP F 115 13.77 33.60 13.13
CA ASP F 115 13.20 34.62 12.25
C ASP F 115 11.90 34.12 11.60
N ARG F 116 10.81 34.86 11.82
CA ARG F 116 9.48 34.46 11.35
C ARG F 116 9.40 34.33 9.82
N ASN F 117 10.32 34.95 9.08
CA ASN F 117 10.31 34.88 7.64
C ASN F 117 11.28 33.84 7.08
N THR F 118 12.55 33.89 7.51
CA THR F 118 13.59 33.00 6.98
C THR F 118 13.65 31.68 7.73
N PHE F 119 13.28 31.72 9.01
CA PHE F 119 13.27 30.53 9.88
C PHE F 119 14.67 30.21 10.39
N ARG F 120 15.63 31.11 10.16
CA ARG F 120 16.99 30.88 10.57
C ARG F 120 17.03 31.05 12.07
N HIS F 121 17.95 30.36 12.71
CA HIS F 121 18.19 30.62 14.12
C HIS F 121 19.34 31.56 14.28
N SER F 122 19.34 32.23 15.42
CA SER F 122 20.50 33.00 15.87
C SER F 122 20.51 33.10 17.38
N VAL F 123 21.63 33.54 17.94
CA VAL F 123 21.69 33.80 19.35
C VAL F 123 22.32 35.17 19.57
N VAL F 124 21.57 36.05 20.24
CA VAL F 124 21.99 37.42 20.48
C VAL F 124 22.31 37.62 21.95
N VAL F 125 23.37 38.38 22.24
CA VAL F 125 23.67 38.90 23.61
C VAL F 125 24.06 40.37 23.50
N PRO F 126 23.70 41.17 24.52
CA PRO F 126 24.03 42.61 24.44
C PRO F 126 25.54 42.78 24.52
N TYR F 127 26.07 43.79 23.82
CA TYR F 127 27.51 44.06 23.82
C TYR F 127 27.88 44.64 25.15
N GLU F 128 28.98 44.15 25.70
CA GLU F 128 29.63 44.74 26.86
C GLU F 128 31.04 45.17 26.41
N PRO F 129 31.51 46.35 26.85
CA PRO F 129 32.86 46.75 26.48
C PRO F 129 33.87 45.90 27.22
N PRO F 130 35.14 45.93 26.81
CA PRO F 130 36.16 45.20 27.57
C PRO F 130 36.18 45.61 29.05
N GLU F 131 36.43 44.65 29.94
CA GLU F 131 36.70 44.93 31.36
C GLU F 131 37.96 45.77 31.45
N VAL F 132 38.07 46.58 32.50
CA VAL F 132 39.22 47.49 32.66
C VAL F 132 40.52 46.68 32.63
N GLY F 133 41.49 47.17 31.84
CA GLY F 133 42.76 46.49 31.63
C GLY F 133 42.64 45.29 30.69
N SER F 134 41.63 45.32 29.82
CA SER F 134 41.46 44.32 28.77
C SER F 134 41.21 45.01 27.44
N ASP F 135 41.59 44.33 26.37
CA ASP F 135 41.50 44.90 25.04
C ASP F 135 40.32 44.36 24.23
N CYS F 136 39.62 43.34 24.77
CA CYS F 136 38.53 42.70 24.03
C CYS F 136 37.50 42.09 24.95
N THR F 137 36.27 42.01 24.44
CA THR F 137 35.19 41.28 25.08
C THR F 137 35.15 39.90 24.49
N THR F 138 35.00 38.89 25.32
CA THR F 138 34.89 37.49 24.86
C THR F 138 33.46 37.00 25.05
N ILE F 139 33.00 36.20 24.08
CA ILE F 139 31.78 35.42 24.20
C ILE F 139 32.21 33.96 24.16
N HIS F 140 31.51 33.14 24.94
CA HIS F 140 31.77 31.75 24.99
C HIS F 140 30.64 31.06 24.29
N TYR F 141 30.87 30.74 23.02
CA TYR F 141 29.89 29.96 22.28
C TYR F 141 30.20 28.50 22.46
N ASN F 142 29.22 27.64 22.14
CA ASN F 142 29.52 26.25 21.86
C ASN F 142 28.49 25.67 20.92
N TYR F 143 28.92 24.71 20.09
CA TYR F 143 28.11 24.20 18.99
C TYR F 143 27.60 22.80 19.33
N MET F 144 26.30 22.60 19.17
CA MET F 144 25.61 21.44 19.73
C MET F 144 25.38 20.24 18.80
N CYS F 145 26.14 20.18 17.69
CA CYS F 145 26.20 19.01 16.80
C CYS F 145 27.55 18.90 16.13
N ASN F 146 27.98 17.66 15.88
CA ASN F 146 29.10 17.44 14.97
C ASN F 146 28.74 17.80 13.55
N SER F 147 29.75 18.21 12.80
CA SER F 147 29.57 18.55 11.41
C SER F 147 29.04 17.36 10.64
N SER F 148 29.39 16.15 11.10
CA SER F 148 29.09 14.96 10.34
C SER F 148 27.76 14.37 10.70
N CYS F 149 26.93 15.10 11.43
CA CYS F 149 25.74 14.50 12.01
C CYS F 149 24.79 14.19 10.88
N MET F 150 24.57 12.91 10.69
CA MET F 150 23.54 12.44 9.80
C MET F 150 22.23 13.07 10.17
N GLY F 151 21.61 13.73 9.22
CA GLY F 151 20.30 14.35 9.43
C GLY F 151 20.41 15.84 9.71
N GLY F 152 21.59 16.31 10.00
CA GLY F 152 21.78 17.73 10.30
C GLY F 152 22.67 18.25 9.22
N MET F 153 23.81 18.78 9.63
CA MET F 153 24.77 19.33 8.68
C MET F 153 25.32 18.29 7.71
N ASN F 154 25.23 17.02 8.09
CA ASN F 154 25.48 15.90 7.15
C ASN F 154 26.76 16.02 6.35
N ARG F 155 27.85 16.29 7.05
CA ARG F 155 29.19 16.48 6.52
C ARG F 155 29.42 17.74 5.71
N ARG F 156 28.47 18.67 5.72
CA ARG F 156 28.65 19.91 4.96
C ARG F 156 29.26 20.94 5.87
N PRO F 157 30.27 21.66 5.38
CA PRO F 157 30.83 22.73 6.19
C PRO F 157 29.93 23.92 6.27
N ILE F 158 30.05 24.66 7.37
CA ILE F 158 29.27 25.86 7.63
C ILE F 158 30.16 27.02 7.93
N LEU F 159 29.55 28.19 7.93
CA LEU F 159 30.14 29.44 8.36
C LEU F 159 29.40 29.92 9.55
N THR F 160 30.07 30.76 10.33
CA THR F 160 29.45 31.38 11.50
C THR F 160 29.65 32.82 11.30
N ILE F 161 28.54 33.54 11.31
CA ILE F 161 28.56 34.95 11.00
C ILE F 161 28.24 35.64 12.28
N ILE F 162 29.08 36.58 12.65
CA ILE F 162 28.88 37.35 13.84
C ILE F 162 28.63 38.78 13.42
N THR F 163 27.48 39.33 13.80
CA THR F 163 27.19 40.73 13.51
C THR F 163 27.05 41.51 14.77
N LEU F 164 27.31 42.79 14.62
CA LEU F 164 27.24 43.77 15.65
C LEU F 164 26.14 44.69 15.15
N GLU F 165 25.09 44.81 15.96
CA GLU F 165 23.86 45.50 15.59
C GLU F 165 23.42 46.46 16.67
N ASP F 166 22.78 47.57 16.28
CA ASP F 166 22.25 48.53 17.27
C ASP F 166 20.88 48.06 17.76
N SER F 167 20.37 48.73 18.79
CA SER F 167 19.02 48.45 19.32
C SER F 167 17.96 48.36 18.22
N SER F 168 18.05 49.29 17.26
CA SER F 168 17.09 49.42 16.18
C SER F 168 17.21 48.33 15.10
N GLY F 169 18.23 47.48 15.20
CA GLY F 169 18.40 46.35 14.29
C GLY F 169 19.39 46.58 13.17
N ASN F 170 19.99 47.78 13.14
CA ASN F 170 20.98 48.14 12.10
C ASN F 170 22.30 47.42 12.23
N LEU F 171 22.95 47.23 11.09
CA LEU F 171 24.26 46.62 11.01
C LEU F 171 25.36 47.66 11.29
N LEU F 172 26.20 47.37 12.28
CA LEU F 172 27.35 48.19 12.61
C LEU F 172 28.68 47.52 12.22
N GLY F 173 28.62 46.20 12.05
CA GLY F 173 29.80 45.45 11.65
C GLY F 173 29.51 43.97 11.57
N ARG F 174 30.39 43.26 10.87
CA ARG F 174 30.15 41.84 10.55
C ARG F 174 31.48 41.15 10.33
N ASN F 175 31.60 39.95 10.86
CA ASN F 175 32.71 39.07 10.52
C ASN F 175 32.22 37.65 10.47
N SER F 176 33.07 36.75 10.00
CA SER F 176 32.70 35.35 9.80
C SER F 176 33.90 34.42 9.87
N PHE F 177 33.63 33.17 10.18
CA PHE F 177 34.69 32.17 10.13
C PHE F 177 34.07 30.79 9.97
N GLU F 178 34.74 29.94 9.22
CA GLU F 178 34.27 28.57 8.97
C GLU F 178 34.44 27.74 10.24
N VAL F 179 33.53 26.77 10.44
CA VAL F 179 33.58 25.92 11.59
C VAL F 179 33.47 24.46 11.18
N ARG F 180 34.26 23.63 11.87
CA ARG F 180 34.19 22.19 11.80
C ARG F 180 34.02 21.67 13.20
N VAL F 181 32.90 21.03 13.46
CA VAL F 181 32.68 20.41 14.74
C VAL F 181 32.91 18.93 14.55
N CYS F 182 33.80 18.39 15.38
CA CYS F 182 34.27 17.03 15.21
C CYS F 182 34.73 16.47 16.53
N ALA F 183 34.98 15.16 16.57
CA ALA F 183 35.54 14.50 17.76
C ALA F 183 37.02 14.83 18.01
N CYS F 184 37.84 14.86 16.94
CA CYS F 184 39.27 15.14 17.05
C CYS F 184 39.71 16.44 16.35
N PRO F 185 39.48 17.61 17.00
CA PRO F 185 39.98 18.88 16.45
C PRO F 185 41.49 18.88 16.17
N GLY F 186 42.27 18.38 17.12
CA GLY F 186 43.70 18.26 16.95
C GLY F 186 44.09 17.62 15.63
N ARG F 187 43.60 16.40 15.41
CA ARG F 187 43.91 15.65 14.19
C ARG F 187 43.40 16.40 12.95
N ASP F 188 42.12 16.79 12.99
CA ASP F 188 41.46 17.41 11.84
C ASP F 188 42.10 18.75 11.49
N TRP F 189 42.60 19.44 12.50
CA TRP F 189 43.39 20.67 12.31
C TRP F 189 44.62 20.45 11.43
N ARG F 190 45.48 19.53 11.86
CA ARG F 190 46.74 19.26 11.19
C ARG F 190 46.46 18.79 9.77
N THR F 191 45.60 17.80 9.64
CA THR F 191 45.32 17.23 8.33
C THR F 191 45.00 18.29 7.29
N GLU F 192 44.16 19.27 7.65
CA GLU F 192 43.68 20.25 6.70
C GLU F 192 44.76 21.25 6.34
N GLU F 193 45.51 21.69 7.34
CA GLU F 193 46.62 22.61 7.10
C GLU F 193 47.73 21.94 6.31
N GLU F 194 48.02 20.68 6.64
CA GLU F 194 49.06 19.96 5.97
C GLU F 194 48.61 19.56 4.53
N ASN F 195 47.31 19.38 4.31
CA ASN F 195 46.77 19.11 2.95
C ASN F 195 46.80 20.34 2.05
N LEU F 196 46.80 21.51 2.67
CA LEU F 196 46.81 22.76 1.98
C LEU F 196 48.17 23.03 1.32
N ARG F 197 49.26 22.66 2.00
CA ARG F 197 50.64 22.84 1.46
C ARG F 197 50.77 22.17 0.12
N LYS F 198 50.36 20.91 0.04
CA LYS F 198 50.51 20.09 -1.18
C LYS F 198 49.74 20.73 -2.33
N LYS F 199 48.43 20.86 -2.15
CA LYS F 199 47.52 21.39 -3.17
C LYS F 199 48.05 22.68 -3.79
N SER G 2 1.14 -4.03 -7.42
CA SER G 2 2.44 -4.30 -6.69
C SER G 2 2.43 -5.69 -6.04
N SER G 3 2.12 -6.71 -6.84
CA SER G 3 2.17 -8.11 -6.45
C SER G 3 2.94 -9.00 -7.44
N VAL G 4 3.53 -10.09 -6.93
CA VAL G 4 4.49 -10.91 -7.73
C VAL G 4 4.00 -12.18 -8.43
N PRO G 5 3.72 -12.11 -9.75
CA PRO G 5 3.37 -13.30 -10.51
C PRO G 5 4.44 -14.35 -10.42
N SER G 6 4.02 -15.59 -10.45
CA SER G 6 4.97 -16.70 -10.43
C SER G 6 5.82 -16.64 -11.67
N GLN G 7 7.07 -17.00 -11.50
CA GLN G 7 8.02 -17.06 -12.59
C GLN G 7 8.37 -18.53 -12.90
N LYS G 8 7.76 -19.48 -12.20
CA LYS G 8 8.15 -20.90 -12.37
C LYS G 8 7.74 -21.55 -13.68
N THR G 9 8.71 -22.21 -14.29
CA THR G 9 8.46 -23.02 -15.47
C THR G 9 7.50 -24.17 -15.13
N TYR G 10 6.54 -24.38 -16.01
CA TYR G 10 5.49 -25.38 -15.81
C TYR G 10 4.96 -25.74 -17.19
N GLN G 11 5.43 -26.88 -17.68
CA GLN G 11 5.10 -27.37 -19.03
C GLN G 11 3.69 -27.87 -19.10
N GLY G 12 3.10 -28.16 -17.94
CA GLY G 12 1.69 -28.52 -17.85
C GLY G 12 1.38 -29.82 -18.55
N SER G 13 0.09 -30.10 -18.69
CA SER G 13 -0.36 -31.37 -19.22
C SER G 13 -0.53 -31.34 -20.73
N TYR G 14 -0.24 -30.21 -21.35
CA TYR G 14 -0.21 -30.07 -22.80
C TYR G 14 1.22 -29.87 -23.33
N GLY G 15 2.21 -30.06 -22.46
CA GLY G 15 3.61 -29.94 -22.86
C GLY G 15 3.95 -28.59 -23.48
N PHE G 16 3.64 -27.53 -22.75
CA PHE G 16 3.89 -26.17 -23.20
C PHE G 16 5.37 -25.87 -23.07
N ARG G 17 6.01 -25.60 -24.21
CA ARG G 17 7.42 -25.21 -24.28
C ARG G 17 7.55 -24.02 -25.22
N LEU G 18 8.67 -23.30 -25.14
CA LEU G 18 8.96 -22.15 -25.99
C LEU G 18 10.17 -22.38 -26.89
N GLY G 19 10.12 -21.81 -28.09
CA GLY G 19 11.24 -21.89 -29.04
C GLY G 19 11.57 -20.50 -29.58
N PHE G 20 12.76 -20.34 -30.14
CA PHE G 20 13.21 -19.07 -30.72
C PHE G 20 14.02 -19.32 -31.99
N LEU G 21 13.95 -18.40 -32.95
CA LEU G 21 14.69 -18.55 -34.19
C LEU G 21 16.19 -18.34 -33.98
N HIS G 22 16.93 -19.44 -34.06
CA HIS G 22 18.37 -19.40 -33.89
C HIS G 22 19.02 -18.77 -35.11
N SER G 23 19.45 -17.52 -34.94
CA SER G 23 20.21 -16.77 -35.92
C SER G 23 21.55 -16.41 -35.25
N GLY G 24 22.20 -15.32 -35.67
CA GLY G 24 23.44 -14.80 -35.09
C GLY G 24 24.67 -14.80 -36.00
N THR G 25 24.53 -15.30 -37.24
CA THR G 25 25.65 -15.39 -38.21
C THR G 25 26.10 -14.02 -38.73
N ALA G 26 25.44 -12.95 -38.27
CA ALA G 26 25.80 -11.57 -38.60
C ALA G 26 26.28 -10.86 -37.33
N LYS G 27 26.62 -9.59 -37.48
CA LYS G 27 26.91 -8.69 -36.35
C LYS G 27 25.80 -7.65 -36.16
N SER G 28 25.32 -7.10 -37.28
CA SER G 28 24.18 -6.19 -37.29
C SER G 28 22.88 -6.95 -37.09
N VAL G 29 22.73 -7.52 -35.89
CA VAL G 29 21.58 -8.37 -35.60
C VAL G 29 20.56 -7.55 -34.82
N THR G 30 19.30 -7.83 -35.07
CA THR G 30 18.21 -7.07 -34.49
C THR G 30 17.56 -7.78 -33.32
N CYS G 31 17.48 -9.10 -33.40
CA CYS G 31 16.88 -9.89 -32.36
C CYS G 31 17.57 -11.25 -32.30
N THR G 32 18.02 -11.63 -31.10
CA THR G 32 18.73 -12.87 -30.93
C THR G 32 18.45 -13.47 -29.57
N TYR G 33 18.63 -14.78 -29.45
CA TYR G 33 18.39 -15.51 -28.20
C TYR G 33 19.66 -16.24 -27.73
N SER G 34 19.96 -16.13 -26.44
CA SER G 34 21.13 -16.79 -25.83
C SER G 34 20.68 -17.91 -24.95
N PRO G 35 20.66 -19.14 -25.48
CA PRO G 35 20.23 -20.30 -24.69
C PRO G 35 20.99 -20.43 -23.39
N ALA G 36 22.24 -19.97 -23.35
CA ALA G 36 23.05 -20.17 -22.16
C ALA G 36 22.51 -19.32 -21.04
N LEU G 37 22.16 -18.09 -21.40
CA LEU G 37 21.66 -17.09 -20.47
C LEU G 37 20.13 -17.14 -20.34
N ASN G 38 19.49 -17.94 -21.20
CA ASN G 38 18.01 -17.90 -21.40
C ASN G 38 17.52 -16.48 -21.49
N LYS G 39 18.18 -15.70 -22.35
CA LYS G 39 17.92 -14.29 -22.46
C LYS G 39 17.84 -13.88 -23.94
N MET G 40 16.90 -12.98 -24.21
CA MET G 40 16.69 -12.46 -25.54
C MET G 40 17.26 -11.06 -25.61
N PHE G 41 17.88 -10.76 -26.74
CA PHE G 41 18.50 -9.47 -26.96
C PHE G 41 17.82 -8.86 -28.16
N CYS G 42 17.09 -7.79 -27.89
CA CYS G 42 16.08 -7.30 -28.78
C CYS G 42 16.25 -5.81 -28.91
N GLN G 43 16.10 -5.32 -30.14
CA GLN G 43 16.14 -3.89 -30.41
C GLN G 43 14.77 -3.32 -30.08
N LEU G 44 14.71 -2.01 -29.92
CA LEU G 44 13.48 -1.37 -29.50
C LEU G 44 12.44 -1.37 -30.65
N ALA G 45 11.26 -1.87 -30.35
CA ALA G 45 10.15 -1.87 -31.30
C ALA G 45 10.44 -2.77 -32.51
N LYS G 46 11.38 -3.71 -32.35
CA LYS G 46 11.69 -4.66 -33.41
C LYS G 46 10.99 -5.98 -33.15
N THR G 47 10.26 -6.41 -34.18
CA THR G 47 9.51 -7.64 -34.17
C THR G 47 10.45 -8.79 -33.88
N CYS G 48 10.06 -9.63 -32.93
CA CYS G 48 10.84 -10.80 -32.63
C CYS G 48 9.95 -11.97 -32.33
N PRO G 49 10.12 -13.05 -33.13
CA PRO G 49 9.26 -14.19 -33.02
C PRO G 49 9.57 -15.03 -31.81
N VAL G 50 8.53 -15.30 -31.04
CA VAL G 50 8.55 -16.36 -30.04
C VAL G 50 7.56 -17.39 -30.55
N GLN G 51 7.92 -18.66 -30.39
CA GLN G 51 7.09 -19.74 -30.88
C GLN G 51 6.72 -20.68 -29.75
N LEU G 52 5.48 -21.15 -29.81
CA LEU G 52 4.87 -22.00 -28.83
C LEU G 52 4.85 -23.44 -29.33
N TRP G 53 5.25 -24.37 -28.46
CA TRP G 53 5.21 -25.79 -28.77
C TRP G 53 4.35 -26.48 -27.71
N VAL G 54 3.55 -27.44 -28.16
CA VAL G 54 2.64 -28.19 -27.30
C VAL G 54 2.61 -29.66 -27.74
N ASP G 55 2.64 -30.58 -26.79
CA ASP G 55 2.53 -32.00 -27.11
C ASP G 55 1.12 -32.29 -27.62
N SER G 56 0.11 -31.80 -26.89
CA SER G 56 -1.28 -31.98 -27.27
C SER G 56 -1.90 -30.62 -27.54
N THR G 57 -2.98 -30.61 -28.30
CA THR G 57 -3.64 -29.36 -28.61
C THR G 57 -4.57 -29.01 -27.46
N PRO G 58 -4.55 -27.75 -27.00
CA PRO G 58 -5.43 -27.33 -25.92
C PRO G 58 -6.82 -26.95 -26.42
N PRO G 59 -7.83 -27.02 -25.53
CA PRO G 59 -9.20 -26.78 -25.93
C PRO G 59 -9.38 -25.38 -26.46
N PRO G 60 -10.29 -25.20 -27.45
CA PRO G 60 -10.63 -23.85 -27.90
C PRO G 60 -11.03 -22.93 -26.73
N GLY G 61 -10.71 -21.65 -26.86
CA GLY G 61 -10.94 -20.67 -25.79
C GLY G 61 -9.73 -20.48 -24.90
N THR G 62 -8.61 -21.10 -25.24
CA THR G 62 -7.35 -20.92 -24.51
C THR G 62 -6.60 -19.75 -25.11
N ARG G 63 -5.92 -19.01 -24.25
CA ARG G 63 -5.29 -17.75 -24.62
C ARG G 63 -3.86 -17.75 -24.09
N VAL G 64 -2.99 -16.95 -24.71
CA VAL G 64 -1.62 -16.80 -24.24
C VAL G 64 -1.38 -15.35 -23.87
N ARG G 65 -0.94 -15.16 -22.63
CA ARG G 65 -0.63 -13.81 -22.18
C ARG G 65 0.82 -13.71 -21.90
N ALA G 66 1.29 -12.49 -22.06
CA ALA G 66 2.67 -12.15 -21.94
C ALA G 66 2.70 -10.94 -21.02
N MET G 67 3.66 -10.98 -20.10
CA MET G 67 3.76 -10.00 -19.03
C MET G 67 5.21 -9.87 -18.60
N ALA G 68 5.68 -8.61 -18.50
CA ALA G 68 7.00 -8.32 -17.99
C ALA G 68 6.99 -8.13 -16.48
N ILE G 69 8.00 -8.66 -15.81
CA ILE G 69 8.28 -8.27 -14.42
C ILE G 69 9.75 -8.04 -14.29
N TYR G 70 10.11 -7.21 -13.30
CA TYR G 70 11.53 -6.87 -13.05
C TYR G 70 12.17 -8.07 -12.44
N LYS G 71 13.42 -8.36 -12.79
CA LYS G 71 14.02 -9.63 -12.44
C LYS G 71 14.47 -9.59 -10.98
N GLN G 72 15.25 -8.57 -10.64
CA GLN G 72 15.82 -8.44 -9.31
C GLN G 72 14.72 -8.36 -8.29
N SER G 73 15.00 -8.89 -7.11
CA SER G 73 14.01 -8.98 -6.02
C SER G 73 13.65 -7.61 -5.47
N GLN G 74 14.61 -6.68 -5.48
CA GLN G 74 14.39 -5.31 -4.98
C GLN G 74 13.21 -4.69 -5.70
N HIS G 75 13.17 -4.91 -7.02
CA HIS G 75 12.25 -4.22 -7.90
C HIS G 75 11.01 -5.00 -8.30
N MET G 76 11.02 -6.32 -8.09
CA MET G 76 9.90 -7.19 -8.52
C MET G 76 8.55 -6.55 -8.32
N THR G 77 8.38 -6.00 -7.13
CA THR G 77 7.12 -5.43 -6.69
C THR G 77 6.61 -4.29 -7.61
N GLU G 78 7.50 -3.50 -8.19
CA GLU G 78 7.12 -2.39 -9.11
C GLU G 78 6.64 -2.85 -10.50
N VAL G 79 5.61 -2.17 -10.98
CA VAL G 79 4.95 -2.50 -12.24
C VAL G 79 5.82 -2.05 -13.40
N VAL G 80 5.95 -2.89 -14.42
CA VAL G 80 6.77 -2.56 -15.57
C VAL G 80 5.97 -1.80 -16.64
N ARG G 81 6.31 -0.52 -16.82
CA ARG G 81 5.67 0.34 -17.80
C ARG G 81 6.72 1.06 -18.64
N ARG G 82 6.28 1.79 -19.65
CA ARG G 82 7.18 2.55 -20.47
C ARG G 82 7.56 3.86 -19.82
N CYS G 83 8.64 4.45 -20.33
CA CYS G 83 9.16 5.68 -19.78
C CYS G 83 8.28 6.89 -20.21
N PRO G 84 8.32 7.97 -19.42
CA PRO G 84 7.63 9.18 -19.77
C PRO G 84 7.88 9.66 -21.18
N HIS G 85 9.09 9.54 -21.67
CA HIS G 85 9.33 10.00 -23.02
C HIS G 85 8.48 9.16 -23.96
N HIS G 86 8.62 7.85 -23.83
CA HIS G 86 8.14 6.93 -24.87
C HIS G 86 6.63 6.80 -24.86
N GLU G 87 5.99 7.09 -23.73
CA GLU G 87 4.53 6.98 -23.68
C GLU G 87 3.89 8.17 -24.35
N ARG G 88 4.59 9.30 -24.34
CA ARG G 88 4.03 10.55 -24.84
C ARG G 88 4.36 10.74 -26.32
N CYS G 89 5.47 10.20 -26.78
CA CYS G 89 5.74 10.24 -28.20
C CYS G 89 4.75 9.31 -28.87
N SER G 90 4.20 9.78 -30.00
CA SER G 90 3.18 9.03 -30.73
C SER G 90 3.89 8.03 -31.62
N ASP G 91 3.70 6.76 -31.27
CA ASP G 91 4.18 5.65 -32.10
C ASP G 91 3.20 4.48 -32.11
N SER G 92 1.96 4.71 -31.64
CA SER G 92 1.02 3.61 -31.44
C SER G 92 0.67 2.97 -32.78
N ASP G 93 0.16 1.75 -32.72
CA ASP G 93 -0.35 1.08 -33.91
C ASP G 93 -1.87 1.11 -33.89
N GLY G 94 -2.42 2.06 -33.15
CA GLY G 94 -3.86 2.15 -32.91
C GLY G 94 -4.27 1.33 -31.70
N LEU G 95 -4.09 0.01 -31.80
CA LEU G 95 -4.54 -0.94 -30.78
C LEU G 95 -3.81 -0.79 -29.43
N ALA G 96 -2.50 -0.68 -29.49
CA ALA G 96 -1.68 -0.73 -28.27
C ALA G 96 -1.78 0.57 -27.50
N PRO G 97 -2.26 0.52 -26.23
CA PRO G 97 -2.16 1.69 -25.35
C PRO G 97 -0.70 2.12 -25.23
N PRO G 98 -0.47 3.43 -25.22
CA PRO G 98 0.91 3.90 -25.37
C PRO G 98 1.81 3.54 -24.18
N GLN G 99 1.23 3.26 -23.02
CA GLN G 99 2.01 2.95 -21.81
C GLN G 99 2.50 1.53 -21.72
N HIS G 100 1.79 0.64 -22.41
CA HIS G 100 2.20 -0.77 -22.48
C HIS G 100 3.55 -0.98 -23.13
N LEU G 101 4.41 -1.69 -22.43
CA LEU G 101 5.73 -2.10 -22.95
C LEU G 101 5.68 -3.17 -24.02
N ILE G 102 4.96 -4.26 -23.75
CA ILE G 102 4.90 -5.38 -24.68
C ILE G 102 3.66 -5.30 -25.51
N ARG G 103 3.85 -5.22 -26.83
CA ARG G 103 2.73 -5.35 -27.77
C ARG G 103 2.94 -6.55 -28.70
N VAL G 104 1.87 -6.90 -29.44
CA VAL G 104 1.87 -8.02 -30.36
C VAL G 104 1.62 -7.50 -31.76
N GLU G 105 2.51 -7.82 -32.67
CA GLU G 105 2.40 -7.39 -34.06
C GLU G 105 1.45 -8.29 -34.84
N GLY G 106 0.57 -7.66 -35.62
CA GLY G 106 -0.18 -8.36 -36.67
C GLY G 106 -1.09 -9.49 -36.20
N ASN G 107 -1.89 -9.20 -35.18
CA ASN G 107 -2.89 -10.13 -34.68
C ASN G 107 -4.08 -9.30 -34.21
N LEU G 108 -5.17 -9.47 -34.92
CA LEU G 108 -6.29 -8.56 -34.83
C LEU G 108 -7.11 -8.82 -33.56
N ARG G 109 -7.04 -10.05 -33.05
CA ARG G 109 -7.80 -10.43 -31.87
C ARG G 109 -7.07 -10.17 -30.53
N VAL G 110 -6.00 -9.38 -30.59
CA VAL G 110 -5.22 -9.02 -29.43
C VAL G 110 -6.03 -8.20 -28.44
N GLU G 111 -5.72 -8.32 -27.15
CA GLU G 111 -6.32 -7.50 -26.08
C GLU G 111 -5.20 -7.05 -25.12
N TYR G 112 -5.21 -5.77 -24.75
CA TYR G 112 -4.28 -5.24 -23.78
C TYR G 112 -4.96 -5.08 -22.42
N LEU G 113 -4.41 -5.73 -21.39
CA LEU G 113 -5.08 -5.87 -20.11
C LEU G 113 -4.31 -5.24 -18.94
N ASP G 114 -5.05 -4.92 -17.89
CA ASP G 114 -4.56 -4.23 -16.73
C ASP G 114 -5.24 -4.83 -15.51
N ASP G 115 -4.52 -5.67 -14.80
CA ASP G 115 -5.12 -6.49 -13.71
C ASP G 115 -5.61 -5.64 -12.53
N ARG G 116 -6.89 -5.80 -12.19
CA ARG G 116 -7.52 -4.93 -11.20
C ARG G 116 -6.89 -5.03 -9.82
N ASN G 117 -6.19 -6.13 -9.55
CA ASN G 117 -5.57 -6.32 -8.24
C ASN G 117 -4.10 -5.96 -8.23
N THR G 118 -3.33 -6.45 -9.20
CA THR G 118 -1.87 -6.19 -9.23
C THR G 118 -1.50 -4.93 -9.99
N PHE G 119 -2.34 -4.55 -10.96
CA PHE G 119 -2.13 -3.34 -11.79
C PHE G 119 -1.09 -3.57 -12.88
N ARG G 120 -0.71 -4.83 -13.06
CA ARG G 120 0.33 -5.15 -14.05
C ARG G 120 -0.32 -5.07 -15.42
N HIS G 121 0.48 -4.76 -16.43
CA HIS G 121 0.01 -4.84 -17.79
C HIS G 121 0.31 -6.24 -18.32
N SER G 122 -0.49 -6.65 -19.29
CA SER G 122 -0.18 -7.82 -20.09
C SER G 122 -0.81 -7.68 -21.48
N VAL G 123 -0.44 -8.57 -22.38
CA VAL G 123 -1.07 -8.64 -23.65
C VAL G 123 -1.43 -10.08 -23.96
N VAL G 124 -2.71 -10.31 -24.21
CA VAL G 124 -3.24 -11.63 -24.46
C VAL G 124 -3.68 -11.75 -25.92
N VAL G 125 -3.45 -12.92 -26.50
CA VAL G 125 -4.04 -13.31 -27.79
C VAL G 125 -4.54 -14.73 -27.69
N PRO G 126 -5.66 -15.04 -28.36
CA PRO G 126 -6.18 -16.41 -28.30
C PRO G 126 -5.19 -17.38 -28.95
N TYR G 127 -5.10 -18.59 -28.42
CA TYR G 127 -4.20 -19.59 -28.95
C TYR G 127 -4.78 -20.10 -30.25
N GLU G 128 -3.91 -20.23 -31.24
CA GLU G 128 -4.22 -20.91 -32.47
C GLU G 128 -3.25 -22.08 -32.56
N PRO G 129 -3.72 -23.23 -33.05
CA PRO G 129 -2.79 -24.35 -33.23
C PRO G 129 -1.85 -24.09 -34.40
N PRO G 130 -0.76 -24.86 -34.51
CA PRO G 130 0.10 -24.69 -35.66
C PRO G 130 -0.67 -24.79 -36.97
N GLU G 131 -0.27 -24.00 -37.96
CA GLU G 131 -0.80 -24.16 -39.31
C GLU G 131 -0.36 -25.50 -39.87
N VAL G 132 -1.13 -26.02 -40.82
CA VAL G 132 -0.87 -27.35 -41.38
C VAL G 132 0.57 -27.41 -41.92
N GLY G 133 1.28 -28.48 -41.56
CA GLY G 133 2.67 -28.67 -41.93
C GLY G 133 3.62 -27.82 -41.12
N SER G 134 3.19 -27.44 -39.91
CA SER G 134 4.04 -26.68 -38.99
C SER G 134 3.98 -27.33 -37.61
N ASP G 135 5.05 -27.14 -36.85
CA ASP G 135 5.19 -27.75 -35.54
C ASP G 135 4.94 -26.77 -34.39
N CYS G 136 4.81 -25.48 -34.71
CA CYS G 136 4.62 -24.46 -33.67
C CYS G 136 3.86 -23.26 -34.14
N THR G 137 3.17 -22.61 -33.20
CA THR G 137 2.54 -21.32 -33.44
C THR G 137 3.52 -20.27 -33.03
N THR G 138 3.69 -19.22 -33.84
CA THR G 138 4.57 -18.10 -33.50
C THR G 138 3.73 -16.88 -33.16
N ILE G 139 4.21 -16.12 -32.17
CA ILE G 139 3.69 -14.79 -31.88
C ILE G 139 4.84 -13.83 -32.16
N HIS G 140 4.50 -12.67 -32.70
CA HIS G 140 5.47 -11.64 -32.98
C HIS G 140 5.28 -10.55 -31.96
N TYR G 141 6.09 -10.60 -30.91
CA TYR G 141 6.08 -9.54 -29.91
C TYR G 141 7.06 -8.47 -30.34
N ASN G 142 6.92 -7.28 -29.74
CA ASN G 142 8.02 -6.34 -29.75
C ASN G 142 7.92 -5.41 -28.57
N TYR G 143 9.06 -4.95 -28.06
CA TYR G 143 9.15 -4.25 -26.77
C TYR G 143 9.42 -2.78 -27.02
N MET G 144 8.61 -1.92 -26.39
CA MET G 144 8.52 -0.52 -26.79
C MET G 144 9.34 0.45 -25.94
N CYS G 145 10.33 -0.05 -25.19
CA CYS G 145 11.36 0.79 -24.53
C CYS G 145 12.68 0.05 -24.43
N ASN G 146 13.77 0.78 -24.49
CA ASN G 146 15.05 0.24 -24.10
C ASN G 146 15.10 -0.05 -22.63
N SER G 147 15.95 -1.03 -22.27
CA SER G 147 16.14 -1.41 -20.89
C SER G 147 16.70 -0.26 -20.09
N SER G 148 17.45 0.62 -20.75
CA SER G 148 18.09 1.71 -20.06
C SER G 148 17.29 2.97 -19.94
N CYS G 149 15.99 2.91 -20.23
CA CYS G 149 15.22 4.12 -20.37
C CYS G 149 15.08 4.73 -19.03
N MET G 150 15.71 5.90 -18.89
CA MET G 150 15.49 6.75 -17.74
C MET G 150 14.01 6.96 -17.54
N GLY G 151 13.51 6.62 -16.37
CA GLY G 151 12.12 6.87 -16.02
C GLY G 151 11.27 5.66 -16.23
N GLY G 152 11.82 4.64 -16.86
CA GLY G 152 11.09 3.38 -17.03
C GLY G 152 11.89 2.32 -16.34
N MET G 153 12.33 1.31 -17.09
CA MET G 153 13.06 0.19 -16.50
C MET G 153 14.40 0.63 -15.92
N ASN G 154 14.88 1.81 -16.33
CA ASN G 154 16.03 2.47 -15.70
C ASN G 154 17.20 1.52 -15.43
N ARG G 155 17.61 0.81 -16.46
CA ARG G 155 18.74 -0.13 -16.47
C ARG G 155 18.53 -1.39 -15.67
N ARG G 156 17.30 -1.65 -15.24
CA ARG G 156 17.03 -2.89 -14.53
C ARG G 156 16.59 -3.96 -15.48
N PRO G 157 17.15 -5.17 -15.34
CA PRO G 157 16.72 -6.24 -16.22
C PRO G 157 15.35 -6.75 -15.81
N ILE G 158 14.64 -7.27 -16.81
CA ILE G 158 13.30 -7.80 -16.64
C ILE G 158 13.21 -9.21 -17.16
N LEU G 159 12.13 -9.87 -16.78
CA LEU G 159 11.74 -11.18 -17.29
C LEU G 159 10.48 -11.00 -18.05
N THR G 160 10.21 -11.93 -18.95
CA THR G 160 8.99 -11.97 -19.70
C THR G 160 8.42 -13.30 -19.44
N ILE G 161 7.20 -13.32 -18.95
CA ILE G 161 6.56 -14.54 -18.56
C ILE G 161 5.45 -14.74 -19.55
N ILE G 162 5.41 -15.91 -20.14
CA ILE G 162 4.36 -16.26 -21.07
C ILE G 162 3.56 -17.35 -20.41
N THR G 163 2.27 -17.12 -20.25
CA THR G 163 1.40 -18.18 -19.75
C THR G 163 0.39 -18.58 -20.80
N LEU G 164 -0.10 -19.80 -20.63
CA LEU G 164 -1.11 -20.41 -21.42
C LEU G 164 -2.23 -20.60 -20.43
N GLU G 165 -3.38 -20.02 -20.75
CA GLU G 165 -4.53 -19.95 -19.86
C GLU G 165 -5.81 -20.35 -20.56
N ASP G 166 -6.75 -20.90 -19.81
CA ASP G 166 -8.07 -21.18 -20.39
C ASP G 166 -8.94 -19.93 -20.35
N SER G 167 -10.10 -19.99 -21.00
CA SER G 167 -11.03 -18.82 -21.05
C SER G 167 -11.24 -18.19 -19.68
N SER G 168 -11.39 -19.06 -18.69
CA SER G 168 -11.74 -18.67 -17.34
C SER G 168 -10.56 -18.04 -16.57
N GLY G 169 -9.38 -18.07 -17.17
CA GLY G 169 -8.20 -17.47 -16.55
C GLY G 169 -7.28 -18.43 -15.81
N ASN G 170 -7.61 -19.73 -15.84
CA ASN G 170 -6.78 -20.76 -15.22
C ASN G 170 -5.46 -20.98 -15.95
N LEU G 171 -4.46 -21.39 -15.18
CA LEU G 171 -3.13 -21.70 -15.70
C LEU G 171 -3.05 -23.13 -16.30
N LEU G 172 -2.64 -23.21 -17.55
CA LEU G 172 -2.39 -24.48 -18.22
C LEU G 172 -0.90 -24.73 -18.47
N GLY G 173 -0.12 -23.67 -18.42
CA GLY G 173 1.32 -23.77 -18.61
C GLY G 173 1.97 -22.41 -18.53
N ARG G 174 3.29 -22.41 -18.31
CA ARG G 174 4.04 -21.18 -18.10
C ARG G 174 5.49 -21.36 -18.51
N ASN G 175 6.05 -20.35 -19.17
CA ASN G 175 7.49 -20.28 -19.38
C ASN G 175 7.95 -18.83 -19.28
N SER G 176 9.28 -18.62 -19.27
CA SER G 176 9.85 -17.29 -19.07
C SER G 176 11.22 -17.15 -19.70
N PHE G 177 11.61 -15.91 -19.96
CA PHE G 177 12.97 -15.64 -20.44
C PHE G 177 13.33 -14.18 -20.18
N GLU G 178 14.58 -13.94 -19.83
CA GLU G 178 15.06 -12.59 -19.52
C GLU G 178 15.16 -11.82 -20.81
N VAL G 179 14.96 -10.51 -20.74
CA VAL G 179 15.03 -9.66 -21.91
C VAL G 179 15.90 -8.45 -21.62
N ARG G 180 16.67 -8.08 -22.64
CA ARG G 180 17.44 -6.87 -22.68
C ARG G 180 17.06 -6.18 -23.97
N VAL G 181 16.46 -5.00 -23.84
CA VAL G 181 16.18 -4.19 -24.98
C VAL G 181 17.26 -3.11 -25.02
N CYS G 182 17.93 -3.04 -26.16
CA CYS G 182 19.11 -2.20 -26.32
C CYS G 182 19.28 -1.82 -27.78
N ALA G 183 20.18 -0.86 -28.02
CA ALA G 183 20.47 -0.41 -29.37
C ALA G 183 21.30 -1.44 -30.14
N CYS G 184 22.28 -2.05 -29.47
CA CYS G 184 23.16 -3.03 -30.10
C CYS G 184 23.05 -4.45 -29.50
N PRO G 185 21.99 -5.20 -29.88
CA PRO G 185 21.88 -6.61 -29.49
C PRO G 185 23.11 -7.45 -29.82
N GLY G 186 23.62 -7.33 -31.04
CA GLY G 186 24.83 -8.01 -31.45
C GLY G 186 25.94 -7.86 -30.43
N ARG G 187 26.31 -6.62 -30.15
CA ARG G 187 27.41 -6.33 -29.22
C ARG G 187 27.10 -6.87 -27.82
N ASP G 188 25.93 -6.51 -27.32
CA ASP G 188 25.54 -6.81 -25.96
C ASP G 188 25.43 -8.33 -25.78
N TRP G 189 25.06 -9.03 -26.85
CA TRP G 189 25.02 -10.50 -26.87
C TRP G 189 26.38 -11.11 -26.57
N ARG G 190 27.37 -10.72 -27.37
CA ARG G 190 28.70 -11.26 -27.27
C ARG G 190 29.27 -10.95 -25.91
N THR G 191 29.21 -9.68 -25.53
CA THR G 191 29.83 -9.25 -24.28
C THR G 191 29.41 -10.13 -23.12
N GLU G 192 28.11 -10.42 -23.04
CA GLU G 192 27.58 -11.13 -21.90
C GLU G 192 27.99 -12.60 -21.92
N GLU G 193 27.92 -13.22 -23.09
CA GLU G 193 28.31 -14.63 -23.23
C GLU G 193 29.80 -14.77 -23.00
N GLU G 194 30.57 -13.83 -23.52
CA GLU G 194 32.02 -13.88 -23.36
C GLU G 194 32.45 -13.58 -21.94
N ASN G 195 31.67 -12.76 -21.24
CA ASN G 195 31.94 -12.46 -19.82
C ASN G 195 31.65 -13.67 -18.93
N LEU G 196 30.75 -14.52 -19.41
CA LEU G 196 30.33 -15.70 -18.68
C LEU G 196 31.44 -16.77 -18.64
N ARG G 197 32.16 -16.94 -19.75
CA ARG G 197 33.24 -17.95 -19.87
C ARG G 197 34.29 -17.72 -18.79
N LYS G 198 34.76 -16.49 -18.65
CA LYS G 198 35.84 -16.16 -17.72
C LYS G 198 35.45 -16.54 -16.28
N LYS G 199 34.35 -15.96 -15.80
CA LYS G 199 33.86 -16.14 -14.44
C LYS G 199 33.83 -17.61 -14.04
N SER H 2 9.15 -6.62 31.66
CA SER H 2 10.21 -7.52 32.23
C SER H 2 10.26 -8.85 31.42
N SER H 3 10.28 -8.74 30.10
CA SER H 3 10.22 -9.91 29.20
C SER H 3 11.01 -9.68 27.91
N VAL H 4 12.04 -10.50 27.70
CA VAL H 4 12.78 -10.58 26.42
C VAL H 4 12.42 -11.87 25.75
N PRO H 5 12.07 -11.81 24.45
CA PRO H 5 11.71 -13.02 23.72
C PRO H 5 12.81 -14.07 23.82
N SER H 6 12.40 -15.32 23.82
CA SER H 6 13.34 -16.41 23.83
C SER H 6 14.17 -16.35 22.57
N GLN H 7 15.42 -16.71 22.73
CA GLN H 7 16.33 -16.78 21.61
C GLN H 7 16.68 -18.25 21.28
N LYS H 8 16.07 -19.20 21.99
CA LYS H 8 16.47 -20.61 21.87
C LYS H 8 16.05 -21.27 20.57
N THR H 9 17.02 -21.94 19.97
CA THR H 9 16.76 -22.74 18.78
C THR H 9 15.81 -23.88 19.15
N TYR H 10 14.85 -24.11 18.27
CA TYR H 10 13.81 -25.11 18.48
C TYR H 10 13.26 -25.51 17.12
N GLN H 11 13.74 -26.65 16.62
CA GLN H 11 13.39 -27.15 15.31
C GLN H 11 11.98 -27.67 15.25
N GLY H 12 11.41 -27.97 16.41
CA GLY H 12 10.00 -28.33 16.53
C GLY H 12 9.67 -29.63 15.82
N SER H 13 8.39 -29.91 15.70
CA SER H 13 7.93 -31.18 15.17
C SER H 13 7.76 -31.18 13.66
N TYR H 14 8.04 -30.04 13.04
CA TYR H 14 8.03 -29.91 11.60
C TYR H 14 9.46 -29.71 11.06
N GLY H 15 10.46 -29.88 11.93
CA GLY H 15 11.86 -29.77 11.50
C GLY H 15 12.20 -28.43 10.88
N PHE H 16 11.89 -27.36 11.60
CA PHE H 16 12.12 -26.00 11.13
C PHE H 16 13.60 -25.69 11.24
N ARG H 17 14.23 -25.42 10.09
CA ARG H 17 15.64 -25.02 10.02
C ARG H 17 15.75 -23.85 9.05
N LEU H 18 16.87 -23.14 9.12
CA LEU H 18 17.14 -21.98 8.26
C LEU H 18 18.32 -22.22 7.33
N GLY H 19 18.25 -21.68 6.11
CA GLY H 19 19.35 -21.73 5.14
C GLY H 19 19.67 -20.34 4.60
N PHE H 20 20.87 -20.18 4.04
CA PHE H 20 21.30 -18.91 3.46
C PHE H 20 22.03 -19.18 2.14
N LEU H 21 21.86 -18.30 1.17
CA LEU H 21 22.53 -18.51 -0.11
C LEU H 21 24.01 -18.44 0.18
N HIS H 22 24.69 -19.56 -0.02
CA HIS H 22 26.11 -19.60 0.18
C HIS H 22 26.74 -18.61 -0.78
N SER H 23 27.21 -17.48 -0.26
CA SER H 23 27.70 -16.42 -1.13
C SER H 23 28.87 -15.65 -0.53
N GLY H 24 29.97 -15.64 -1.29
CA GLY H 24 31.15 -14.80 -1.00
C GLY H 24 31.88 -14.56 -2.32
N THR H 25 31.04 -14.30 -3.30
CA THR H 25 31.44 -14.40 -4.71
C THR H 25 32.43 -13.33 -5.24
N ALA H 26 32.17 -12.09 -4.87
CA ALA H 26 32.90 -10.91 -5.30
C ALA H 26 33.46 -10.13 -4.11
N LYS H 27 34.10 -8.99 -4.35
CA LYS H 27 34.56 -8.14 -3.24
C LYS H 27 33.44 -7.22 -2.86
N SER H 28 32.76 -6.68 -3.88
CA SER H 28 31.56 -5.84 -3.70
C SER H 28 30.37 -6.71 -3.37
N VAL H 29 30.41 -7.30 -2.18
CA VAL H 29 29.35 -8.17 -1.79
C VAL H 29 28.38 -7.34 -0.98
N THR H 30 27.12 -7.62 -1.18
CA THR H 30 26.06 -6.86 -0.59
C THR H 30 25.46 -7.57 0.61
N CYS H 31 25.41 -8.90 0.54
CA CYS H 31 24.85 -9.70 1.60
C CYS H 31 25.57 -11.04 1.66
N THR H 32 26.04 -11.40 2.85
CA THR H 32 26.74 -12.64 3.02
C THR H 32 26.48 -13.24 4.41
N TYR H 33 26.67 -14.55 4.53
CA TYR H 33 26.44 -15.27 5.78
C TYR H 33 27.72 -16.00 6.23
N SER H 34 28.04 -15.87 7.52
CA SER H 34 29.21 -16.52 8.10
C SER H 34 28.79 -17.64 9.00
N PRO H 35 28.79 -18.88 8.49
CA PRO H 35 28.39 -20.04 9.30
C PRO H 35 29.16 -20.16 10.56
N ALA H 36 30.41 -19.69 10.57
CA ALA H 36 31.24 -19.87 11.76
C ALA H 36 30.71 -19.01 12.89
N LEU H 37 30.35 -17.78 12.53
CA LEU H 37 29.87 -16.77 13.46
C LEU H 37 28.35 -16.82 13.63
N ASN H 38 27.69 -17.61 12.78
CA ASN H 38 26.22 -17.60 12.62
C ASN H 38 25.73 -16.18 12.53
N LYS H 39 26.37 -15.41 11.66
CA LYS H 39 26.09 -14.01 11.52
C LYS H 39 25.97 -13.61 10.05
N MET H 40 25.02 -12.72 9.78
CA MET H 40 24.77 -12.21 8.45
C MET H 40 25.33 -10.81 8.35
N PHE H 41 25.93 -10.50 7.22
CA PHE H 41 26.55 -9.21 6.96
C PHE H 41 25.80 -8.62 5.78
N CYS H 42 25.08 -7.56 6.06
CA CYS H 42 24.06 -7.07 5.17
C CYS H 42 24.21 -5.57 5.04
N GLN H 43 24.03 -5.09 3.82
CA GLN H 43 24.07 -3.67 3.54
C GLN H 43 22.71 -3.09 3.88
N LEU H 44 22.63 -1.80 4.00
CA LEU H 44 21.41 -1.15 4.45
C LEU H 44 20.36 -1.17 3.34
N ALA H 45 19.19 -1.67 3.65
CA ALA H 45 18.07 -1.69 2.73
C ALA H 45 18.34 -2.58 1.52
N LYS H 46 19.29 -3.51 1.67
CA LYS H 46 19.58 -4.49 0.62
C LYS H 46 18.92 -5.80 0.89
N THR H 47 18.18 -6.25 -0.13
CA THR H 47 17.44 -7.50 -0.09
C THR H 47 18.39 -8.63 0.20
N CYS H 48 18.01 -9.47 1.16
CA CYS H 48 18.80 -10.63 1.47
C CYS H 48 17.96 -11.82 1.80
N PRO H 49 18.17 -12.92 1.06
CA PRO H 49 17.28 -14.05 1.15
C PRO H 49 17.63 -14.88 2.37
N VAL H 50 16.58 -15.16 3.15
CA VAL H 50 16.63 -16.22 4.14
C VAL H 50 15.67 -17.26 3.65
N GLN H 51 16.04 -18.52 3.80
CA GLN H 51 15.20 -19.62 3.35
C GLN H 51 14.85 -20.54 4.52
N LEU H 52 13.61 -21.03 4.48
CA LEU H 52 13.00 -21.89 5.47
C LEU H 52 12.99 -23.33 4.99
N TRP H 53 13.42 -24.24 5.85
CA TRP H 53 13.40 -25.66 5.57
C TRP H 53 12.57 -26.37 6.62
N VAL H 54 11.78 -27.34 6.19
CA VAL H 54 10.86 -28.08 7.06
C VAL H 54 10.82 -29.53 6.63
N ASP H 55 10.86 -30.45 7.60
CA ASP H 55 10.76 -31.87 7.29
C ASP H 55 9.34 -32.15 6.78
N SER H 56 8.35 -31.68 7.53
CA SER H 56 6.94 -31.87 7.16
C SER H 56 6.30 -30.54 6.87
N THR H 57 5.22 -30.53 6.10
CA THR H 57 4.54 -29.30 5.81
C THR H 57 3.63 -28.94 6.97
N PRO H 58 3.66 -27.68 7.43
CA PRO H 58 2.78 -27.26 8.51
C PRO H 58 1.37 -26.90 8.02
N PRO H 59 0.38 -26.97 8.92
CA PRO H 59 -1.00 -26.72 8.53
C PRO H 59 -1.21 -25.32 8.01
N PRO H 60 -2.13 -25.16 7.05
CA PRO H 60 -2.47 -23.81 6.59
C PRO H 60 -2.85 -22.90 7.75
N GLY H 61 -2.54 -21.61 7.61
CA GLY H 61 -2.76 -20.63 8.68
C GLY H 61 -1.55 -20.42 9.56
N THR H 62 -0.43 -21.05 9.21
CA THR H 62 0.83 -20.82 9.91
C THR H 62 1.55 -19.66 9.29
N ARG H 63 2.24 -18.90 10.14
CA ARG H 63 2.87 -17.65 9.74
C ARG H 63 4.31 -17.64 10.25
N VAL H 64 5.16 -16.84 9.61
CA VAL H 64 6.52 -16.65 10.08
C VAL H 64 6.76 -15.21 10.43
N ARG H 65 7.24 -14.99 11.66
CA ARG H 65 7.53 -13.65 12.10
C ARG H 65 8.98 -13.53 12.37
N ALA H 66 9.44 -12.30 12.21
CA ALA H 66 10.81 -11.95 12.30
C ALA H 66 10.87 -10.74 13.20
N MET H 67 11.82 -10.76 14.10
CA MET H 67 11.93 -9.77 15.17
C MET H 67 13.38 -9.63 15.59
N ALA H 68 13.85 -8.38 15.68
CA ALA H 68 15.19 -8.08 16.15
C ALA H 68 15.19 -7.88 17.64
N ILE H 69 16.22 -8.39 18.30
CA ILE H 69 16.52 -7.98 19.68
C ILE H 69 18.00 -7.71 19.79
N TYR H 70 18.37 -6.88 20.76
CA TYR H 70 19.78 -6.55 20.99
C TYR H 70 20.45 -7.78 21.61
N LYS H 71 21.69 -8.06 21.24
CA LYS H 71 22.32 -9.32 21.61
C LYS H 71 22.82 -9.28 23.04
N GLN H 72 23.61 -8.25 23.36
CA GLN H 72 24.18 -8.10 24.67
C GLN H 72 23.08 -8.01 25.72
N SER H 73 23.38 -8.52 26.91
CA SER H 73 22.41 -8.62 28.01
C SER H 73 22.04 -7.23 28.55
N GLN H 74 22.98 -6.30 28.51
CA GLN H 74 22.74 -4.94 29.02
C GLN H 74 21.56 -4.36 28.31
N HIS H 75 21.52 -4.58 26.99
CA HIS H 75 20.59 -3.90 26.10
C HIS H 75 19.35 -4.69 25.73
N MET H 76 19.37 -6.00 25.95
CA MET H 76 18.25 -6.86 25.54
C MET H 76 16.91 -6.22 25.76
N THR H 77 16.75 -5.68 26.96
CA THR H 77 15.49 -5.12 27.42
C THR H 77 14.94 -3.98 26.51
N GLU H 78 15.83 -3.22 25.89
CA GLU H 78 15.42 -2.11 24.99
C GLU H 78 14.90 -2.56 23.63
N VAL H 79 13.87 -1.87 23.16
CA VAL H 79 13.21 -2.22 21.92
C VAL H 79 14.07 -1.80 20.73
N VAL H 80 14.18 -2.64 19.71
CA VAL H 80 14.97 -2.30 18.53
C VAL H 80 14.12 -1.56 17.50
N ARG H 81 14.44 -0.29 17.31
CA ARG H 81 13.76 0.57 16.36
C ARG H 81 14.80 1.29 15.47
N ARG H 82 14.30 1.97 14.45
CA ARG H 82 15.10 2.73 13.55
C ARG H 82 15.52 4.05 14.19
N CYS H 83 16.60 4.63 13.69
CA CYS H 83 17.13 5.88 14.25
C CYS H 83 16.27 7.09 13.83
N PRO H 84 16.33 8.19 14.59
CA PRO H 84 15.62 9.40 14.27
C PRO H 84 15.85 9.88 12.85
N HIS H 85 17.05 9.77 12.34
CA HIS H 85 17.26 10.24 10.98
C HIS H 85 16.40 9.38 10.06
N HIS H 86 16.52 8.08 10.19
CA HIS H 86 16.05 7.14 9.17
C HIS H 86 14.55 7.02 9.19
N GLU H 87 13.92 7.29 10.34
CA GLU H 87 12.47 7.19 10.40
C GLU H 87 11.83 8.36 9.71
N ARG H 88 12.52 9.50 9.70
CA ARG H 88 11.93 10.75 9.22
C ARG H 88 12.23 10.94 7.74
N CYS H 89 13.34 10.41 7.28
CA CYS H 89 13.59 10.43 5.86
C CYS H 89 12.58 9.51 5.20
N SER H 90 12.00 9.97 4.09
CA SER H 90 11.00 9.19 3.37
C SER H 90 11.71 8.19 2.49
N ASP H 91 11.56 6.92 2.83
CA ASP H 91 12.04 5.80 2.00
C ASP H 91 11.08 4.61 2.02
N SER H 92 9.85 4.82 2.50
CA SER H 92 8.92 3.72 2.70
C SER H 92 8.58 3.07 1.36
N ASP H 93 8.09 1.83 1.43
CA ASP H 93 7.56 1.16 0.24
C ASP H 93 6.03 1.17 0.28
N GLY H 94 5.47 2.13 1.02
CA GLY H 94 4.04 2.20 1.28
C GLY H 94 3.66 1.39 2.50
N LEU H 95 3.86 0.07 2.41
CA LEU H 95 3.41 -0.87 3.44
C LEU H 95 4.15 -0.70 4.77
N ALA H 96 5.47 -0.60 4.69
CA ALA H 96 6.28 -0.62 5.89
C ALA H 96 6.15 0.70 6.66
N PRO H 97 5.67 0.66 7.94
CA PRO H 97 5.83 1.81 8.81
C PRO H 97 7.30 2.27 8.88
N PRO H 98 7.52 3.59 8.87
CA PRO H 98 8.88 4.07 8.73
C PRO H 98 9.80 3.75 9.93
N GLN H 99 9.24 3.45 11.10
CA GLN H 99 10.04 3.15 12.32
C GLN H 99 10.55 1.73 12.40
N HIS H 100 9.85 0.83 11.71
CA HIS H 100 10.25 -0.58 11.65
C HIS H 100 11.57 -0.83 10.97
N LEU H 101 12.44 -1.52 11.67
CA LEU H 101 13.79 -1.89 11.15
C LEU H 101 13.72 -2.97 10.09
N ILE H 102 13.00 -4.07 10.39
CA ILE H 102 12.95 -5.19 9.48
C ILE H 102 11.71 -5.12 8.65
N ARG H 103 11.87 -5.05 7.31
CA ARG H 103 10.75 -5.22 6.40
C ARG H 103 10.95 -6.42 5.48
N VAL H 104 9.88 -6.80 4.76
CA VAL H 104 9.88 -7.92 3.85
C VAL H 104 9.60 -7.44 2.45
N GLU H 105 10.48 -7.76 1.53
CA GLU H 105 10.35 -7.33 0.14
C GLU H 105 9.42 -8.25 -0.66
N GLY H 106 8.53 -7.64 -1.43
CA GLY H 106 7.77 -8.37 -2.44
C GLY H 106 6.90 -9.48 -1.93
N ASN H 107 6.10 -9.17 -0.91
CA ASN H 107 5.08 -10.10 -0.38
C ASN H 107 3.91 -9.28 0.09
N LEU H 108 2.81 -9.44 -0.63
CA LEU H 108 1.69 -8.55 -0.54
C LEU H 108 0.87 -8.79 0.74
N ARG H 109 0.96 -10.01 1.28
CA ARG H 109 0.21 -10.39 2.49
C ARG H 109 0.95 -10.10 3.81
N VAL H 110 2.01 -9.32 3.72
CA VAL H 110 2.81 -8.95 4.88
C VAL H 110 2.00 -8.13 5.87
N GLU H 111 2.34 -8.24 7.15
CA GLU H 111 1.76 -7.40 8.21
C GLU H 111 2.89 -6.95 9.13
N TYR H 112 2.89 -5.66 9.48
CA TYR H 112 3.83 -5.12 10.48
C TYR H 112 3.16 -4.96 11.83
N LEU H 113 3.73 -5.56 12.87
CA LEU H 113 3.08 -5.62 14.21
C LEU H 113 3.85 -4.94 15.31
N ASP H 114 3.13 -4.57 16.35
CA ASP H 114 3.72 -3.95 17.56
C ASP H 114 3.00 -4.53 18.79
N ASP H 115 3.70 -5.41 19.49
CA ASP H 115 3.10 -6.26 20.55
C ASP H 115 2.62 -5.41 21.73
N ARG H 116 1.35 -5.58 22.07
CA ARG H 116 0.71 -4.71 23.05
C ARG H 116 1.34 -4.79 24.43
N ASN H 117 2.06 -5.88 24.71
CA ASN H 117 2.69 -6.06 26.01
C ASN H 117 4.16 -5.68 26.01
N THR H 118 4.93 -6.18 25.05
CA THR H 118 6.37 -5.92 24.99
C THR H 118 6.75 -4.66 24.22
N PHE H 119 5.93 -4.31 23.24
CA PHE H 119 6.13 -3.10 22.41
C PHE H 119 7.15 -3.34 21.32
N ARG H 120 7.51 -4.60 21.13
CA ARG H 120 8.54 -4.91 20.14
C ARG H 120 7.88 -4.84 18.78
N HIS H 121 8.68 -4.56 17.76
CA HIS H 121 8.17 -4.66 16.38
C HIS H 121 8.49 -6.03 15.87
N SER H 122 7.68 -6.44 14.90
CA SER H 122 7.96 -7.64 14.13
C SER H 122 7.30 -7.52 12.78
N VAL H 123 7.66 -8.42 11.88
CA VAL H 123 7.02 -8.49 10.58
C VAL H 123 6.66 -9.94 10.29
N VAL H 124 5.38 -10.17 10.08
CA VAL H 124 4.84 -11.50 9.86
C VAL H 124 4.38 -11.64 8.40
N VAL H 125 4.62 -12.82 7.83
CA VAL H 125 4.04 -13.21 6.56
C VAL H 125 3.55 -14.64 6.67
N PRO H 126 2.43 -14.96 6.00
CA PRO H 126 1.93 -16.33 6.07
C PRO H 126 2.94 -17.28 5.43
N TYR H 127 3.05 -18.49 5.97
CA TYR H 127 3.94 -19.51 5.43
C TYR H 127 3.34 -20.02 4.13
N GLU H 128 4.21 -20.14 3.13
CA GLU H 128 3.90 -20.84 1.88
C GLU H 128 4.86 -22.02 1.81
N PRO H 129 4.38 -23.19 1.37
CA PRO H 129 5.31 -24.31 1.19
C PRO H 129 6.23 -24.06 0.01
N PRO H 130 7.31 -24.83 -0.11
CA PRO H 130 8.15 -24.68 -1.29
C PRO H 130 7.35 -24.83 -2.59
N GLU H 131 7.72 -24.09 -3.61
CA GLU H 131 7.17 -24.33 -4.93
C GLU H 131 7.62 -25.69 -5.44
N VAL H 132 6.85 -26.26 -6.36
CA VAL H 132 7.13 -27.62 -6.85
C VAL H 132 8.54 -27.70 -7.43
N GLY H 133 9.28 -28.73 -7.03
CA GLY H 133 10.67 -28.92 -7.42
C GLY H 133 11.61 -28.01 -6.67
N SER H 134 11.20 -27.55 -5.49
CA SER H 134 12.04 -26.74 -4.61
C SER H 134 12.02 -27.33 -3.21
N ASP H 135 13.10 -27.10 -2.49
CA ASP H 135 13.29 -27.70 -1.17
C ASP H 135 13.06 -26.70 -0.05
N CYS H 136 12.90 -25.42 -0.39
CA CYS H 136 12.72 -24.39 0.64
C CYS H 136 11.95 -23.20 0.17
N THR H 137 11.30 -22.54 1.13
CA THR H 137 10.63 -21.26 0.89
C THR H 137 11.63 -20.19 1.27
N THR H 138 11.77 -19.17 0.44
CA THR H 138 12.63 -18.02 0.76
C THR H 138 11.78 -16.79 1.12
N ILE H 139 12.26 -16.03 2.08
CA ILE H 139 11.73 -14.70 2.37
C ILE H 139 12.87 -13.72 2.08
N HIS H 140 12.50 -12.56 1.52
CA HIS H 140 13.45 -11.54 1.21
C HIS H 140 13.27 -10.43 2.22
N TYR H 141 14.10 -10.46 3.27
CA TYR H 141 14.09 -9.39 4.26
C TYR H 141 15.05 -8.32 3.81
N ASN H 142 14.93 -7.13 4.38
CA ASN H 142 16.01 -6.16 4.36
C ASN H 142 15.91 -5.24 5.54
N TYR H 143 17.06 -4.77 6.04
CA TYR H 143 17.16 -4.07 7.31
C TYR H 143 17.42 -2.57 7.05
N MET H 144 16.62 -1.71 7.68
CA MET H 144 16.51 -0.30 7.28
C MET H 144 17.32 0.69 8.13
N CYS H 145 18.32 0.19 8.87
CA CYS H 145 19.36 1.03 9.53
C CYS H 145 20.69 0.31 9.64
N ASN H 146 21.78 1.08 9.53
CA ASN H 146 23.08 0.52 9.84
C ASN H 146 23.17 0.23 11.31
N SER H 147 24.03 -0.72 11.65
CA SER H 147 24.22 -1.11 13.04
C SER H 147 24.79 0.05 13.83
N SER H 148 25.51 0.91 13.14
CA SER H 148 26.16 2.01 13.81
C SER H 148 25.35 3.25 13.92
N CYS H 149 24.04 3.17 13.67
CA CYS H 149 23.24 4.38 13.53
C CYS H 149 23.12 5.03 14.89
N MET H 150 23.72 6.20 15.00
CA MET H 150 23.53 7.07 16.13
C MET H 150 22.06 7.27 16.38
N GLY H 151 21.61 6.93 17.56
CA GLY H 151 20.21 7.15 17.94
C GLY H 151 19.38 5.91 17.77
N GLY H 152 19.92 4.90 17.12
CA GLY H 152 19.20 3.64 16.98
C GLY H 152 20.02 2.58 17.67
N MET H 153 20.45 1.58 16.92
CA MET H 153 21.21 0.49 17.49
C MET H 153 22.56 0.94 18.02
N ASN H 154 23.02 2.10 17.57
CA ASN H 154 24.17 2.79 18.17
C ASN H 154 25.37 1.88 18.44
N ARG H 155 25.76 1.15 17.40
CA ARG H 155 26.90 0.22 17.40
C ARG H 155 26.72 -1.05 18.21
N ARG H 156 25.51 -1.31 18.70
CA ARG H 156 25.26 -2.54 19.43
C ARG H 156 24.80 -3.62 18.48
N PRO H 157 25.36 -4.81 18.61
CA PRO H 157 24.92 -5.90 17.74
C PRO H 157 23.57 -6.41 18.17
N ILE H 158 22.84 -6.95 17.19
CA ILE H 158 21.50 -7.50 17.39
C ILE H 158 21.43 -8.91 16.89
N LEU H 159 20.34 -9.58 17.28
CA LEU H 159 19.95 -10.90 16.80
C LEU H 159 18.68 -10.72 16.05
N THR H 160 18.41 -11.68 15.16
CA THR H 160 17.18 -11.72 14.44
C THR H 160 16.63 -13.07 14.75
N ILE H 161 15.42 -13.08 15.27
CA ILE H 161 14.78 -14.30 15.64
C ILE H 161 13.67 -14.52 14.65
N ILE H 162 13.64 -15.70 14.07
CA ILE H 162 12.58 -16.05 13.18
C ILE H 162 11.79 -17.15 13.86
N THR H 163 10.49 -16.94 14.03
CA THR H 163 9.62 -17.98 14.54
C THR H 163 8.63 -18.40 13.48
N LEU H 164 8.16 -19.63 13.67
CA LEU H 164 7.13 -20.26 12.91
C LEU H 164 6.00 -20.45 13.92
N GLU H 165 4.83 -19.87 13.59
CA GLU H 165 3.71 -19.80 14.51
C GLU H 165 2.43 -20.20 13.83
N ASP H 166 1.49 -20.76 14.60
CA ASP H 166 0.17 -21.05 14.04
C ASP H 166 -0.69 -19.80 14.06
N SER H 167 -1.86 -19.85 13.43
CA SER H 167 -2.80 -18.71 13.39
C SER H 167 -2.99 -18.08 14.76
N SER H 168 -3.14 -18.94 15.75
CA SER H 168 -3.46 -18.54 17.11
C SER H 168 -2.28 -17.89 17.85
N GLY H 169 -1.09 -17.92 17.26
CA GLY H 169 0.09 -17.30 17.85
C GLY H 169 1.03 -18.26 18.56
N ASN H 170 0.72 -19.56 18.53
CA ASN H 170 1.57 -20.57 19.18
C ASN H 170 2.85 -20.79 18.44
N LEU H 171 3.87 -21.19 19.20
CA LEU H 171 5.17 -21.50 18.67
C LEU H 171 5.26 -22.93 18.10
N LEU H 172 5.64 -23.03 16.83
CA LEU H 172 5.88 -24.32 16.17
C LEU H 172 7.37 -24.56 15.93
N GLY H 173 8.14 -23.48 15.95
CA GLY H 173 9.59 -23.58 15.72
C GLY H 173 10.26 -22.21 15.73
N ARG H 174 11.57 -22.20 15.93
CA ARG H 174 12.31 -20.95 16.16
C ARG H 174 13.76 -21.13 15.75
N ASN H 175 14.31 -20.12 15.09
CA ASN H 175 15.75 -20.05 14.86
C ASN H 175 16.20 -18.60 14.97
N SER H 176 17.52 -18.39 14.97
CA SER H 176 18.09 -17.04 15.13
C SER H 176 19.48 -16.90 14.52
N PHE H 177 19.84 -15.66 14.21
CA PHE H 177 21.19 -15.38 13.68
C PHE H 177 21.53 -13.91 13.91
N GLU H 178 22.79 -13.65 14.24
CA GLU H 178 23.27 -12.31 14.51
C GLU H 178 23.34 -11.54 13.21
N VAL H 179 23.10 -10.24 13.27
CA VAL H 179 23.17 -9.39 12.10
C VAL H 179 24.04 -8.17 12.35
N ARG H 180 24.80 -7.82 11.32
CA ARG H 180 25.55 -6.59 11.24
C ARG H 180 25.14 -5.91 9.96
N VAL H 181 24.54 -4.73 10.10
CA VAL H 181 24.21 -3.92 8.95
C VAL H 181 25.29 -2.84 8.88
N CYS H 182 25.94 -2.78 7.72
CA CYS H 182 27.09 -1.94 7.53
C CYS H 182 27.24 -1.56 6.08
N ALA H 183 28.11 -0.61 5.80
CA ALA H 183 28.36 -0.18 4.44
C ALA H 183 29.16 -1.23 3.66
N CYS H 184 30.17 -1.83 4.30
CA CYS H 184 31.08 -2.78 3.64
C CYS H 184 30.99 -4.20 4.24
N PRO H 185 29.94 -4.97 3.88
CA PRO H 185 29.84 -6.36 4.31
C PRO H 185 31.09 -7.18 3.98
N GLY H 186 31.57 -7.05 2.75
CA GLY H 186 32.78 -7.73 2.31
C GLY H 186 33.92 -7.57 3.27
N ARG H 187 34.29 -6.33 3.53
CA ARG H 187 35.39 -6.01 4.46
C ARG H 187 35.10 -6.53 5.89
N ASP H 188 33.93 -6.18 6.40
CA ASP H 188 33.56 -6.49 7.79
C ASP H 188 33.47 -8.00 7.98
N TRP H 189 33.08 -8.71 6.91
CA TRP H 189 33.04 -10.17 6.89
C TRP H 189 34.42 -10.76 7.18
N ARG H 190 35.38 -10.36 6.36
CA ARG H 190 36.73 -10.90 6.42
C ARG H 190 37.32 -10.58 7.76
N THR H 191 37.26 -9.32 8.15
CA THR H 191 37.89 -8.89 9.37
C THR H 191 37.50 -9.76 10.55
N GLU H 192 36.21 -10.07 10.67
CA GLU H 192 35.71 -10.79 11.84
C GLU H 192 36.12 -12.25 11.80
N GLU H 193 36.03 -12.85 10.63
CA GLU H 193 36.46 -14.22 10.44
C GLU H 193 37.93 -14.31 10.74
N GLU H 194 38.69 -13.44 10.09
CA GLU H 194 40.14 -13.50 10.14
C GLU H 194 40.60 -13.19 11.56
N ASN H 195 39.83 -12.40 12.31
CA ASN H 195 40.17 -12.13 13.71
C ASN H 195 39.94 -13.34 14.60
N LEU H 196 39.02 -14.19 14.16
CA LEU H 196 38.64 -15.38 14.88
C LEU H 196 39.72 -16.47 14.84
N ARG H 197 40.34 -16.60 13.67
CA ARG H 197 41.40 -17.59 13.41
C ARG H 197 42.56 -17.41 14.36
N LYS H 198 43.03 -16.17 14.49
CA LYS H 198 44.21 -15.86 15.32
C LYS H 198 44.04 -16.32 16.77
N LYS H 199 43.01 -15.81 17.45
CA LYS H 199 42.85 -16.14 18.89
C LYS H 199 43.40 -17.53 19.29
AS ARS M . -30.41 -25.92 -0.93
ZN ZN N . -22.51 -15.84 -10.22
AS ARS O . -23.17 -25.94 32.62
ZN ZN P . -14.61 -15.92 24.02
AS ARS Q . -24.87 9.60 -22.08
ZN ZN R . -20.60 -4.48 -16.38
AS ARS S . -16.83 9.28 11.21
ZN ZN T . -12.48 -4.58 17.59
AS ARS U . 26.86 26.03 -13.47
ZN ZN V . 15.73 15.82 -17.97
C1 PEG W . 15.70 15.75 -6.17
O1 PEG W . 15.44 17.16 -6.07
C2 PEG W . 14.46 15.01 -5.70
O2 PEG W . 14.24 13.83 -6.47
C3 PEG W . 14.78 12.62 -5.90
C4 PEG W . 16.31 12.60 -5.99
O4 PEG W . 16.78 11.24 -5.86
AS ARS X . 35.22 26.23 19.60
ZN ZN Y . 23.67 16.19 15.86
C1 PEG Z . 17.05 23.37 0.94
O1 PEG Z . 18.27 22.85 0.36
C2 PEG Z . 16.41 22.22 1.72
O2 PEG Z . 15.54 22.65 2.80
C3 PEG Z . 14.60 21.64 3.22
C4 PEG Z . 15.24 20.26 3.44
O4 PEG Z . 14.19 19.30 3.64
AS ARS AA . 13.12 -9.74 -29.85
ZN ZN BA . 11.46 4.18 -22.84
AS ARS CA . 21.14 -9.52 4.18
ZN ZN DA . 19.45 4.55 11.12
#